data_3LPT
# 
_entry.id   3LPT 
# 
_audit_conform.dict_name       mmcif_pdbx.dic 
_audit_conform.dict_version    5.397 
_audit_conform.dict_location   http://mmcif.pdb.org/dictionaries/ascii/mmcif_pdbx.dic 
# 
loop_
_database_2.database_id 
_database_2.database_code 
_database_2.pdbx_database_accession 
_database_2.pdbx_DOI 
PDB   3LPT         pdb_00003lpt 10.2210/pdb3lpt/pdb 
RCSB  RCSB057578   ?            ?                   
WWPDB D_1000057578 ?            ?                   
# 
loop_
_pdbx_audit_revision_history.ordinal 
_pdbx_audit_revision_history.data_content_type 
_pdbx_audit_revision_history.major_revision 
_pdbx_audit_revision_history.minor_revision 
_pdbx_audit_revision_history.revision_date 
1 'Structure model' 1 0 2010-05-12 
2 'Structure model' 1 1 2011-07-13 
3 'Structure model' 1 2 2015-12-09 
4 'Structure model' 1 3 2017-11-01 
5 'Structure model' 1 4 2021-11-10 
6 'Structure model' 1 5 2024-10-30 
# 
_pdbx_audit_revision_details.ordinal             1 
_pdbx_audit_revision_details.revision_ordinal    1 
_pdbx_audit_revision_details.data_content_type   'Structure model' 
_pdbx_audit_revision_details.provider            repository 
_pdbx_audit_revision_details.type                'Initial release' 
_pdbx_audit_revision_details.description         ? 
_pdbx_audit_revision_details.details             ? 
# 
loop_
_pdbx_audit_revision_group.ordinal 
_pdbx_audit_revision_group.revision_ordinal 
_pdbx_audit_revision_group.data_content_type 
_pdbx_audit_revision_group.group 
1 2 'Structure model' 'Version format compliance' 
2 3 'Structure model' 'Database references'       
3 4 'Structure model' 'Refinement description'    
4 5 'Structure model' 'Database references'       
5 5 'Structure model' 'Derived calculations'      
6 6 'Structure model' 'Data collection'           
7 6 'Structure model' 'Structure summary'         
# 
loop_
_pdbx_audit_revision_category.ordinal 
_pdbx_audit_revision_category.revision_ordinal 
_pdbx_audit_revision_category.data_content_type 
_pdbx_audit_revision_category.category 
1 4 'Structure model' software                  
2 5 'Structure model' database_2                
3 5 'Structure model' struct_conn               
4 5 'Structure model' struct_ref_seq_dif        
5 5 'Structure model' struct_site               
6 6 'Structure model' chem_comp_atom            
7 6 'Structure model' chem_comp_bond            
8 6 'Structure model' pdbx_entry_details        
9 6 'Structure model' pdbx_modification_feature 
# 
loop_
_pdbx_audit_revision_item.ordinal 
_pdbx_audit_revision_item.revision_ordinal 
_pdbx_audit_revision_item.data_content_type 
_pdbx_audit_revision_item.item 
1 5 'Structure model' '_database_2.pdbx_DOI'                
2 5 'Structure model' '_database_2.pdbx_database_accession' 
3 5 'Structure model' '_struct_conn.pdbx_leaving_atom_flag' 
4 5 'Structure model' '_struct_ref_seq_dif.details'         
5 5 'Structure model' '_struct_site.pdbx_auth_asym_id'      
6 5 'Structure model' '_struct_site.pdbx_auth_comp_id'      
7 5 'Structure model' '_struct_site.pdbx_auth_seq_id'       
# 
_pdbx_database_status.status_code                     REL 
_pdbx_database_status.entry_id                        3LPT 
_pdbx_database_status.recvd_initial_deposition_date   2010-02-05 
_pdbx_database_status.deposit_site                    RCSB 
_pdbx_database_status.process_site                    PDBJ 
_pdbx_database_status.status_code_sf                  REL 
_pdbx_database_status.status_code_mr                  ? 
_pdbx_database_status.SG_entry                        ? 
_pdbx_database_status.status_code_cs                  ? 
_pdbx_database_status.pdb_format_compatible           Y 
_pdbx_database_status.methods_development_category    ? 
_pdbx_database_status.status_code_nmr_data            ? 
# 
loop_
_pdbx_database_related.db_name 
_pdbx_database_related.db_id 
_pdbx_database_related.details 
_pdbx_database_related.content_type 
PDB 1HYV . unspecified 
PDB 3LPU . unspecified 
# 
loop_
_audit_author.name 
_audit_author.pdbx_ordinal 
'Nicolet, S.'    1 
'Christ, F.'     2 
'Voet, A.'       3 
'Marchand, A.'   4 
'Strelkov, S.V.' 5 
'de Maeyer, M.'  6 
'Chaltin, P.'    7 
'Debyzer, Z.'    8 
# 
_citation.id                        primary 
_citation.title                     
'Rational design of small-molecule inhibitors of the LEDGF/p75-integrase interaction and HIV replication.' 
_citation.journal_abbrev            Nat.Chem.Biol. 
_citation.journal_volume            6 
_citation.page_first                442 
_citation.page_last                 448 
_citation.year                      2010 
_citation.journal_id_ASTM           ? 
_citation.country                   US 
_citation.journal_id_ISSN           1552-4450 
_citation.journal_id_CSD            ? 
_citation.book_publisher            ? 
_citation.pdbx_database_id_PubMed   20473303 
_citation.pdbx_database_id_DOI      10.1038/nchembio.370 
# 
loop_
_citation_author.citation_id 
_citation_author.name 
_citation_author.ordinal 
_citation_author.identifier_ORCID 
primary 'Christ, F.'          1  ? 
primary 'Voet, A.'            2  ? 
primary 'Marchand, A.'        3  ? 
primary 'Nicolet, S.'         4  ? 
primary 'Desimmie, B.A.'      5  ? 
primary 'Marchand, D.'        6  ? 
primary 'Bardiot, D.'         7  ? 
primary 'Van der Veken, N.J.' 8  ? 
primary 'Van Remoortel, B.'   9  ? 
primary 'Strelkov, S.V.'      10 ? 
primary 'De Maeyer, M.'       11 ? 
primary 'Chaltin, P.'         12 ? 
primary 'Debyser, Z.'         13 ? 
# 
loop_
_entity.id 
_entity.type 
_entity.src_method 
_entity.pdbx_description 
_entity.formula_weight 
_entity.pdbx_number_of_molecules 
_entity.pdbx_ec 
_entity.pdbx_mutation 
_entity.pdbx_fragment 
_entity.details 
1 polymer     man Integrase                                                       18434.723 1  ? F185K 'HIV integrase core domain' 
? 
2 non-polymer syn '(6-chloro-2-oxo-4-phenyl-1,2-dihydroquinolin-3-yl)acetic acid' 313.735   1  ? ?     ?                           
? 
3 non-polymer syn 'DI(HYDROXYETHYL)ETHER'                                         106.120   4  ? ?     ?                           
? 
4 non-polymer syn '2-[3-[3-(2-hydroxyethoxy)propoxy]propoxy]ethanol'              222.279   1  ? ?     ?                           
? 
5 non-polymer syn 'SULFATE ION'                                                   96.063    3  ? ?     ?                           
? 
6 non-polymer syn 'CALCIUM ION'                                                   40.078    1  ? ?     ?                           
? 
7 non-polymer syn 'CHLORIDE ION'                                                  35.453    1  ? ?     ?                           
? 
8 water       nat water                                                           18.015    95 ? ?     ?                           
? 
# 
_entity_poly.entity_id                      1 
_entity_poly.type                           'polypeptide(L)' 
_entity_poly.nstd_linkage                   no 
_entity_poly.nstd_monomer                   yes 
_entity_poly.pdbx_seq_one_letter_code       
;GSHMHGQVDCSPGIWQLD(CAF)THLEGKVILVAVHVASGYIEAEVIPAETGQETAYFLLKLAGRWPVKTVHTDNGSNFT
STTVKAA(CAF)WWAGIKQEFGIPYNPQSQGVIESMNKELKKIIGQVRDQAEHLKTAVQMAVFIHNKKRKGGIGGYSAGE
RIVDIIATDIQTKE
;
_entity_poly.pdbx_seq_one_letter_code_can   
;GSHMHGQVDCSPGIWQLDCTHLEGKVILVAVHVASGYIEAEVIPAETGQETAYFLLKLAGRWPVKTVHTDNGSNFTSTTV
KAACWWAGIKQEFGIPYNPQSQGVIESMNKELKKIIGQVRDQAEHLKTAVQMAVFIHNKKRKGGIGGYSAGERIVDIIAT
DIQTKE
;
_entity_poly.pdbx_strand_id                 A 
_entity_poly.pdbx_target_identifier         ? 
# 
loop_
_pdbx_entity_nonpoly.entity_id 
_pdbx_entity_nonpoly.name 
_pdbx_entity_nonpoly.comp_id 
2 '(6-chloro-2-oxo-4-phenyl-1,2-dihydroquinolin-3-yl)acetic acid' 723 
3 'DI(HYDROXYETHYL)ETHER'                                         PEG 
4 '2-[3-[3-(2-hydroxyethoxy)propoxy]propoxy]ethanol'              P03 
5 'SULFATE ION'                                                   SO4 
6 'CALCIUM ION'                                                   CA  
7 'CHLORIDE ION'                                                  CL  
8 water                                                           HOH 
# 
loop_
_entity_poly_seq.entity_id 
_entity_poly_seq.num 
_entity_poly_seq.mon_id 
_entity_poly_seq.hetero 
1 1   GLY n 
1 2   SER n 
1 3   HIS n 
1 4   MET n 
1 5   HIS n 
1 6   GLY n 
1 7   GLN n 
1 8   VAL n 
1 9   ASP n 
1 10  CYS n 
1 11  SER n 
1 12  PRO n 
1 13  GLY n 
1 14  ILE n 
1 15  TRP n 
1 16  GLN n 
1 17  LEU n 
1 18  ASP n 
1 19  CAF n 
1 20  THR n 
1 21  HIS n 
1 22  LEU n 
1 23  GLU n 
1 24  GLY n 
1 25  LYS n 
1 26  VAL n 
1 27  ILE n 
1 28  LEU n 
1 29  VAL n 
1 30  ALA n 
1 31  VAL n 
1 32  HIS n 
1 33  VAL n 
1 34  ALA n 
1 35  SER n 
1 36  GLY n 
1 37  TYR n 
1 38  ILE n 
1 39  GLU n 
1 40  ALA n 
1 41  GLU n 
1 42  VAL n 
1 43  ILE n 
1 44  PRO n 
1 45  ALA n 
1 46  GLU n 
1 47  THR n 
1 48  GLY n 
1 49  GLN n 
1 50  GLU n 
1 51  THR n 
1 52  ALA n 
1 53  TYR n 
1 54  PHE n 
1 55  LEU n 
1 56  LEU n 
1 57  LYS n 
1 58  LEU n 
1 59  ALA n 
1 60  GLY n 
1 61  ARG n 
1 62  TRP n 
1 63  PRO n 
1 64  VAL n 
1 65  LYS n 
1 66  THR n 
1 67  VAL n 
1 68  HIS n 
1 69  THR n 
1 70  ASP n 
1 71  ASN n 
1 72  GLY n 
1 73  SER n 
1 74  ASN n 
1 75  PHE n 
1 76  THR n 
1 77  SER n 
1 78  THR n 
1 79  THR n 
1 80  VAL n 
1 81  LYS n 
1 82  ALA n 
1 83  ALA n 
1 84  CAF n 
1 85  TRP n 
1 86  TRP n 
1 87  ALA n 
1 88  GLY n 
1 89  ILE n 
1 90  LYS n 
1 91  GLN n 
1 92  GLU n 
1 93  PHE n 
1 94  GLY n 
1 95  ILE n 
1 96  PRO n 
1 97  TYR n 
1 98  ASN n 
1 99  PRO n 
1 100 GLN n 
1 101 SER n 
1 102 GLN n 
1 103 GLY n 
1 104 VAL n 
1 105 ILE n 
1 106 GLU n 
1 107 SER n 
1 108 MET n 
1 109 ASN n 
1 110 LYS n 
1 111 GLU n 
1 112 LEU n 
1 113 LYS n 
1 114 LYS n 
1 115 ILE n 
1 116 ILE n 
1 117 GLY n 
1 118 GLN n 
1 119 VAL n 
1 120 ARG n 
1 121 ASP n 
1 122 GLN n 
1 123 ALA n 
1 124 GLU n 
1 125 HIS n 
1 126 LEU n 
1 127 LYS n 
1 128 THR n 
1 129 ALA n 
1 130 VAL n 
1 131 GLN n 
1 132 MET n 
1 133 ALA n 
1 134 VAL n 
1 135 PHE n 
1 136 ILE n 
1 137 HIS n 
1 138 ASN n 
1 139 LYS n 
1 140 LYS n 
1 141 ARG n 
1 142 LYS n 
1 143 GLY n 
1 144 GLY n 
1 145 ILE n 
1 146 GLY n 
1 147 GLY n 
1 148 TYR n 
1 149 SER n 
1 150 ALA n 
1 151 GLY n 
1 152 GLU n 
1 153 ARG n 
1 154 ILE n 
1 155 VAL n 
1 156 ASP n 
1 157 ILE n 
1 158 ILE n 
1 159 ALA n 
1 160 THR n 
1 161 ASP n 
1 162 ILE n 
1 163 GLN n 
1 164 THR n 
1 165 LYS n 
1 166 GLU n 
# 
_entity_src_gen.entity_id                          1 
_entity_src_gen.pdbx_src_id                        1 
_entity_src_gen.pdbx_alt_source_flag               sample 
_entity_src_gen.pdbx_seq_type                      ? 
_entity_src_gen.pdbx_beg_seq_num                   ? 
_entity_src_gen.pdbx_end_seq_num                   ? 
_entity_src_gen.gene_src_common_name               ? 
_entity_src_gen.gene_src_genus                     ? 
_entity_src_gen.pdbx_gene_src_gene                 ? 
_entity_src_gen.gene_src_species                   ? 
_entity_src_gen.gene_src_strain                    ? 
_entity_src_gen.gene_src_tissue                    ? 
_entity_src_gen.gene_src_tissue_fraction           ? 
_entity_src_gen.gene_src_details                   ? 
_entity_src_gen.pdbx_gene_src_fragment             ? 
_entity_src_gen.pdbx_gene_src_scientific_name      'Human immunodeficiency virus 1' 
_entity_src_gen.pdbx_gene_src_ncbi_taxonomy_id     11676 
_entity_src_gen.pdbx_gene_src_variant              ? 
_entity_src_gen.pdbx_gene_src_cell_line            ? 
_entity_src_gen.pdbx_gene_src_atcc                 ? 
_entity_src_gen.pdbx_gene_src_organ                ? 
_entity_src_gen.pdbx_gene_src_organelle            ? 
_entity_src_gen.pdbx_gene_src_cell                 ? 
_entity_src_gen.pdbx_gene_src_cellular_location    ? 
_entity_src_gen.host_org_common_name               ? 
_entity_src_gen.pdbx_host_org_scientific_name      'Escherichia coli' 
_entity_src_gen.pdbx_host_org_ncbi_taxonomy_id     562 
_entity_src_gen.host_org_genus                     ? 
_entity_src_gen.pdbx_host_org_gene                 ? 
_entity_src_gen.pdbx_host_org_organ                ? 
_entity_src_gen.host_org_species                   ? 
_entity_src_gen.pdbx_host_org_tissue               ? 
_entity_src_gen.pdbx_host_org_tissue_fraction      ? 
_entity_src_gen.pdbx_host_org_strain               ? 
_entity_src_gen.pdbx_host_org_variant              ? 
_entity_src_gen.pdbx_host_org_cell_line            ? 
_entity_src_gen.pdbx_host_org_atcc                 ? 
_entity_src_gen.pdbx_host_org_culture_collection   ? 
_entity_src_gen.pdbx_host_org_cell                 ? 
_entity_src_gen.pdbx_host_org_organelle            ? 
_entity_src_gen.pdbx_host_org_cellular_location    ? 
_entity_src_gen.pdbx_host_org_vector_type          plasmid 
_entity_src_gen.pdbx_host_org_vector               ? 
_entity_src_gen.host_org_details                   ? 
_entity_src_gen.expression_system_id               ? 
_entity_src_gen.plasmid_name                       pET15b 
_entity_src_gen.plasmid_details                    ? 
_entity_src_gen.pdbx_description                   ? 
# 
loop_
_chem_comp.id 
_chem_comp.type 
_chem_comp.mon_nstd_flag 
_chem_comp.name 
_chem_comp.pdbx_synonyms 
_chem_comp.formula 
_chem_comp.formula_weight 
723 non-polymer         . '(6-chloro-2-oxo-4-phenyl-1,2-dihydroquinolin-3-yl)acetic acid' ?                         
'C17 H12 Cl N O3'  313.735 
ALA 'L-peptide linking' y ALANINE                                                         ?                         'C3 H7 N O2' 
89.093  
ARG 'L-peptide linking' y ARGININE                                                        ?                         
'C6 H15 N4 O2 1'   175.209 
ASN 'L-peptide linking' y ASPARAGINE                                                      ?                         'C4 H8 N2 O3' 
132.118 
ASP 'L-peptide linking' y 'ASPARTIC ACID'                                                 ?                         'C4 H7 N O4' 
133.103 
CA  non-polymer         . 'CALCIUM ION'                                                   ?                         'Ca 2' 40.078  
CAF 'L-peptide linking' n S-DIMETHYLARSINOYL-CYSTEINE                                     'CYSTEIN-S-YL CACODYLATE' 
'C5 H12 As N O3 S' 241.140 
CL  non-polymer         . 'CHLORIDE ION'                                                  ?                         'Cl -1' 35.453 
CYS 'L-peptide linking' y CYSTEINE                                                        ?                         'C3 H7 N O2 S' 
121.158 
GLN 'L-peptide linking' y GLUTAMINE                                                       ?                         'C5 H10 N2 O3' 
146.144 
GLU 'L-peptide linking' y 'GLUTAMIC ACID'                                                 ?                         'C5 H9 N O4' 
147.129 
GLY 'peptide linking'   y GLYCINE                                                         ?                         'C2 H5 N O2' 
75.067  
HIS 'L-peptide linking' y HISTIDINE                                                       ?                         
'C6 H10 N3 O2 1'   156.162 
HOH non-polymer         . WATER                                                           ?                         'H2 O' 18.015  
ILE 'L-peptide linking' y ISOLEUCINE                                                      ?                         'C6 H13 N O2' 
131.173 
LEU 'L-peptide linking' y LEUCINE                                                         ?                         'C6 H13 N O2' 
131.173 
LYS 'L-peptide linking' y LYSINE                                                          ?                         
'C6 H15 N2 O2 1'   147.195 
MET 'L-peptide linking' y METHIONINE                                                      ?                         
'C5 H11 N O2 S'    149.211 
P03 non-polymer         . '2-[3-[3-(2-hydroxyethoxy)propoxy]propoxy]ethanol'              ?                         'C10 H22 O5' 
222.279 
PEG non-polymer         . 'DI(HYDROXYETHYL)ETHER'                                         ?                         'C4 H10 O3' 
106.120 
PHE 'L-peptide linking' y PHENYLALANINE                                                   ?                         'C9 H11 N O2' 
165.189 
PRO 'L-peptide linking' y PROLINE                                                         ?                         'C5 H9 N O2' 
115.130 
SER 'L-peptide linking' y SERINE                                                          ?                         'C3 H7 N O3' 
105.093 
SO4 non-polymer         . 'SULFATE ION'                                                   ?                         'O4 S -2' 
96.063  
THR 'L-peptide linking' y THREONINE                                                       ?                         'C4 H9 N O3' 
119.119 
TRP 'L-peptide linking' y TRYPTOPHAN                                                      ?                         
'C11 H12 N2 O2'    204.225 
TYR 'L-peptide linking' y TYROSINE                                                        ?                         'C9 H11 N O3' 
181.189 
VAL 'L-peptide linking' y VALINE                                                          ?                         'C5 H11 N O2' 
117.146 
# 
loop_
_pdbx_poly_seq_scheme.asym_id 
_pdbx_poly_seq_scheme.entity_id 
_pdbx_poly_seq_scheme.seq_id 
_pdbx_poly_seq_scheme.mon_id 
_pdbx_poly_seq_scheme.ndb_seq_num 
_pdbx_poly_seq_scheme.pdb_seq_num 
_pdbx_poly_seq_scheme.auth_seq_num 
_pdbx_poly_seq_scheme.pdb_mon_id 
_pdbx_poly_seq_scheme.auth_mon_id 
_pdbx_poly_seq_scheme.pdb_strand_id 
_pdbx_poly_seq_scheme.pdb_ins_code 
_pdbx_poly_seq_scheme.hetero 
A 1 1   GLY 1   47  ?   ?   ?   A . n 
A 1 2   SER 2   48  ?   ?   ?   A . n 
A 1 3   HIS 3   49  ?   ?   ?   A . n 
A 1 4   MET 4   50  ?   ?   ?   A . n 
A 1 5   HIS 5   51  ?   ?   ?   A . n 
A 1 6   GLY 6   52  ?   ?   ?   A . n 
A 1 7   GLN 7   53  ?   ?   ?   A . n 
A 1 8   VAL 8   54  ?   ?   ?   A . n 
A 1 9   ASP 9   55  55  ASP ASP A . n 
A 1 10  CYS 10  56  56  CYS CYS A . n 
A 1 11  SER 11  57  57  SER SER A . n 
A 1 12  PRO 12  58  58  PRO PRO A . n 
A 1 13  GLY 13  59  59  GLY GLY A . n 
A 1 14  ILE 14  60  60  ILE ILE A . n 
A 1 15  TRP 15  61  61  TRP TRP A . n 
A 1 16  GLN 16  62  62  GLN GLN A . n 
A 1 17  LEU 17  63  63  LEU LEU A . n 
A 1 18  ASP 18  64  64  ASP ASP A . n 
A 1 19  CAF 19  65  65  CAF CAF A . n 
A 1 20  THR 20  66  66  THR THR A . n 
A 1 21  HIS 21  67  67  HIS HIS A . n 
A 1 22  LEU 22  68  68  LEU LEU A . n 
A 1 23  GLU 23  69  69  GLU GLU A . n 
A 1 24  GLY 24  70  70  GLY GLY A . n 
A 1 25  LYS 25  71  71  LYS LYS A . n 
A 1 26  VAL 26  72  72  VAL VAL A . n 
A 1 27  ILE 27  73  73  ILE ILE A . n 
A 1 28  LEU 28  74  74  LEU LEU A . n 
A 1 29  VAL 29  75  75  VAL VAL A . n 
A 1 30  ALA 30  76  76  ALA ALA A . n 
A 1 31  VAL 31  77  77  VAL VAL A . n 
A 1 32  HIS 32  78  78  HIS HIS A . n 
A 1 33  VAL 33  79  79  VAL VAL A . n 
A 1 34  ALA 34  80  80  ALA ALA A . n 
A 1 35  SER 35  81  81  SER SER A . n 
A 1 36  GLY 36  82  82  GLY GLY A . n 
A 1 37  TYR 37  83  83  TYR TYR A . n 
A 1 38  ILE 38  84  84  ILE ILE A . n 
A 1 39  GLU 39  85  85  GLU GLU A . n 
A 1 40  ALA 40  86  86  ALA ALA A . n 
A 1 41  GLU 41  87  87  GLU GLU A . n 
A 1 42  VAL 42  88  88  VAL VAL A . n 
A 1 43  ILE 43  89  89  ILE ILE A . n 
A 1 44  PRO 44  90  90  PRO PRO A . n 
A 1 45  ALA 45  91  91  ALA ALA A . n 
A 1 46  GLU 46  92  92  GLU GLU A . n 
A 1 47  THR 47  93  93  THR THR A . n 
A 1 48  GLY 48  94  94  GLY GLY A . n 
A 1 49  GLN 49  95  95  GLN GLN A . n 
A 1 50  GLU 50  96  96  GLU GLU A . n 
A 1 51  THR 51  97  97  THR THR A . n 
A 1 52  ALA 52  98  98  ALA ALA A . n 
A 1 53  TYR 53  99  99  TYR TYR A . n 
A 1 54  PHE 54  100 100 PHE PHE A . n 
A 1 55  LEU 55  101 101 LEU LEU A . n 
A 1 56  LEU 56  102 102 LEU LEU A . n 
A 1 57  LYS 57  103 103 LYS LYS A . n 
A 1 58  LEU 58  104 104 LEU LEU A . n 
A 1 59  ALA 59  105 105 ALA ALA A . n 
A 1 60  GLY 60  106 106 GLY GLY A . n 
A 1 61  ARG 61  107 107 ARG ARG A . n 
A 1 62  TRP 62  108 108 TRP TRP A . n 
A 1 63  PRO 63  109 109 PRO PRO A . n 
A 1 64  VAL 64  110 110 VAL VAL A . n 
A 1 65  LYS 65  111 111 LYS LYS A . n 
A 1 66  THR 66  112 112 THR THR A . n 
A 1 67  VAL 67  113 113 VAL VAL A . n 
A 1 68  HIS 68  114 114 HIS HIS A . n 
A 1 69  THR 69  115 115 THR THR A . n 
A 1 70  ASP 70  116 116 ASP ASP A . n 
A 1 71  ASN 71  117 117 ASN ASN A . n 
A 1 72  GLY 72  118 118 GLY GLY A . n 
A 1 73  SER 73  119 119 SER SER A . n 
A 1 74  ASN 74  120 120 ASN ASN A . n 
A 1 75  PHE 75  121 121 PHE PHE A . n 
A 1 76  THR 76  122 122 THR THR A . n 
A 1 77  SER 77  123 123 SER SER A . n 
A 1 78  THR 78  124 124 THR THR A . n 
A 1 79  THR 79  125 125 THR THR A . n 
A 1 80  VAL 80  126 126 VAL VAL A . n 
A 1 81  LYS 81  127 127 LYS LYS A . n 
A 1 82  ALA 82  128 128 ALA ALA A . n 
A 1 83  ALA 83  129 129 ALA ALA A . n 
A 1 84  CAF 84  130 130 CAF CAF A . n 
A 1 85  TRP 85  131 131 TRP TRP A . n 
A 1 86  TRP 86  132 132 TRP TRP A . n 
A 1 87  ALA 87  133 133 ALA ALA A . n 
A 1 88  GLY 88  134 134 GLY GLY A . n 
A 1 89  ILE 89  135 135 ILE ILE A . n 
A 1 90  LYS 90  136 136 LYS LYS A . n 
A 1 91  GLN 91  137 137 GLN GLN A . n 
A 1 92  GLU 92  138 138 GLU GLU A . n 
A 1 93  PHE 93  139 139 PHE PHE A . n 
A 1 94  GLY 94  140 140 GLY GLY A . n 
A 1 95  ILE 95  141 141 ILE ILE A . n 
A 1 96  PRO 96  142 142 PRO PRO A . n 
A 1 97  TYR 97  143 143 TYR TYR A . n 
A 1 98  ASN 98  144 144 ASN ASN A . n 
A 1 99  PRO 99  145 ?   ?   ?   A . n 
A 1 100 GLN 100 146 ?   ?   ?   A . n 
A 1 101 SER 101 147 ?   ?   ?   A . n 
A 1 102 GLN 102 148 ?   ?   ?   A . n 
A 1 103 GLY 103 149 ?   ?   ?   A . n 
A 1 104 VAL 104 150 ?   ?   ?   A . n 
A 1 105 ILE 105 151 ?   ?   ?   A . n 
A 1 106 GLU 106 152 152 GLU GLU A . n 
A 1 107 SER 107 153 153 SER SER A . n 
A 1 108 MET 108 154 154 MET MET A . n 
A 1 109 ASN 109 155 155 ASN ASN A . n 
A 1 110 LYS 110 156 156 LYS LYS A . n 
A 1 111 GLU 111 157 157 GLU GLU A . n 
A 1 112 LEU 112 158 158 LEU LEU A . n 
A 1 113 LYS 113 159 159 LYS LYS A . n 
A 1 114 LYS 114 160 160 LYS LYS A . n 
A 1 115 ILE 115 161 161 ILE ILE A . n 
A 1 116 ILE 116 162 162 ILE ILE A . n 
A 1 117 GLY 117 163 163 GLY GLY A . n 
A 1 118 GLN 118 164 164 GLN GLN A . n 
A 1 119 VAL 119 165 165 VAL VAL A . n 
A 1 120 ARG 120 166 166 ARG ARG A . n 
A 1 121 ASP 121 167 167 ASP ASP A . n 
A 1 122 GLN 122 168 168 GLN GLN A . n 
A 1 123 ALA 123 169 169 ALA ALA A . n 
A 1 124 GLU 124 170 170 GLU GLU A . n 
A 1 125 HIS 125 171 171 HIS HIS A . n 
A 1 126 LEU 126 172 172 LEU LEU A . n 
A 1 127 LYS 127 173 173 LYS LYS A . n 
A 1 128 THR 128 174 174 THR THR A . n 
A 1 129 ALA 129 175 175 ALA ALA A . n 
A 1 130 VAL 130 176 176 VAL VAL A . n 
A 1 131 GLN 131 177 177 GLN GLN A . n 
A 1 132 MET 132 178 178 MET MET A . n 
A 1 133 ALA 133 179 179 ALA ALA A . n 
A 1 134 VAL 134 180 180 VAL VAL A . n 
A 1 135 PHE 135 181 181 PHE PHE A . n 
A 1 136 ILE 136 182 182 ILE ILE A . n 
A 1 137 HIS 137 183 183 HIS HIS A . n 
A 1 138 ASN 138 184 184 ASN ASN A . n 
A 1 139 LYS 139 185 185 LYS LYS A . n 
A 1 140 LYS 140 186 186 LYS LYS A . n 
A 1 141 ARG 141 187 187 ARG ARG A . n 
A 1 142 LYS 142 188 188 LYS LYS A . n 
A 1 143 GLY 143 189 ?   ?   ?   A . n 
A 1 144 GLY 144 190 ?   ?   ?   A . n 
A 1 145 ILE 145 191 ?   ?   ?   A . n 
A 1 146 GLY 146 192 ?   ?   ?   A . n 
A 1 147 GLY 147 193 193 GLY GLY A . n 
A 1 148 TYR 148 194 194 TYR TYR A . n 
A 1 149 SER 149 195 195 SER SER A . n 
A 1 150 ALA 150 196 196 ALA ALA A . n 
A 1 151 GLY 151 197 197 GLY GLY A . n 
A 1 152 GLU 152 198 198 GLU GLU A . n 
A 1 153 ARG 153 199 199 ARG ARG A . n 
A 1 154 ILE 154 200 200 ILE ILE A . n 
A 1 155 VAL 155 201 201 VAL VAL A . n 
A 1 156 ASP 156 202 202 ASP ASP A . n 
A 1 157 ILE 157 203 203 ILE ILE A . n 
A 1 158 ILE 158 204 204 ILE ILE A . n 
A 1 159 ALA 159 205 205 ALA ALA A . n 
A 1 160 THR 160 206 206 THR THR A . n 
A 1 161 ASP 161 207 207 ASP ASP A . n 
A 1 162 ILE 162 208 208 ILE ILE A . n 
A 1 163 GLN 163 209 209 GLN GLN A . n 
A 1 164 THR 164 210 ?   ?   ?   A . n 
A 1 165 LYS 165 211 ?   ?   ?   A . n 
A 1 166 GLU 166 212 ?   ?   ?   A . n 
# 
loop_
_pdbx_nonpoly_scheme.asym_id 
_pdbx_nonpoly_scheme.entity_id 
_pdbx_nonpoly_scheme.mon_id 
_pdbx_nonpoly_scheme.ndb_seq_num 
_pdbx_nonpoly_scheme.pdb_seq_num 
_pdbx_nonpoly_scheme.auth_seq_num 
_pdbx_nonpoly_scheme.pdb_mon_id 
_pdbx_nonpoly_scheme.auth_mon_id 
_pdbx_nonpoly_scheme.pdb_strand_id 
_pdbx_nonpoly_scheme.pdb_ins_code 
B 2 723 1  1   1   723 723 A . 
C 3 PEG 1  213 1   PEG PEG A . 
D 3 PEG 1  2   2   PEG PEG A . 
E 3 PEG 1  3   3   PEG PEG A . 
F 4 P03 1  4   4   P03 P03 A . 
G 3 PEG 1  5   5   PEG PEG A . 
H 5 SO4 1  470 470 SO4 SO4 A . 
I 5 SO4 1  471 471 SO4 SO4 A . 
J 5 SO4 1  472 472 SO4 SO4 A . 
K 6 CA  1  473 473 CA  CA  A . 
L 7 CL  1  474 474 CL  CL  A . 
M 8 HOH 1  304 304 HOH HOH A . 
M 8 HOH 2  305 305 HOH HOH A . 
M 8 HOH 3  306 306 HOH HOH A . 
M 8 HOH 4  307 307 HOH HOH A . 
M 8 HOH 5  308 308 HOH HOH A . 
M 8 HOH 6  309 309 HOH HOH A . 
M 8 HOH 7  310 310 HOH HOH A . 
M 8 HOH 8  312 312 HOH HOH A . 
M 8 HOH 9  313 313 HOH HOH A . 
M 8 HOH 10 314 314 HOH HOH A . 
M 8 HOH 11 315 315 HOH HOH A . 
M 8 HOH 12 316 316 HOH HOH A . 
M 8 HOH 13 317 317 HOH HOH A . 
M 8 HOH 14 320 320 HOH HOH A . 
M 8 HOH 15 321 321 HOH HOH A . 
M 8 HOH 16 322 322 HOH HOH A . 
M 8 HOH 17 324 324 HOH HOH A . 
M 8 HOH 18 326 326 HOH HOH A . 
M 8 HOH 19 327 327 HOH HOH A . 
M 8 HOH 20 330 330 HOH HOH A . 
M 8 HOH 21 333 333 HOH HOH A . 
M 8 HOH 22 336 336 HOH HOH A . 
M 8 HOH 23 339 339 HOH HOH A . 
M 8 HOH 24 341 341 HOH HOH A . 
M 8 HOH 25 344 344 HOH HOH A . 
M 8 HOH 26 347 347 HOH HOH A . 
M 8 HOH 27 349 349 HOH HOH A . 
M 8 HOH 28 351 351 HOH HOH A . 
M 8 HOH 29 354 354 HOH HOH A . 
M 8 HOH 30 358 358 HOH HOH A . 
M 8 HOH 31 360 360 HOH HOH A . 
M 8 HOH 32 361 361 HOH HOH A . 
M 8 HOH 33 363 363 HOH HOH A . 
M 8 HOH 34 371 371 HOH HOH A . 
M 8 HOH 35 373 373 HOH HOH A . 
M 8 HOH 36 377 377 HOH HOH A . 
M 8 HOH 37 378 378 HOH HOH A . 
M 8 HOH 38 379 379 HOH HOH A . 
M 8 HOH 39 381 381 HOH HOH A . 
M 8 HOH 40 384 384 HOH HOH A . 
M 8 HOH 41 386 386 HOH HOH A . 
M 8 HOH 42 388 388 HOH HOH A . 
M 8 HOH 43 390 390 HOH HOH A . 
M 8 HOH 44 391 391 HOH HOH A . 
M 8 HOH 45 392 392 HOH HOH A . 
M 8 HOH 46 394 394 HOH HOH A . 
M 8 HOH 47 395 395 HOH HOH A . 
M 8 HOH 48 397 397 HOH HOH A . 
M 8 HOH 49 398 398 HOH HOH A . 
M 8 HOH 50 401 401 HOH HOH A . 
M 8 HOH 51 402 402 HOH HOH A . 
M 8 HOH 52 403 403 HOH HOH A . 
M 8 HOH 53 404 404 HOH HOH A . 
M 8 HOH 54 405 405 HOH HOH A . 
M 8 HOH 55 406 406 HOH HOH A . 
M 8 HOH 56 414 414 HOH HOH A . 
M 8 HOH 57 415 415 HOH HOH A . 
M 8 HOH 58 418 418 HOH HOH A . 
M 8 HOH 59 425 425 HOH HOH A . 
M 8 HOH 60 426 426 HOH HOH A . 
M 8 HOH 61 428 428 HOH HOH A . 
M 8 HOH 62 429 429 HOH HOH A . 
M 8 HOH 63 431 431 HOH HOH A . 
M 8 HOH 64 432 432 HOH HOH A . 
M 8 HOH 65 434 434 HOH HOH A . 
M 8 HOH 66 438 438 HOH HOH A . 
M 8 HOH 67 441 441 HOH HOH A . 
M 8 HOH 68 442 442 HOH HOH A . 
M 8 HOH 69 443 443 HOH HOH A . 
M 8 HOH 70 444 444 HOH HOH A . 
M 8 HOH 71 445 445 HOH HOH A . 
M 8 HOH 72 446 446 HOH HOH A . 
M 8 HOH 73 447 447 HOH HOH A . 
M 8 HOH 74 448 448 HOH HOH A . 
M 8 HOH 75 449 449 HOH HOH A . 
M 8 HOH 76 450 450 HOH HOH A . 
M 8 HOH 77 451 451 HOH HOH A . 
M 8 HOH 78 452 452 HOH HOH A . 
M 8 HOH 79 453 453 HOH HOH A . 
M 8 HOH 80 454 454 HOH HOH A . 
M 8 HOH 81 455 455 HOH HOH A . 
M 8 HOH 82 456 456 HOH HOH A . 
M 8 HOH 83 457 457 HOH HOH A . 
M 8 HOH 84 458 458 HOH HOH A . 
M 8 HOH 85 459 459 HOH HOH A . 
M 8 HOH 86 460 460 HOH HOH A . 
M 8 HOH 87 461 461 HOH HOH A . 
M 8 HOH 88 462 462 HOH HOH A . 
M 8 HOH 89 463 463 HOH HOH A . 
M 8 HOH 90 464 464 HOH HOH A . 
M 8 HOH 91 465 465 HOH HOH A . 
M 8 HOH 92 466 466 HOH HOH A . 
M 8 HOH 93 467 467 HOH HOH A . 
M 8 HOH 94 468 468 HOH HOH A . 
M 8 HOH 95 469 469 HOH HOH A . 
# 
loop_
_pdbx_unobs_or_zero_occ_atoms.id 
_pdbx_unobs_or_zero_occ_atoms.PDB_model_num 
_pdbx_unobs_or_zero_occ_atoms.polymer_flag 
_pdbx_unobs_or_zero_occ_atoms.occupancy_flag 
_pdbx_unobs_or_zero_occ_atoms.auth_asym_id 
_pdbx_unobs_or_zero_occ_atoms.auth_comp_id 
_pdbx_unobs_or_zero_occ_atoms.auth_seq_id 
_pdbx_unobs_or_zero_occ_atoms.PDB_ins_code 
_pdbx_unobs_or_zero_occ_atoms.auth_atom_id 
_pdbx_unobs_or_zero_occ_atoms.label_alt_id 
_pdbx_unobs_or_zero_occ_atoms.label_asym_id 
_pdbx_unobs_or_zero_occ_atoms.label_comp_id 
_pdbx_unobs_or_zero_occ_atoms.label_seq_id 
_pdbx_unobs_or_zero_occ_atoms.label_atom_id 
1 1 Y 1 A CAF 65  ? CE2 ? A CAF 19 CE2 
2 1 Y 1 A CAF 130 ? CE2 ? A CAF 84 CE2 
# 
loop_
_software.name 
_software.classification 
_software.version 
_software.citation_id 
_software.pdbx_ordinal 
MAR345dtb 'data collection' .        ? 1 
REFMAC    refinement        5.5.0109 ? 2 
MOSFLM    'data reduction'  .        ? 3 
SCALA     'data scaling'    .        ? 4 
# 
_cell.entry_id           3LPT 
_cell.length_a           72.000 
_cell.length_b           72.000 
_cell.length_c           65.490 
_cell.angle_alpha        90.00 
_cell.angle_beta         90.00 
_cell.angle_gamma        120.00 
_cell.Z_PDB              6 
_cell.pdbx_unique_axis   ? 
_cell.length_a_esd       ? 
_cell.length_b_esd       ? 
_cell.length_c_esd       ? 
_cell.angle_alpha_esd    ? 
_cell.angle_beta_esd     ? 
_cell.angle_gamma_esd    ? 
# 
_symmetry.entry_id                         3LPT 
_symmetry.space_group_name_H-M             'P 31 2 1' 
_symmetry.pdbx_full_space_group_name_H-M   ? 
_symmetry.cell_setting                     ? 
_symmetry.Int_Tables_number                152 
_symmetry.space_group_name_Hall            ? 
# 
_exptl.entry_id          3LPT 
_exptl.method            'X-RAY DIFFRACTION' 
_exptl.crystals_number   1 
# 
_exptl_crystal.id                    1 
_exptl_crystal.density_meas          ? 
_exptl_crystal.density_Matthews      2.66 
_exptl_crystal.density_percent_sol   53.79 
_exptl_crystal.description           ? 
_exptl_crystal.F_000                 ? 
_exptl_crystal.preparation           ? 
# 
_exptl_crystal_grow.crystal_id      1 
_exptl_crystal_grow.method          'VAPOR DIFFUSION' 
_exptl_crystal_grow.temp            277 
_exptl_crystal_grow.temp_details    ? 
_exptl_crystal_grow.pH              6.5 
_exptl_crystal_grow.pdbx_details    
'10% (w/v) PEG 8000, 0.1M Na cacodylate pH 6.5, 0.1M (NH4)2SO4, 5mM DTT, VAPOR DIFFUSION, temperature 277K' 
_exptl_crystal_grow.pdbx_pH_range   . 
# 
_diffrn.id                     1 
_diffrn.ambient_temp           100 
_diffrn.ambient_temp_details   ? 
_diffrn.crystal_id             1 
# 
_diffrn_detector.diffrn_id              1 
_diffrn_detector.detector               CCD 
_diffrn_detector.type                   'MARMOSAIC 225 mm CCD' 
_diffrn_detector.pdbx_collection_date   2008-08-08 
_diffrn_detector.details                'Dynamically bendable mirror' 
# 
_diffrn_radiation.diffrn_id                        1 
_diffrn_radiation.wavelength_id                    1 
_diffrn_radiation.pdbx_monochromatic_or_laue_m_l   M 
_diffrn_radiation.monochromator                    
;LN2 cooled fixed-exit  
Si(111) monochromator
;
_diffrn_radiation.pdbx_diffrn_protocol             'SINGLE WAVELENGTH' 
_diffrn_radiation.pdbx_scattering_type             x-ray 
# 
_diffrn_radiation_wavelength.id           1 
_diffrn_radiation_wavelength.wavelength   0.9999 
_diffrn_radiation_wavelength.wt           1.0 
# 
_diffrn_source.diffrn_id                   1 
_diffrn_source.source                      SYNCHROTRON 
_diffrn_source.type                        'SLS BEAMLINE X06DA' 
_diffrn_source.pdbx_synchrotron_site       SLS 
_diffrn_source.pdbx_synchrotron_beamline   X06DA 
_diffrn_source.pdbx_wavelength             ? 
_diffrn_source.pdbx_wavelength_list        0.9999 
# 
_reflns.entry_id                     3LPT 
_reflns.observed_criterion_sigma_I   2 
_reflns.observed_criterion_sigma_F   2 
_reflns.d_resolution_low             35.99 
_reflns.d_resolution_high            2.0 
_reflns.number_obs                   13564 
_reflns.number_all                   ? 
_reflns.percent_possible_obs         99.46 
_reflns.pdbx_Rmerge_I_obs            ? 
_reflns.pdbx_Rsym_value              0.089 
_reflns.pdbx_netI_over_sigmaI        5.8 
_reflns.B_iso_Wilson_estimate        33.3 
_reflns.pdbx_redundancy              4.7 
_reflns.R_free_details               ? 
_reflns.limit_h_max                  ? 
_reflns.limit_h_min                  ? 
_reflns.limit_k_max                  ? 
_reflns.limit_k_min                  ? 
_reflns.limit_l_max                  ? 
_reflns.limit_l_min                  ? 
_reflns.observed_criterion_F_max     ? 
_reflns.observed_criterion_F_min     ? 
_reflns.pdbx_chi_squared             ? 
_reflns.pdbx_scaling_rejects         ? 
_reflns.pdbx_ordinal                 1 
_reflns.pdbx_diffrn_id               1 
# 
_reflns_shell.d_res_high             2.0 
_reflns_shell.d_res_low              2.11 
_reflns_shell.percent_possible_all   7.2 
_reflns_shell.Rmerge_I_obs           ? 
_reflns_shell.pdbx_Rsym_value        0.277 
_reflns_shell.meanI_over_sigI_obs    1.9 
_reflns_shell.pdbx_redundancy        4.8 
_reflns_shell.percent_possible_obs   ? 
_reflns_shell.number_unique_all      ? 
_reflns_shell.number_measured_all    ? 
_reflns_shell.number_measured_obs    ? 
_reflns_shell.number_unique_obs      ? 
_reflns_shell.pdbx_chi_squared       ? 
_reflns_shell.pdbx_ordinal           1 
_reflns_shell.pdbx_diffrn_id         1 
# 
_refine.entry_id                                 3LPT 
_refine.ls_number_reflns_obs                     12843 
_refine.ls_number_reflns_all                     ? 
_refine.pdbx_ls_sigma_I                          2 
_refine.pdbx_ls_sigma_F                          ? 
_refine.pdbx_data_cutoff_high_absF               ? 
_refine.pdbx_data_cutoff_low_absF                ? 
_refine.pdbx_data_cutoff_high_rms_absF           ? 
_refine.ls_d_res_low                             31.55 
_refine.ls_d_res_high                            2.00 
_refine.ls_percent_reflns_obs                    99.28 
_refine.ls_R_factor_obs                          0.23321 
_refine.ls_R_factor_all                          ? 
_refine.ls_R_factor_R_work                       0.23120 
_refine.ls_R_factor_R_free                       0.27235 
_refine.ls_R_factor_R_free_error                 ? 
_refine.ls_R_factor_R_free_error_details         ? 
_refine.ls_percent_reflns_R_free                 5.1 
_refine.ls_number_reflns_R_free                  686 
_refine.ls_number_parameters                     ? 
_refine.ls_number_restraints                     ? 
_refine.occupancy_min                            ? 
_refine.occupancy_max                            ? 
_refine.correlation_coeff_Fo_to_Fc               0.918 
_refine.correlation_coeff_Fo_to_Fc_free          0.888 
_refine.B_iso_mean                               33.393 
_refine.aniso_B[1][1]                            0.10 
_refine.aniso_B[2][2]                            0.10 
_refine.aniso_B[3][3]                            -0.15 
_refine.aniso_B[1][2]                            0.05 
_refine.aniso_B[1][3]                            0.00 
_refine.aniso_B[2][3]                            0.00 
_refine.solvent_model_details                    MASK 
_refine.solvent_model_param_ksol                 ? 
_refine.solvent_model_param_bsol                 ? 
_refine.pdbx_solvent_vdw_probe_radii             1.40 
_refine.pdbx_solvent_ion_probe_radii             0.80 
_refine.pdbx_solvent_shrinkage_radii             0.80 
_refine.pdbx_ls_cross_valid_method               THROUGHOUT 
_refine.details                                  'HYDROGENS HAVE BEEN ADDED IN THE RIDING POSITIONS' 
_refine.pdbx_starting_model                      ? 
_refine.pdbx_method_to_determine_struct          ? 
_refine.pdbx_isotropic_thermal_model             ? 
_refine.pdbx_stereochemistry_target_values       'MAXIMUM LIKELIHOOD' 
_refine.pdbx_stereochem_target_val_spec_case     ? 
_refine.pdbx_R_Free_selection_details            RANDOM 
_refine.pdbx_overall_ESU_R                       0.198 
_refine.pdbx_overall_ESU_R_Free                  0.178 
_refine.overall_SU_ML                            0.117 
_refine.overall_SU_B                             3.985 
_refine.ls_redundancy_reflns_obs                 ? 
_refine.B_iso_min                                ? 
_refine.B_iso_max                                ? 
_refine.overall_SU_R_Cruickshank_DPI             ? 
_refine.overall_SU_R_free                        ? 
_refine.ls_wR_factor_R_free                      ? 
_refine.ls_wR_factor_R_work                      ? 
_refine.overall_FOM_free_R_set                   ? 
_refine.overall_FOM_work_R_set                   ? 
_refine.pdbx_refine_id                           'X-RAY DIFFRACTION' 
_refine.pdbx_overall_phase_error                 ? 
_refine.pdbx_diffrn_id                           1 
_refine.pdbx_TLS_residual_ADP_flag               ? 
_refine.pdbx_overall_SU_R_free_Cruickshank_DPI   ? 
_refine.pdbx_overall_SU_R_Blow_DPI               ? 
_refine.pdbx_overall_SU_R_free_Blow_DPI          ? 
# 
_refine_hist.pdbx_refine_id                   'X-RAY DIFFRACTION' 
_refine_hist.cycle_id                         LAST 
_refine_hist.pdbx_number_atoms_protein        1131 
_refine_hist.pdbx_number_atoms_nucleic_acid   0 
_refine_hist.pdbx_number_atoms_ligand         82 
_refine_hist.number_atoms_solvent             95 
_refine_hist.number_atoms_total               1308 
_refine_hist.d_res_high                       2.00 
_refine_hist.d_res_low                        31.55 
# 
loop_
_refine_ls_restr.type 
_refine_ls_restr.dev_ideal 
_refine_ls_restr.dev_ideal_target 
_refine_ls_restr.weight 
_refine_ls_restr.number 
_refine_ls_restr.pdbx_refine_id 
_refine_ls_restr.pdbx_restraint_function 
r_bond_refined_d             0.009  0.022  ? 1245 'X-RAY DIFFRACTION' ? 
r_bond_other_d               ?      ?      ? ?    'X-RAY DIFFRACTION' ? 
r_angle_refined_deg          1.147  1.995  ? 1671 'X-RAY DIFFRACTION' ? 
r_angle_other_deg            ?      ?      ? ?    'X-RAY DIFFRACTION' ? 
r_dihedral_angle_1_deg       4.833  5.000  ? 145  'X-RAY DIFFRACTION' ? 
r_dihedral_angle_2_deg       35.081 24.600 ? 50   'X-RAY DIFFRACTION' ? 
r_dihedral_angle_3_deg       16.671 15.000 ? 204  'X-RAY DIFFRACTION' ? 
r_dihedral_angle_4_deg       19.070 15.000 ? 5    'X-RAY DIFFRACTION' ? 
r_chiral_restr               0.081  0.200  ? 179  'X-RAY DIFFRACTION' ? 
r_gen_planes_refined         0.005  0.021  ? 884  'X-RAY DIFFRACTION' ? 
r_gen_planes_other           ?      ?      ? ?    'X-RAY DIFFRACTION' ? 
r_nbd_refined                ?      ?      ? ?    'X-RAY DIFFRACTION' ? 
r_nbd_other                  ?      ?      ? ?    'X-RAY DIFFRACTION' ? 
r_nbtor_refined              ?      ?      ? ?    'X-RAY DIFFRACTION' ? 
r_nbtor_other                ?      ?      ? ?    'X-RAY DIFFRACTION' ? 
r_xyhbond_nbd_refined        ?      ?      ? ?    'X-RAY DIFFRACTION' ? 
r_xyhbond_nbd_other          ?      ?      ? ?    'X-RAY DIFFRACTION' ? 
r_metal_ion_refined          ?      ?      ? ?    'X-RAY DIFFRACTION' ? 
r_metal_ion_other            ?      ?      ? ?    'X-RAY DIFFRACTION' ? 
r_symmetry_vdw_refined       ?      ?      ? ?    'X-RAY DIFFRACTION' ? 
r_symmetry_vdw_other         ?      ?      ? ?    'X-RAY DIFFRACTION' ? 
r_symmetry_hbond_refined     ?      ?      ? ?    'X-RAY DIFFRACTION' ? 
r_symmetry_hbond_other       ?      ?      ? ?    'X-RAY DIFFRACTION' ? 
r_symmetry_metal_ion_refined ?      ?      ? ?    'X-RAY DIFFRACTION' ? 
r_symmetry_metal_ion_other   ?      ?      ? ?    'X-RAY DIFFRACTION' ? 
r_mcbond_it                  0.881  1.500  ? 721  'X-RAY DIFFRACTION' ? 
r_mcbond_other               ?      ?      ? ?    'X-RAY DIFFRACTION' ? 
r_mcangle_it                 1.651  2.000  ? 1164 'X-RAY DIFFRACTION' ? 
r_scbond_it                  1.981  3.000  ? 524  'X-RAY DIFFRACTION' ? 
r_scangle_it                 3.257  4.500  ? 506  'X-RAY DIFFRACTION' ? 
r_rigid_bond_restr           ?      ?      ? ?    'X-RAY DIFFRACTION' ? 
r_sphericity_free            ?      ?      ? ?    'X-RAY DIFFRACTION' ? 
r_sphericity_bonded          ?      ?      ? ?    'X-RAY DIFFRACTION' ? 
# 
_refine_ls_shell.pdbx_total_number_of_bins_used   20 
_refine_ls_shell.d_res_high                       2.000 
_refine_ls_shell.d_res_low                        2.052 
_refine_ls_shell.number_reflns_R_work             941 
_refine_ls_shell.R_factor_R_work                  0.262 
_refine_ls_shell.percent_reflns_obs               99.50 
_refine_ls_shell.R_factor_R_free                  0.300 
_refine_ls_shell.R_factor_R_free_error            ? 
_refine_ls_shell.percent_reflns_R_free            ? 
_refine_ls_shell.number_reflns_R_free             47 
_refine_ls_shell.number_reflns_all                ? 
_refine_ls_shell.R_factor_all                     ? 
_refine_ls_shell.number_reflns_obs                ? 
_refine_ls_shell.redundancy_reflns_obs            ? 
_refine_ls_shell.pdbx_refine_id                   'X-RAY DIFFRACTION' 
# 
_struct.entry_id                  3LPT 
_struct.title                     'HIV integrase' 
_struct.pdbx_model_details        ? 
_struct.pdbx_CASP_flag            ? 
_struct.pdbx_model_type_details   ? 
# 
_struct_keywords.entry_id        3LPT 
_struct_keywords.pdbx_keywords   'VIRAL PROTEIN' 
_struct_keywords.text            
'HIV, integrase, LEDGF/p75, small molecule, inhibitor, Endonuclease, Hydrolase, Nuclease, Transferase, VIRAL PROTEIN' 
# 
loop_
_struct_asym.id 
_struct_asym.pdbx_blank_PDB_chainid_flag 
_struct_asym.pdbx_modified 
_struct_asym.entity_id 
_struct_asym.details 
A N N 1 ? 
B N N 2 ? 
C N N 3 ? 
D N N 3 ? 
E N N 3 ? 
F N N 4 ? 
G N N 3 ? 
H N N 5 ? 
I N N 5 ? 
J N N 5 ? 
K N N 6 ? 
L N N 7 ? 
M N N 8 ? 
# 
_struct_ref.id                         1 
_struct_ref.db_name                    UNP 
_struct_ref.db_code                    Q76353_9HIV1 
_struct_ref.pdbx_db_accession          Q76353 
_struct_ref.entity_id                  1 
_struct_ref.pdbx_seq_one_letter_code   
;MHGQVDCSPGIWQLDCTHLEGKVILVAVHVASGYIEAEVIPAETGQETAYFLLKLAGRWPVKTVHTDNGSNFTSTTVKAA
CWWAGIKQEFGIPYNPQSQGVIESMNKELKKIIGQVRDQAEHLKTAVQMAVFIHNFKRKGGIGGYSAGERIVDIIATDIQ
TKE
;
_struct_ref.pdbx_align_begin           50 
_struct_ref.pdbx_db_isoform            ? 
# 
_struct_ref_seq.align_id                      1 
_struct_ref_seq.ref_id                        1 
_struct_ref_seq.pdbx_PDB_id_code              3LPT 
_struct_ref_seq.pdbx_strand_id                A 
_struct_ref_seq.seq_align_beg                 4 
_struct_ref_seq.pdbx_seq_align_beg_ins_code   ? 
_struct_ref_seq.seq_align_end                 166 
_struct_ref_seq.pdbx_seq_align_end_ins_code   ? 
_struct_ref_seq.pdbx_db_accession             Q76353 
_struct_ref_seq.db_align_beg                  50 
_struct_ref_seq.pdbx_db_align_beg_ins_code    ? 
_struct_ref_seq.db_align_end                  212 
_struct_ref_seq.pdbx_db_align_end_ins_code    ? 
_struct_ref_seq.pdbx_auth_seq_align_beg       50 
_struct_ref_seq.pdbx_auth_seq_align_end       212 
# 
loop_
_struct_ref_seq_dif.align_id 
_struct_ref_seq_dif.pdbx_pdb_id_code 
_struct_ref_seq_dif.mon_id 
_struct_ref_seq_dif.pdbx_pdb_strand_id 
_struct_ref_seq_dif.seq_num 
_struct_ref_seq_dif.pdbx_pdb_ins_code 
_struct_ref_seq_dif.pdbx_seq_db_name 
_struct_ref_seq_dif.pdbx_seq_db_accession_code 
_struct_ref_seq_dif.db_mon_id 
_struct_ref_seq_dif.pdbx_seq_db_seq_num 
_struct_ref_seq_dif.details 
_struct_ref_seq_dif.pdbx_auth_seq_num 
_struct_ref_seq_dif.pdbx_ordinal 
1 3LPT GLY A 1   ? UNP Q76353 ?   ?   'expression tag'      47  1 
1 3LPT SER A 2   ? UNP Q76353 ?   ?   'expression tag'      48  2 
1 3LPT HIS A 3   ? UNP Q76353 ?   ?   'expression tag'      49  3 
1 3LPT LYS A 139 ? UNP Q76353 PHE 185 'engineered mutation' 185 4 
# 
_pdbx_struct_assembly.id                   1 
_pdbx_struct_assembly.details              author_and_software_defined_assembly 
_pdbx_struct_assembly.method_details       PISA 
_pdbx_struct_assembly.oligomeric_details   dimeric 
_pdbx_struct_assembly.oligomeric_count     2 
# 
loop_
_pdbx_struct_assembly_prop.biol_id 
_pdbx_struct_assembly_prop.type 
_pdbx_struct_assembly_prop.value 
_pdbx_struct_assembly_prop.details 
1 'ABSA (A^2)' 2990  ? 
1 MORE         -20   ? 
1 'SSA (A^2)'  13770 ? 
# 
_pdbx_struct_assembly_gen.assembly_id       1 
_pdbx_struct_assembly_gen.oper_expression   1,2 
_pdbx_struct_assembly_gen.asym_id_list      A,B,C,D,E,F,G,H,I,J,K,L,M 
# 
loop_
_pdbx_struct_oper_list.id 
_pdbx_struct_oper_list.type 
_pdbx_struct_oper_list.name 
_pdbx_struct_oper_list.symmetry_operation 
_pdbx_struct_oper_list.matrix[1][1] 
_pdbx_struct_oper_list.matrix[1][2] 
_pdbx_struct_oper_list.matrix[1][3] 
_pdbx_struct_oper_list.vector[1] 
_pdbx_struct_oper_list.matrix[2][1] 
_pdbx_struct_oper_list.matrix[2][2] 
_pdbx_struct_oper_list.matrix[2][3] 
_pdbx_struct_oper_list.vector[2] 
_pdbx_struct_oper_list.matrix[3][1] 
_pdbx_struct_oper_list.matrix[3][2] 
_pdbx_struct_oper_list.matrix[3][3] 
_pdbx_struct_oper_list.vector[3] 
1 'identity operation'         1_555 x,y,z  1.0000000000 0.0000000000  0.0000000000  0.0000000000  0.0000000000  1.0000000000  0.0000000000 0.0000000000  0.0000000000  0.0000000000 1.0000000000  0.0000000000   
2 'crystal symmetry operation' 4_555 y,x,-z 0.1993170796 -0.8313538544 -0.5187711157 -0.1353099472 -0.8313538544 -0.4237143429 0.3596066244 10.4416777670 -0.5187711157 0.3596066244 -0.7756027367 -17.0460696863 
# 
_struct_biol.id        1 
_struct_biol.details   ? 
# 
loop_
_struct_conf.conf_type_id 
_struct_conf.id 
_struct_conf.pdbx_PDB_helix_id 
_struct_conf.beg_label_comp_id 
_struct_conf.beg_label_asym_id 
_struct_conf.beg_label_seq_id 
_struct_conf.pdbx_beg_PDB_ins_code 
_struct_conf.end_label_comp_id 
_struct_conf.end_label_asym_id 
_struct_conf.end_label_seq_id 
_struct_conf.pdbx_end_PDB_ins_code 
_struct_conf.beg_auth_comp_id 
_struct_conf.beg_auth_asym_id 
_struct_conf.beg_auth_seq_id 
_struct_conf.end_auth_comp_id 
_struct_conf.end_auth_asym_id 
_struct_conf.end_auth_seq_id 
_struct_conf.pdbx_PDB_helix_class 
_struct_conf.details 
_struct_conf.pdbx_PDB_helix_length 
HELX_P HELX_P1 1 THR A 47  ? TRP A 62  ? THR A 93  TRP A 108 1 ? 16 
HELX_P HELX_P2 2 ASN A 71  ? THR A 76  ? ASN A 117 THR A 122 5 ? 6  
HELX_P HELX_P3 3 SER A 77  ? GLY A 88  ? SER A 123 GLY A 134 1 ? 12 
HELX_P HELX_P4 4 SER A 107 ? ARG A 120 ? SER A 153 ARG A 166 1 ? 14 
HELX_P HELX_P5 5 ASP A 121 ? ALA A 123 ? ASP A 167 ALA A 169 5 ? 3  
HELX_P HELX_P6 6 HIS A 125 ? LYS A 140 ? HIS A 171 LYS A 186 1 ? 16 
HELX_P HELX_P7 7 SER A 149 ? GLN A 163 ? SER A 195 GLN A 209 1 ? 15 
# 
_struct_conf_type.id          HELX_P 
_struct_conf_type.criteria    ? 
_struct_conf_type.reference   ? 
# 
loop_
_struct_conn.id 
_struct_conn.conn_type_id 
_struct_conn.pdbx_leaving_atom_flag 
_struct_conn.pdbx_PDB_id 
_struct_conn.ptnr1_label_asym_id 
_struct_conn.ptnr1_label_comp_id 
_struct_conn.ptnr1_label_seq_id 
_struct_conn.ptnr1_label_atom_id 
_struct_conn.pdbx_ptnr1_label_alt_id 
_struct_conn.pdbx_ptnr1_PDB_ins_code 
_struct_conn.pdbx_ptnr1_standard_comp_id 
_struct_conn.ptnr1_symmetry 
_struct_conn.ptnr2_label_asym_id 
_struct_conn.ptnr2_label_comp_id 
_struct_conn.ptnr2_label_seq_id 
_struct_conn.ptnr2_label_atom_id 
_struct_conn.pdbx_ptnr2_label_alt_id 
_struct_conn.pdbx_ptnr2_PDB_ins_code 
_struct_conn.ptnr1_auth_asym_id 
_struct_conn.ptnr1_auth_comp_id 
_struct_conn.ptnr1_auth_seq_id 
_struct_conn.ptnr2_auth_asym_id 
_struct_conn.ptnr2_auth_comp_id 
_struct_conn.ptnr2_auth_seq_id 
_struct_conn.ptnr2_symmetry 
_struct_conn.pdbx_ptnr3_label_atom_id 
_struct_conn.pdbx_ptnr3_label_seq_id 
_struct_conn.pdbx_ptnr3_label_comp_id 
_struct_conn.pdbx_ptnr3_label_asym_id 
_struct_conn.pdbx_ptnr3_label_alt_id 
_struct_conn.pdbx_ptnr3_PDB_ins_code 
_struct_conn.details 
_struct_conn.pdbx_dist_value 
_struct_conn.pdbx_value_order 
_struct_conn.pdbx_role 
covale1 covale both ? A ASP 18 C ? ? ? 1_555 A CAF 19 N ? ? A ASP 64  A CAF 65  1_555 ? ? ? ? ? ? ? 1.332 ? ? 
covale2 covale both ? A CAF 19 C ? ? ? 1_555 A THR 20 N ? ? A CAF 65  A THR 66  1_555 ? ? ? ? ? ? ? 1.329 ? ? 
covale3 covale both ? A ALA 83 C ? ? ? 1_555 A CAF 84 N ? ? A ALA 129 A CAF 130 1_555 ? ? ? ? ? ? ? 1.330 ? ? 
covale4 covale both ? A CAF 84 C ? ? ? 1_555 A TRP 85 N ? ? A CAF 130 A TRP 131 1_555 ? ? ? ? ? ? ? 1.332 ? ? 
# 
_struct_conn_type.id          covale 
_struct_conn_type.criteria    ? 
_struct_conn_type.reference   ? 
# 
loop_
_pdbx_modification_feature.ordinal 
_pdbx_modification_feature.label_comp_id 
_pdbx_modification_feature.label_asym_id 
_pdbx_modification_feature.label_seq_id 
_pdbx_modification_feature.label_alt_id 
_pdbx_modification_feature.modified_residue_label_comp_id 
_pdbx_modification_feature.modified_residue_label_asym_id 
_pdbx_modification_feature.modified_residue_label_seq_id 
_pdbx_modification_feature.modified_residue_label_alt_id 
_pdbx_modification_feature.auth_comp_id 
_pdbx_modification_feature.auth_asym_id 
_pdbx_modification_feature.auth_seq_id 
_pdbx_modification_feature.PDB_ins_code 
_pdbx_modification_feature.symmetry 
_pdbx_modification_feature.modified_residue_auth_comp_id 
_pdbx_modification_feature.modified_residue_auth_asym_id 
_pdbx_modification_feature.modified_residue_auth_seq_id 
_pdbx_modification_feature.modified_residue_PDB_ins_code 
_pdbx_modification_feature.modified_residue_symmetry 
_pdbx_modification_feature.comp_id_linking_atom 
_pdbx_modification_feature.modified_residue_id_linking_atom 
_pdbx_modification_feature.modified_residue_id 
_pdbx_modification_feature.ref_pcm_id 
_pdbx_modification_feature.ref_comp_id 
_pdbx_modification_feature.type 
_pdbx_modification_feature.category 
1 CAF A 19 ? . . . . CAF A 65  ? 1_555 . . . . . . . CYS 1 CAF None 'Non-standard residue' 
2 CAF A 84 ? . . . . CAF A 130 ? 1_555 . . . . . . . CYS 1 CAF None 'Non-standard residue' 
# 
_struct_sheet.id               A 
_struct_sheet.type             ? 
_struct_sheet.number_strands   5 
_struct_sheet.details          ? 
# 
loop_
_struct_sheet_order.sheet_id 
_struct_sheet_order.range_id_1 
_struct_sheet_order.range_id_2 
_struct_sheet_order.offset 
_struct_sheet_order.sense 
A 1 2 ? anti-parallel 
A 2 3 ? anti-parallel 
A 3 4 ? parallel      
A 4 5 ? parallel      
# 
loop_
_struct_sheet_range.sheet_id 
_struct_sheet_range.id 
_struct_sheet_range.beg_label_comp_id 
_struct_sheet_range.beg_label_asym_id 
_struct_sheet_range.beg_label_seq_id 
_struct_sheet_range.pdbx_beg_PDB_ins_code 
_struct_sheet_range.end_label_comp_id 
_struct_sheet_range.end_label_asym_id 
_struct_sheet_range.end_label_seq_id 
_struct_sheet_range.pdbx_end_PDB_ins_code 
_struct_sheet_range.beg_auth_comp_id 
_struct_sheet_range.beg_auth_asym_id 
_struct_sheet_range.beg_auth_seq_id 
_struct_sheet_range.end_auth_comp_id 
_struct_sheet_range.end_auth_asym_id 
_struct_sheet_range.end_auth_seq_id 
A 1 ILE A 38 ? ILE A 43 ? ILE A 84  ILE A 89  
A 2 LYS A 25 ? HIS A 32 ? LYS A 71  HIS A 78  
A 3 ILE A 14 ? LEU A 22 ? ILE A 60  LEU A 68  
A 4 THR A 66 ? HIS A 68 ? THR A 112 HIS A 114 
A 5 LYS A 90 ? GLN A 91 ? LYS A 136 GLN A 137 
# 
loop_
_pdbx_struct_sheet_hbond.sheet_id 
_pdbx_struct_sheet_hbond.range_id_1 
_pdbx_struct_sheet_hbond.range_id_2 
_pdbx_struct_sheet_hbond.range_1_label_atom_id 
_pdbx_struct_sheet_hbond.range_1_label_comp_id 
_pdbx_struct_sheet_hbond.range_1_label_asym_id 
_pdbx_struct_sheet_hbond.range_1_label_seq_id 
_pdbx_struct_sheet_hbond.range_1_PDB_ins_code 
_pdbx_struct_sheet_hbond.range_1_auth_atom_id 
_pdbx_struct_sheet_hbond.range_1_auth_comp_id 
_pdbx_struct_sheet_hbond.range_1_auth_asym_id 
_pdbx_struct_sheet_hbond.range_1_auth_seq_id 
_pdbx_struct_sheet_hbond.range_2_label_atom_id 
_pdbx_struct_sheet_hbond.range_2_label_comp_id 
_pdbx_struct_sheet_hbond.range_2_label_asym_id 
_pdbx_struct_sheet_hbond.range_2_label_seq_id 
_pdbx_struct_sheet_hbond.range_2_PDB_ins_code 
_pdbx_struct_sheet_hbond.range_2_auth_atom_id 
_pdbx_struct_sheet_hbond.range_2_auth_comp_id 
_pdbx_struct_sheet_hbond.range_2_auth_asym_id 
_pdbx_struct_sheet_hbond.range_2_auth_seq_id 
A 1 2 O GLU A 39 ? O GLU A 85  N ALA A 30 ? N ALA A 76  
A 2 3 O VAL A 29 ? O VAL A 75  N ASP A 18 ? N ASP A 64  
A 3 4 N TRP A 15 ? N TRP A 61  O HIS A 68 ? O HIS A 114 
A 4 5 N VAL A 67 ? N VAL A 113 O LYS A 90 ? O LYS A 136 
# 
loop_
_struct_site.id 
_struct_site.pdbx_evidence_code 
_struct_site.pdbx_auth_asym_id 
_struct_site.pdbx_auth_comp_id 
_struct_site.pdbx_auth_seq_id 
_struct_site.pdbx_auth_ins_code 
_struct_site.pdbx_num_residues 
_struct_site.details 
AC1 Software A 723 1   ? 14 'BINDING SITE FOR RESIDUE 723 A 1'   
AC2 Software A PEG 213 ? 6  'BINDING SITE FOR RESIDUE PEG A 213' 
AC3 Software A PEG 2   ? 5  'BINDING SITE FOR RESIDUE PEG A 2'   
AC4 Software A PEG 3   ? 5  'BINDING SITE FOR RESIDUE PEG A 3'   
AC5 Software A P03 4   ? 3  'BINDING SITE FOR RESIDUE P03 A 4'   
AC6 Software A PEG 5   ? 3  'BINDING SITE FOR RESIDUE PEG A 5'   
AC7 Software A SO4 470 ? 4  'BINDING SITE FOR RESIDUE SO4 A 470' 
AC8 Software A SO4 471 ? 8  'BINDING SITE FOR RESIDUE SO4 A 471' 
AC9 Software A SO4 472 ? 6  'BINDING SITE FOR RESIDUE SO4 A 472' 
BC1 Software A CA  473 ? 2  'BINDING SITE FOR RESIDUE CA A 473'  
BC2 Software A CL  474 ? 3  'BINDING SITE FOR RESIDUE CL A 474'  
# 
loop_
_struct_site_gen.id 
_struct_site_gen.site_id 
_struct_site_gen.pdbx_num_res 
_struct_site_gen.label_comp_id 
_struct_site_gen.label_asym_id 
_struct_site_gen.label_seq_id 
_struct_site_gen.pdbx_auth_ins_code 
_struct_site_gen.auth_comp_id 
_struct_site_gen.auth_asym_id 
_struct_site_gen.auth_seq_id 
_struct_site_gen.label_atom_id 
_struct_site_gen.label_alt_id 
_struct_site_gen.symmetry 
_struct_site_gen.details 
1  AC1 14 THR A 78  ? THR A 124 . ? 1_555 ? 
2  AC1 14 THR A 79  ? THR A 125 . ? 1_555 ? 
3  AC1 14 ALA A 82  ? ALA A 128 . ? 1_555 ? 
4  AC1 14 ALA A 83  ? ALA A 129 . ? 1_555 ? 
5  AC1 14 GLN A 122 ? GLN A 168 . ? 4_555 ? 
6  AC1 14 GLU A 124 ? GLU A 170 . ? 4_555 ? 
7  AC1 14 HIS A 125 ? HIS A 171 . ? 4_555 ? 
8  AC1 14 THR A 128 ? THR A 174 . ? 4_555 ? 
9  AC1 14 MET A 132 ? MET A 178 . ? 4_555 ? 
10 AC1 14 HOH M .   ? HOH A 447 . ? 1_555 ? 
11 AC1 14 HOH M .   ? HOH A 452 . ? 4_555 ? 
12 AC1 14 HOH M .   ? HOH A 456 . ? 1_555 ? 
13 AC1 14 HOH M .   ? HOH A 461 . ? 4_555 ? 
14 AC1 14 CL  L .   ? CL  A 474 . ? 4_555 ? 
15 AC2 6  HIS A 68  ? HIS A 114 . ? 2_655 ? 
16 AC2 6  THR A 78  ? THR A 124 . ? 1_555 ? 
17 AC2 6  LYS A 81  ? LYS A 127 . ? 1_555 ? 
18 AC2 6  TRP A 85  ? TRP A 131 . ? 1_555 ? 
19 AC2 6  ILE A 95  ? ILE A 141 . ? 2_655 ? 
20 AC2 6  TYR A 97  ? TYR A 143 . ? 2_655 ? 
21 AC3 5  VAL A 33  ? VAL A 79  . ? 1_555 ? 
22 AC3 5  SER A 35  ? SER A 81  . ? 1_555 ? 
23 AC3 5  GLY A 36  ? GLY A 82  . ? 1_555 ? 
24 AC3 5  GLU A 106 ? GLU A 152 . ? 1_555 ? 
25 AC3 5  ARG A 153 ? ARG A 199 . ? 1_555 ? 
26 AC4 5  GLN A 49  ? GLN A 95  . ? 1_555 ? 
27 AC4 5  GLU A 50  ? GLU A 96  . ? 1_555 ? 
28 AC4 5  TYR A 53  ? TYR A 99  . ? 1_555 ? 
29 AC4 5  LYS A 127 ? LYS A 173 . ? 4_555 ? 
30 AC4 5  HOH M .   ? HOH A 425 . ? 1_555 ? 
31 AC5 3  ASP A 121 ? ASP A 167 . ? 1_555 ? 
32 AC5 3  HOH M .   ? HOH A 462 . ? 1_555 ? 
33 AC5 3  CL  L .   ? CL  A 474 . ? 1_555 ? 
34 AC6 3  ILE A 157 ? ILE A 203 . ? 1_555 ? 
35 AC6 3  ASP A 161 ? ASP A 207 . ? 1_555 ? 
36 AC6 3  HOH M .   ? HOH A 415 . ? 1_555 ? 
37 AC7 4  THR A 20  ? THR A 66  . ? 1_555 ? 
38 AC7 4  HIS A 21  ? HIS A 67  . ? 1_555 ? 
39 AC7 4  LYS A 113 ? LYS A 159 . ? 1_555 ? 
40 AC7 4  HOH M .   ? HOH A 459 . ? 1_555 ? 
41 AC8 8  GLY A 48  ? GLY A 94  . ? 1_555 ? 
42 AC8 8  SER A 77  ? SER A 123 . ? 1_555 ? 
43 AC8 8  THR A 78  ? THR A 124 . ? 1_555 ? 
44 AC8 8  THR A 79  ? THR A 125 . ? 1_555 ? 
45 AC8 8  LYS A 140 ? LYS A 186 . ? 5_664 ? 
46 AC8 8  HOH M .   ? HOH A 326 . ? 1_555 ? 
47 AC8 8  HOH M .   ? HOH A 402 . ? 1_555 ? 
48 AC8 8  HOH M .   ? HOH A 429 . ? 1_555 ? 
49 AC9 6  LYS A 25  ? LYS A 71  . ? 1_555 ? 
50 AC9 6  ARG A 120 ? ARG A 166 . ? 1_555 ? 
51 AC9 6  GLU A 124 ? GLU A 170 . ? 1_555 ? 
52 AC9 6  HIS A 125 ? HIS A 171 . ? 1_555 ? 
53 AC9 6  LEU A 126 ? LEU A 172 . ? 1_555 ? 
54 AC9 6  HOH M .   ? HOH A 322 . ? 1_555 ? 
55 BC1 2  THR A 78  ? THR A 124 . ? 1_555 ? 
56 BC1 2  LYS A 114 ? LYS A 160 . ? 5_664 ? 
57 BC2 3  723 B .   ? 723 A 1   . ? 4_555 ? 
58 BC2 3  P03 F .   ? P03 A 4   . ? 1_555 ? 
59 BC2 3  HOH M .   ? HOH A 452 . ? 1_555 ? 
# 
_pdbx_entry_details.entry_id                   3LPT 
_pdbx_entry_details.compound_details           ? 
_pdbx_entry_details.source_details             ? 
_pdbx_entry_details.nonpolymer_details         ? 
_pdbx_entry_details.sequence_details           ? 
_pdbx_entry_details.has_ligand_of_interest     ? 
_pdbx_entry_details.has_protein_modification   Y 
# 
loop_
_pdbx_validate_torsion.id 
_pdbx_validate_torsion.PDB_model_num 
_pdbx_validate_torsion.auth_comp_id 
_pdbx_validate_torsion.auth_asym_id 
_pdbx_validate_torsion.auth_seq_id 
_pdbx_validate_torsion.PDB_ins_code 
_pdbx_validate_torsion.label_alt_id 
_pdbx_validate_torsion.phi 
_pdbx_validate_torsion.psi 
1 1 CYS A 56  ? ? -149.60 -4.97 
2 1 SER A 153 ? ? 34.29   61.01 
# 
loop_
_pdbx_struct_mod_residue.id 
_pdbx_struct_mod_residue.label_asym_id 
_pdbx_struct_mod_residue.label_comp_id 
_pdbx_struct_mod_residue.label_seq_id 
_pdbx_struct_mod_residue.auth_asym_id 
_pdbx_struct_mod_residue.auth_comp_id 
_pdbx_struct_mod_residue.auth_seq_id 
_pdbx_struct_mod_residue.PDB_ins_code 
_pdbx_struct_mod_residue.parent_comp_id 
_pdbx_struct_mod_residue.details 
1 A CAF 19 A CAF 65  ? CYS S-DIMETHYLARSINOYL-CYSTEINE 
2 A CAF 84 A CAF 130 ? CYS S-DIMETHYLARSINOYL-CYSTEINE 
# 
loop_
_pdbx_unobs_or_zero_occ_residues.id 
_pdbx_unobs_or_zero_occ_residues.PDB_model_num 
_pdbx_unobs_or_zero_occ_residues.polymer_flag 
_pdbx_unobs_or_zero_occ_residues.occupancy_flag 
_pdbx_unobs_or_zero_occ_residues.auth_asym_id 
_pdbx_unobs_or_zero_occ_residues.auth_comp_id 
_pdbx_unobs_or_zero_occ_residues.auth_seq_id 
_pdbx_unobs_or_zero_occ_residues.PDB_ins_code 
_pdbx_unobs_or_zero_occ_residues.label_asym_id 
_pdbx_unobs_or_zero_occ_residues.label_comp_id 
_pdbx_unobs_or_zero_occ_residues.label_seq_id 
1  1 Y 1 A GLY 47  ? A GLY 1   
2  1 Y 1 A SER 48  ? A SER 2   
3  1 Y 1 A HIS 49  ? A HIS 3   
4  1 Y 1 A MET 50  ? A MET 4   
5  1 Y 1 A HIS 51  ? A HIS 5   
6  1 Y 1 A GLY 52  ? A GLY 6   
7  1 Y 1 A GLN 53  ? A GLN 7   
8  1 Y 1 A VAL 54  ? A VAL 8   
9  1 Y 1 A PRO 145 ? A PRO 99  
10 1 Y 1 A GLN 146 ? A GLN 100 
11 1 Y 1 A SER 147 ? A SER 101 
12 1 Y 1 A GLN 148 ? A GLN 102 
13 1 Y 1 A GLY 149 ? A GLY 103 
14 1 Y 1 A VAL 150 ? A VAL 104 
15 1 Y 1 A ILE 151 ? A ILE 105 
16 1 Y 1 A GLY 189 ? A GLY 143 
17 1 Y 1 A GLY 190 ? A GLY 144 
18 1 Y 1 A ILE 191 ? A ILE 145 
19 1 Y 1 A GLY 192 ? A GLY 146 
20 1 Y 1 A THR 210 ? A THR 164 
21 1 Y 1 A LYS 211 ? A LYS 165 
22 1 Y 1 A GLU 212 ? A GLU 166 
# 
loop_
_chem_comp_atom.comp_id 
_chem_comp_atom.atom_id 
_chem_comp_atom.type_symbol 
_chem_comp_atom.pdbx_aromatic_flag 
_chem_comp_atom.pdbx_stereo_config 
_chem_comp_atom.pdbx_ordinal 
723 N    N  N N 1   
723 CL   CL N N 2   
723 C1   C  N N 3   
723 O1   O  N N 4   
723 C2   C  N N 5   
723 O2   O  N N 6   
723 C3   C  N N 7   
723 O3   O  N N 8   
723 C4   C  Y N 9   
723 C5   C  Y N 10  
723 C6   C  Y N 11  
723 C7   C  N N 12  
723 C8   C  Y N 13  
723 C9   C  Y N 14  
723 C10  C  Y N 15  
723 C11  C  Y N 16  
723 C12  C  Y N 17  
723 C13  C  Y N 18  
723 C14  C  Y N 19  
723 C15  C  Y N 20  
723 C16  C  Y N 21  
723 C17  C  N N 22  
723 HN   H  N N 23  
723 H2   H  N N 24  
723 H2A  H  N N 25  
723 HO2  H  N N 26  
723 H8   H  N N 27  
723 H9   H  N N 28  
723 H10  H  N N 29  
723 H11  H  N N 30  
723 H12  H  N N 31  
723 H13  H  N N 32  
723 H15  H  N N 33  
723 H16  H  N N 34  
ALA N    N  N N 35  
ALA CA   C  N S 36  
ALA C    C  N N 37  
ALA O    O  N N 38  
ALA CB   C  N N 39  
ALA OXT  O  N N 40  
ALA H    H  N N 41  
ALA H2   H  N N 42  
ALA HA   H  N N 43  
ALA HB1  H  N N 44  
ALA HB2  H  N N 45  
ALA HB3  H  N N 46  
ALA HXT  H  N N 47  
ARG N    N  N N 48  
ARG CA   C  N S 49  
ARG C    C  N N 50  
ARG O    O  N N 51  
ARG CB   C  N N 52  
ARG CG   C  N N 53  
ARG CD   C  N N 54  
ARG NE   N  N N 55  
ARG CZ   C  N N 56  
ARG NH1  N  N N 57  
ARG NH2  N  N N 58  
ARG OXT  O  N N 59  
ARG H    H  N N 60  
ARG H2   H  N N 61  
ARG HA   H  N N 62  
ARG HB2  H  N N 63  
ARG HB3  H  N N 64  
ARG HG2  H  N N 65  
ARG HG3  H  N N 66  
ARG HD2  H  N N 67  
ARG HD3  H  N N 68  
ARG HE   H  N N 69  
ARG HH11 H  N N 70  
ARG HH12 H  N N 71  
ARG HH21 H  N N 72  
ARG HH22 H  N N 73  
ARG HXT  H  N N 74  
ASN N    N  N N 75  
ASN CA   C  N S 76  
ASN C    C  N N 77  
ASN O    O  N N 78  
ASN CB   C  N N 79  
ASN CG   C  N N 80  
ASN OD1  O  N N 81  
ASN ND2  N  N N 82  
ASN OXT  O  N N 83  
ASN H    H  N N 84  
ASN H2   H  N N 85  
ASN HA   H  N N 86  
ASN HB2  H  N N 87  
ASN HB3  H  N N 88  
ASN HD21 H  N N 89  
ASN HD22 H  N N 90  
ASN HXT  H  N N 91  
ASP N    N  N N 92  
ASP CA   C  N S 93  
ASP C    C  N N 94  
ASP O    O  N N 95  
ASP CB   C  N N 96  
ASP CG   C  N N 97  
ASP OD1  O  N N 98  
ASP OD2  O  N N 99  
ASP OXT  O  N N 100 
ASP H    H  N N 101 
ASP H2   H  N N 102 
ASP HA   H  N N 103 
ASP HB2  H  N N 104 
ASP HB3  H  N N 105 
ASP HD2  H  N N 106 
ASP HXT  H  N N 107 
CA  CA   CA N N 108 
CAF N    N  N N 109 
CAF CA   C  N R 110 
CAF CB   C  N N 111 
CAF C    C  N N 112 
CAF O    O  N N 113 
CAF OXT  O  N N 114 
CAF SG   S  N N 115 
CAF AS   AS N N 116 
CAF CE1  C  N N 117 
CAF CE2  C  N N 118 
CAF O1   O  N N 119 
CAF H    H  N N 120 
CAF H2   H  N N 121 
CAF HA   H  N N 122 
CAF HB2  H  N N 123 
CAF HB3  H  N N 124 
CAF HXT  H  N N 125 
CAF HE11 H  N N 126 
CAF HE12 H  N N 127 
CAF HE13 H  N N 128 
CAF HE21 H  N N 129 
CAF HE22 H  N N 130 
CAF HE23 H  N N 131 
CL  CL   CL N N 132 
CYS N    N  N N 133 
CYS CA   C  N R 134 
CYS C    C  N N 135 
CYS O    O  N N 136 
CYS CB   C  N N 137 
CYS SG   S  N N 138 
CYS OXT  O  N N 139 
CYS H    H  N N 140 
CYS H2   H  N N 141 
CYS HA   H  N N 142 
CYS HB2  H  N N 143 
CYS HB3  H  N N 144 
CYS HG   H  N N 145 
CYS HXT  H  N N 146 
GLN N    N  N N 147 
GLN CA   C  N S 148 
GLN C    C  N N 149 
GLN O    O  N N 150 
GLN CB   C  N N 151 
GLN CG   C  N N 152 
GLN CD   C  N N 153 
GLN OE1  O  N N 154 
GLN NE2  N  N N 155 
GLN OXT  O  N N 156 
GLN H    H  N N 157 
GLN H2   H  N N 158 
GLN HA   H  N N 159 
GLN HB2  H  N N 160 
GLN HB3  H  N N 161 
GLN HG2  H  N N 162 
GLN HG3  H  N N 163 
GLN HE21 H  N N 164 
GLN HE22 H  N N 165 
GLN HXT  H  N N 166 
GLU N    N  N N 167 
GLU CA   C  N S 168 
GLU C    C  N N 169 
GLU O    O  N N 170 
GLU CB   C  N N 171 
GLU CG   C  N N 172 
GLU CD   C  N N 173 
GLU OE1  O  N N 174 
GLU OE2  O  N N 175 
GLU OXT  O  N N 176 
GLU H    H  N N 177 
GLU H2   H  N N 178 
GLU HA   H  N N 179 
GLU HB2  H  N N 180 
GLU HB3  H  N N 181 
GLU HG2  H  N N 182 
GLU HG3  H  N N 183 
GLU HE2  H  N N 184 
GLU HXT  H  N N 185 
GLY N    N  N N 186 
GLY CA   C  N N 187 
GLY C    C  N N 188 
GLY O    O  N N 189 
GLY OXT  O  N N 190 
GLY H    H  N N 191 
GLY H2   H  N N 192 
GLY HA2  H  N N 193 
GLY HA3  H  N N 194 
GLY HXT  H  N N 195 
HIS N    N  N N 196 
HIS CA   C  N S 197 
HIS C    C  N N 198 
HIS O    O  N N 199 
HIS CB   C  N N 200 
HIS CG   C  Y N 201 
HIS ND1  N  Y N 202 
HIS CD2  C  Y N 203 
HIS CE1  C  Y N 204 
HIS NE2  N  Y N 205 
HIS OXT  O  N N 206 
HIS H    H  N N 207 
HIS H2   H  N N 208 
HIS HA   H  N N 209 
HIS HB2  H  N N 210 
HIS HB3  H  N N 211 
HIS HD1  H  N N 212 
HIS HD2  H  N N 213 
HIS HE1  H  N N 214 
HIS HE2  H  N N 215 
HIS HXT  H  N N 216 
HOH O    O  N N 217 
HOH H1   H  N N 218 
HOH H2   H  N N 219 
ILE N    N  N N 220 
ILE CA   C  N S 221 
ILE C    C  N N 222 
ILE O    O  N N 223 
ILE CB   C  N S 224 
ILE CG1  C  N N 225 
ILE CG2  C  N N 226 
ILE CD1  C  N N 227 
ILE OXT  O  N N 228 
ILE H    H  N N 229 
ILE H2   H  N N 230 
ILE HA   H  N N 231 
ILE HB   H  N N 232 
ILE HG12 H  N N 233 
ILE HG13 H  N N 234 
ILE HG21 H  N N 235 
ILE HG22 H  N N 236 
ILE HG23 H  N N 237 
ILE HD11 H  N N 238 
ILE HD12 H  N N 239 
ILE HD13 H  N N 240 
ILE HXT  H  N N 241 
LEU N    N  N N 242 
LEU CA   C  N S 243 
LEU C    C  N N 244 
LEU O    O  N N 245 
LEU CB   C  N N 246 
LEU CG   C  N N 247 
LEU CD1  C  N N 248 
LEU CD2  C  N N 249 
LEU OXT  O  N N 250 
LEU H    H  N N 251 
LEU H2   H  N N 252 
LEU HA   H  N N 253 
LEU HB2  H  N N 254 
LEU HB3  H  N N 255 
LEU HG   H  N N 256 
LEU HD11 H  N N 257 
LEU HD12 H  N N 258 
LEU HD13 H  N N 259 
LEU HD21 H  N N 260 
LEU HD22 H  N N 261 
LEU HD23 H  N N 262 
LEU HXT  H  N N 263 
LYS N    N  N N 264 
LYS CA   C  N S 265 
LYS C    C  N N 266 
LYS O    O  N N 267 
LYS CB   C  N N 268 
LYS CG   C  N N 269 
LYS CD   C  N N 270 
LYS CE   C  N N 271 
LYS NZ   N  N N 272 
LYS OXT  O  N N 273 
LYS H    H  N N 274 
LYS H2   H  N N 275 
LYS HA   H  N N 276 
LYS HB2  H  N N 277 
LYS HB3  H  N N 278 
LYS HG2  H  N N 279 
LYS HG3  H  N N 280 
LYS HD2  H  N N 281 
LYS HD3  H  N N 282 
LYS HE2  H  N N 283 
LYS HE3  H  N N 284 
LYS HZ1  H  N N 285 
LYS HZ2  H  N N 286 
LYS HZ3  H  N N 287 
LYS HXT  H  N N 288 
MET N    N  N N 289 
MET CA   C  N S 290 
MET C    C  N N 291 
MET O    O  N N 292 
MET CB   C  N N 293 
MET CG   C  N N 294 
MET SD   S  N N 295 
MET CE   C  N N 296 
MET OXT  O  N N 297 
MET H    H  N N 298 
MET H2   H  N N 299 
MET HA   H  N N 300 
MET HB2  H  N N 301 
MET HB3  H  N N 302 
MET HG2  H  N N 303 
MET HG3  H  N N 304 
MET HE1  H  N N 305 
MET HE2  H  N N 306 
MET HE3  H  N N 307 
MET HXT  H  N N 308 
P03 C1   C  N N 309 
P03 O1   O  N N 310 
P03 C2   C  N N 311 
P03 O2   O  N N 312 
P03 C3   C  N N 313 
P03 O3   O  N N 314 
P03 C4   C  N N 315 
P03 O4   O  N N 316 
P03 C5   C  N N 317 
P03 O5   O  N N 318 
P03 C6   C  N N 319 
P03 C7   C  N N 320 
P03 C8   C  N N 321 
P03 C9   C  N N 322 
P03 C10  C  N N 323 
P03 H1   H  N N 324 
P03 H1A  H  N N 325 
P03 HO1  H  N N 326 
P03 H2   H  N N 327 
P03 H2A  H  N N 328 
P03 H3   H  N N 329 
P03 H3A  H  N N 330 
P03 H4   H  N N 331 
P03 H4A  H  N N 332 
P03 H5   H  N N 333 
P03 H5A  H  N N 334 
P03 HO5  H  N N 335 
P03 H6   H  N N 336 
P03 H6A  H  N N 337 
P03 H7   H  N N 338 
P03 H7A  H  N N 339 
P03 H8   H  N N 340 
P03 H8A  H  N N 341 
P03 H9   H  N N 342 
P03 H9A  H  N N 343 
P03 H10  H  N N 344 
P03 H10A H  N N 345 
PEG C1   C  N N 346 
PEG O1   O  N N 347 
PEG C2   C  N N 348 
PEG O2   O  N N 349 
PEG C3   C  N N 350 
PEG C4   C  N N 351 
PEG O4   O  N N 352 
PEG H11  H  N N 353 
PEG H12  H  N N 354 
PEG HO1  H  N N 355 
PEG H21  H  N N 356 
PEG H22  H  N N 357 
PEG H31  H  N N 358 
PEG H32  H  N N 359 
PEG H41  H  N N 360 
PEG H42  H  N N 361 
PEG HO4  H  N N 362 
PHE N    N  N N 363 
PHE CA   C  N S 364 
PHE C    C  N N 365 
PHE O    O  N N 366 
PHE CB   C  N N 367 
PHE CG   C  Y N 368 
PHE CD1  C  Y N 369 
PHE CD2  C  Y N 370 
PHE CE1  C  Y N 371 
PHE CE2  C  Y N 372 
PHE CZ   C  Y N 373 
PHE OXT  O  N N 374 
PHE H    H  N N 375 
PHE H2   H  N N 376 
PHE HA   H  N N 377 
PHE HB2  H  N N 378 
PHE HB3  H  N N 379 
PHE HD1  H  N N 380 
PHE HD2  H  N N 381 
PHE HE1  H  N N 382 
PHE HE2  H  N N 383 
PHE HZ   H  N N 384 
PHE HXT  H  N N 385 
PRO N    N  N N 386 
PRO CA   C  N S 387 
PRO C    C  N N 388 
PRO O    O  N N 389 
PRO CB   C  N N 390 
PRO CG   C  N N 391 
PRO CD   C  N N 392 
PRO OXT  O  N N 393 
PRO H    H  N N 394 
PRO HA   H  N N 395 
PRO HB2  H  N N 396 
PRO HB3  H  N N 397 
PRO HG2  H  N N 398 
PRO HG3  H  N N 399 
PRO HD2  H  N N 400 
PRO HD3  H  N N 401 
PRO HXT  H  N N 402 
SER N    N  N N 403 
SER CA   C  N S 404 
SER C    C  N N 405 
SER O    O  N N 406 
SER CB   C  N N 407 
SER OG   O  N N 408 
SER OXT  O  N N 409 
SER H    H  N N 410 
SER H2   H  N N 411 
SER HA   H  N N 412 
SER HB2  H  N N 413 
SER HB3  H  N N 414 
SER HG   H  N N 415 
SER HXT  H  N N 416 
SO4 S    S  N N 417 
SO4 O1   O  N N 418 
SO4 O2   O  N N 419 
SO4 O3   O  N N 420 
SO4 O4   O  N N 421 
THR N    N  N N 422 
THR CA   C  N S 423 
THR C    C  N N 424 
THR O    O  N N 425 
THR CB   C  N R 426 
THR OG1  O  N N 427 
THR CG2  C  N N 428 
THR OXT  O  N N 429 
THR H    H  N N 430 
THR H2   H  N N 431 
THR HA   H  N N 432 
THR HB   H  N N 433 
THR HG1  H  N N 434 
THR HG21 H  N N 435 
THR HG22 H  N N 436 
THR HG23 H  N N 437 
THR HXT  H  N N 438 
TRP N    N  N N 439 
TRP CA   C  N S 440 
TRP C    C  N N 441 
TRP O    O  N N 442 
TRP CB   C  N N 443 
TRP CG   C  Y N 444 
TRP CD1  C  Y N 445 
TRP CD2  C  Y N 446 
TRP NE1  N  Y N 447 
TRP CE2  C  Y N 448 
TRP CE3  C  Y N 449 
TRP CZ2  C  Y N 450 
TRP CZ3  C  Y N 451 
TRP CH2  C  Y N 452 
TRP OXT  O  N N 453 
TRP H    H  N N 454 
TRP H2   H  N N 455 
TRP HA   H  N N 456 
TRP HB2  H  N N 457 
TRP HB3  H  N N 458 
TRP HD1  H  N N 459 
TRP HE1  H  N N 460 
TRP HE3  H  N N 461 
TRP HZ2  H  N N 462 
TRP HZ3  H  N N 463 
TRP HH2  H  N N 464 
TRP HXT  H  N N 465 
TYR N    N  N N 466 
TYR CA   C  N S 467 
TYR C    C  N N 468 
TYR O    O  N N 469 
TYR CB   C  N N 470 
TYR CG   C  Y N 471 
TYR CD1  C  Y N 472 
TYR CD2  C  Y N 473 
TYR CE1  C  Y N 474 
TYR CE2  C  Y N 475 
TYR CZ   C  Y N 476 
TYR OH   O  N N 477 
TYR OXT  O  N N 478 
TYR H    H  N N 479 
TYR H2   H  N N 480 
TYR HA   H  N N 481 
TYR HB2  H  N N 482 
TYR HB3  H  N N 483 
TYR HD1  H  N N 484 
TYR HD2  H  N N 485 
TYR HE1  H  N N 486 
TYR HE2  H  N N 487 
TYR HH   H  N N 488 
TYR HXT  H  N N 489 
VAL N    N  N N 490 
VAL CA   C  N S 491 
VAL C    C  N N 492 
VAL O    O  N N 493 
VAL CB   C  N N 494 
VAL CG1  C  N N 495 
VAL CG2  C  N N 496 
VAL OXT  O  N N 497 
VAL H    H  N N 498 
VAL H2   H  N N 499 
VAL HA   H  N N 500 
VAL HB   H  N N 501 
VAL HG11 H  N N 502 
VAL HG12 H  N N 503 
VAL HG13 H  N N 504 
VAL HG21 H  N N 505 
VAL HG22 H  N N 506 
VAL HG23 H  N N 507 
VAL HXT  H  N N 508 
# 
loop_
_chem_comp_bond.comp_id 
_chem_comp_bond.atom_id_1 
_chem_comp_bond.atom_id_2 
_chem_comp_bond.value_order 
_chem_comp_bond.pdbx_aromatic_flag 
_chem_comp_bond.pdbx_stereo_config 
_chem_comp_bond.pdbx_ordinal 
723 N   C6   sing N N 1   
723 N   C7   sing N N 2   
723 CL  C14  sing N N 3   
723 C1  C2   sing N N 4   
723 C1  C3   doub N N 5   
723 C1  C7   sing N N 6   
723 O1  C7   doub N N 7   
723 C2  C17  sing N N 8   
723 O2  C17  sing N N 9   
723 C3  C4   sing N N 10  
723 C3  C5   sing N N 11  
723 O3  C17  doub N N 12  
723 C4  C8   doub Y N 13  
723 C4  C12  sing Y N 14  
723 C5  C6   doub Y N 15  
723 C5  C13  sing Y N 16  
723 C6  C16  sing Y N 17  
723 C8  C9   sing Y N 18  
723 C9  C10  doub Y N 19  
723 C10 C11  sing Y N 20  
723 C11 C12  doub Y N 21  
723 C13 C14  doub Y N 22  
723 C14 C15  sing Y N 23  
723 C15 C16  doub Y N 24  
723 N   HN   sing N N 25  
723 C2  H2   sing N N 26  
723 C2  H2A  sing N N 27  
723 O2  HO2  sing N N 28  
723 C8  H8   sing N N 29  
723 C9  H9   sing N N 30  
723 C10 H10  sing N N 31  
723 C11 H11  sing N N 32  
723 C12 H12  sing N N 33  
723 C13 H13  sing N N 34  
723 C15 H15  sing N N 35  
723 C16 H16  sing N N 36  
ALA N   CA   sing N N 37  
ALA N   H    sing N N 38  
ALA N   H2   sing N N 39  
ALA CA  C    sing N N 40  
ALA CA  CB   sing N N 41  
ALA CA  HA   sing N N 42  
ALA C   O    doub N N 43  
ALA C   OXT  sing N N 44  
ALA CB  HB1  sing N N 45  
ALA CB  HB2  sing N N 46  
ALA CB  HB3  sing N N 47  
ALA OXT HXT  sing N N 48  
ARG N   CA   sing N N 49  
ARG N   H    sing N N 50  
ARG N   H2   sing N N 51  
ARG CA  C    sing N N 52  
ARG CA  CB   sing N N 53  
ARG CA  HA   sing N N 54  
ARG C   O    doub N N 55  
ARG C   OXT  sing N N 56  
ARG CB  CG   sing N N 57  
ARG CB  HB2  sing N N 58  
ARG CB  HB3  sing N N 59  
ARG CG  CD   sing N N 60  
ARG CG  HG2  sing N N 61  
ARG CG  HG3  sing N N 62  
ARG CD  NE   sing N N 63  
ARG CD  HD2  sing N N 64  
ARG CD  HD3  sing N N 65  
ARG NE  CZ   sing N N 66  
ARG NE  HE   sing N N 67  
ARG CZ  NH1  sing N N 68  
ARG CZ  NH2  doub N N 69  
ARG NH1 HH11 sing N N 70  
ARG NH1 HH12 sing N N 71  
ARG NH2 HH21 sing N N 72  
ARG NH2 HH22 sing N N 73  
ARG OXT HXT  sing N N 74  
ASN N   CA   sing N N 75  
ASN N   H    sing N N 76  
ASN N   H2   sing N N 77  
ASN CA  C    sing N N 78  
ASN CA  CB   sing N N 79  
ASN CA  HA   sing N N 80  
ASN C   O    doub N N 81  
ASN C   OXT  sing N N 82  
ASN CB  CG   sing N N 83  
ASN CB  HB2  sing N N 84  
ASN CB  HB3  sing N N 85  
ASN CG  OD1  doub N N 86  
ASN CG  ND2  sing N N 87  
ASN ND2 HD21 sing N N 88  
ASN ND2 HD22 sing N N 89  
ASN OXT HXT  sing N N 90  
ASP N   CA   sing N N 91  
ASP N   H    sing N N 92  
ASP N   H2   sing N N 93  
ASP CA  C    sing N N 94  
ASP CA  CB   sing N N 95  
ASP CA  HA   sing N N 96  
ASP C   O    doub N N 97  
ASP C   OXT  sing N N 98  
ASP CB  CG   sing N N 99  
ASP CB  HB2  sing N N 100 
ASP CB  HB3  sing N N 101 
ASP CG  OD1  doub N N 102 
ASP CG  OD2  sing N N 103 
ASP OD2 HD2  sing N N 104 
ASP OXT HXT  sing N N 105 
CAF N   CA   sing N N 106 
CAF N   H    sing N N 107 
CAF N   H2   sing N N 108 
CAF CA  CB   sing N N 109 
CAF CA  C    sing N N 110 
CAF CA  HA   sing N N 111 
CAF CB  SG   sing N N 112 
CAF CB  HB2  sing N N 113 
CAF CB  HB3  sing N N 114 
CAF C   O    doub N N 115 
CAF C   OXT  sing N N 116 
CAF OXT HXT  sing N N 117 
CAF SG  AS   sing N N 118 
CAF AS  CE1  sing N N 119 
CAF AS  CE2  sing N N 120 
CAF AS  O1   doub N N 121 
CAF CE1 HE11 sing N N 122 
CAF CE1 HE12 sing N N 123 
CAF CE1 HE13 sing N N 124 
CAF CE2 HE21 sing N N 125 
CAF CE2 HE22 sing N N 126 
CAF CE2 HE23 sing N N 127 
CYS N   CA   sing N N 128 
CYS N   H    sing N N 129 
CYS N   H2   sing N N 130 
CYS CA  C    sing N N 131 
CYS CA  CB   sing N N 132 
CYS CA  HA   sing N N 133 
CYS C   O    doub N N 134 
CYS C   OXT  sing N N 135 
CYS CB  SG   sing N N 136 
CYS CB  HB2  sing N N 137 
CYS CB  HB3  sing N N 138 
CYS SG  HG   sing N N 139 
CYS OXT HXT  sing N N 140 
GLN N   CA   sing N N 141 
GLN N   H    sing N N 142 
GLN N   H2   sing N N 143 
GLN CA  C    sing N N 144 
GLN CA  CB   sing N N 145 
GLN CA  HA   sing N N 146 
GLN C   O    doub N N 147 
GLN C   OXT  sing N N 148 
GLN CB  CG   sing N N 149 
GLN CB  HB2  sing N N 150 
GLN CB  HB3  sing N N 151 
GLN CG  CD   sing N N 152 
GLN CG  HG2  sing N N 153 
GLN CG  HG3  sing N N 154 
GLN CD  OE1  doub N N 155 
GLN CD  NE2  sing N N 156 
GLN NE2 HE21 sing N N 157 
GLN NE2 HE22 sing N N 158 
GLN OXT HXT  sing N N 159 
GLU N   CA   sing N N 160 
GLU N   H    sing N N 161 
GLU N   H2   sing N N 162 
GLU CA  C    sing N N 163 
GLU CA  CB   sing N N 164 
GLU CA  HA   sing N N 165 
GLU C   O    doub N N 166 
GLU C   OXT  sing N N 167 
GLU CB  CG   sing N N 168 
GLU CB  HB2  sing N N 169 
GLU CB  HB3  sing N N 170 
GLU CG  CD   sing N N 171 
GLU CG  HG2  sing N N 172 
GLU CG  HG3  sing N N 173 
GLU CD  OE1  doub N N 174 
GLU CD  OE2  sing N N 175 
GLU OE2 HE2  sing N N 176 
GLU OXT HXT  sing N N 177 
GLY N   CA   sing N N 178 
GLY N   H    sing N N 179 
GLY N   H2   sing N N 180 
GLY CA  C    sing N N 181 
GLY CA  HA2  sing N N 182 
GLY CA  HA3  sing N N 183 
GLY C   O    doub N N 184 
GLY C   OXT  sing N N 185 
GLY OXT HXT  sing N N 186 
HIS N   CA   sing N N 187 
HIS N   H    sing N N 188 
HIS N   H2   sing N N 189 
HIS CA  C    sing N N 190 
HIS CA  CB   sing N N 191 
HIS CA  HA   sing N N 192 
HIS C   O    doub N N 193 
HIS C   OXT  sing N N 194 
HIS CB  CG   sing N N 195 
HIS CB  HB2  sing N N 196 
HIS CB  HB3  sing N N 197 
HIS CG  ND1  sing Y N 198 
HIS CG  CD2  doub Y N 199 
HIS ND1 CE1  doub Y N 200 
HIS ND1 HD1  sing N N 201 
HIS CD2 NE2  sing Y N 202 
HIS CD2 HD2  sing N N 203 
HIS CE1 NE2  sing Y N 204 
HIS CE1 HE1  sing N N 205 
HIS NE2 HE2  sing N N 206 
HIS OXT HXT  sing N N 207 
HOH O   H1   sing N N 208 
HOH O   H2   sing N N 209 
ILE N   CA   sing N N 210 
ILE N   H    sing N N 211 
ILE N   H2   sing N N 212 
ILE CA  C    sing N N 213 
ILE CA  CB   sing N N 214 
ILE CA  HA   sing N N 215 
ILE C   O    doub N N 216 
ILE C   OXT  sing N N 217 
ILE CB  CG1  sing N N 218 
ILE CB  CG2  sing N N 219 
ILE CB  HB   sing N N 220 
ILE CG1 CD1  sing N N 221 
ILE CG1 HG12 sing N N 222 
ILE CG1 HG13 sing N N 223 
ILE CG2 HG21 sing N N 224 
ILE CG2 HG22 sing N N 225 
ILE CG2 HG23 sing N N 226 
ILE CD1 HD11 sing N N 227 
ILE CD1 HD12 sing N N 228 
ILE CD1 HD13 sing N N 229 
ILE OXT HXT  sing N N 230 
LEU N   CA   sing N N 231 
LEU N   H    sing N N 232 
LEU N   H2   sing N N 233 
LEU CA  C    sing N N 234 
LEU CA  CB   sing N N 235 
LEU CA  HA   sing N N 236 
LEU C   O    doub N N 237 
LEU C   OXT  sing N N 238 
LEU CB  CG   sing N N 239 
LEU CB  HB2  sing N N 240 
LEU CB  HB3  sing N N 241 
LEU CG  CD1  sing N N 242 
LEU CG  CD2  sing N N 243 
LEU CG  HG   sing N N 244 
LEU CD1 HD11 sing N N 245 
LEU CD1 HD12 sing N N 246 
LEU CD1 HD13 sing N N 247 
LEU CD2 HD21 sing N N 248 
LEU CD2 HD22 sing N N 249 
LEU CD2 HD23 sing N N 250 
LEU OXT HXT  sing N N 251 
LYS N   CA   sing N N 252 
LYS N   H    sing N N 253 
LYS N   H2   sing N N 254 
LYS CA  C    sing N N 255 
LYS CA  CB   sing N N 256 
LYS CA  HA   sing N N 257 
LYS C   O    doub N N 258 
LYS C   OXT  sing N N 259 
LYS CB  CG   sing N N 260 
LYS CB  HB2  sing N N 261 
LYS CB  HB3  sing N N 262 
LYS CG  CD   sing N N 263 
LYS CG  HG2  sing N N 264 
LYS CG  HG3  sing N N 265 
LYS CD  CE   sing N N 266 
LYS CD  HD2  sing N N 267 
LYS CD  HD3  sing N N 268 
LYS CE  NZ   sing N N 269 
LYS CE  HE2  sing N N 270 
LYS CE  HE3  sing N N 271 
LYS NZ  HZ1  sing N N 272 
LYS NZ  HZ2  sing N N 273 
LYS NZ  HZ3  sing N N 274 
LYS OXT HXT  sing N N 275 
MET N   CA   sing N N 276 
MET N   H    sing N N 277 
MET N   H2   sing N N 278 
MET CA  C    sing N N 279 
MET CA  CB   sing N N 280 
MET CA  HA   sing N N 281 
MET C   O    doub N N 282 
MET C   OXT  sing N N 283 
MET CB  CG   sing N N 284 
MET CB  HB2  sing N N 285 
MET CB  HB3  sing N N 286 
MET CG  SD   sing N N 287 
MET CG  HG2  sing N N 288 
MET CG  HG3  sing N N 289 
MET SD  CE   sing N N 290 
MET CE  HE1  sing N N 291 
MET CE  HE2  sing N N 292 
MET CE  HE3  sing N N 293 
MET OXT HXT  sing N N 294 
P03 C1  O1   sing N N 295 
P03 C1  C2   sing N N 296 
P03 C2  O2   sing N N 297 
P03 O2  C3   sing N N 298 
P03 C3  C4   sing N N 299 
P03 O3  C5   sing N N 300 
P03 O3  C6   sing N N 301 
P03 C4  C5   sing N N 302 
P03 O4  C8   sing N N 303 
P03 O4  C9   sing N N 304 
P03 O5  C10  sing N N 305 
P03 C6  C7   sing N N 306 
P03 C7  C8   sing N N 307 
P03 C9  C10  sing N N 308 
P03 C1  H1   sing N N 309 
P03 C1  H1A  sing N N 310 
P03 O1  HO1  sing N N 311 
P03 C2  H2   sing N N 312 
P03 C2  H2A  sing N N 313 
P03 C3  H3   sing N N 314 
P03 C3  H3A  sing N N 315 
P03 C4  H4   sing N N 316 
P03 C4  H4A  sing N N 317 
P03 C5  H5   sing N N 318 
P03 C5  H5A  sing N N 319 
P03 O5  HO5  sing N N 320 
P03 C6  H6   sing N N 321 
P03 C6  H6A  sing N N 322 
P03 C7  H7   sing N N 323 
P03 C7  H7A  sing N N 324 
P03 C8  H8   sing N N 325 
P03 C8  H8A  sing N N 326 
P03 C9  H9   sing N N 327 
P03 C9  H9A  sing N N 328 
P03 C10 H10  sing N N 329 
P03 C10 H10A sing N N 330 
PEG C1  O1   sing N N 331 
PEG C1  C2   sing N N 332 
PEG C1  H11  sing N N 333 
PEG C1  H12  sing N N 334 
PEG O1  HO1  sing N N 335 
PEG C2  O2   sing N N 336 
PEG C2  H21  sing N N 337 
PEG C2  H22  sing N N 338 
PEG O2  C3   sing N N 339 
PEG C3  C4   sing N N 340 
PEG C3  H31  sing N N 341 
PEG C3  H32  sing N N 342 
PEG C4  O4   sing N N 343 
PEG C4  H41  sing N N 344 
PEG C4  H42  sing N N 345 
PEG O4  HO4  sing N N 346 
PHE N   CA   sing N N 347 
PHE N   H    sing N N 348 
PHE N   H2   sing N N 349 
PHE CA  C    sing N N 350 
PHE CA  CB   sing N N 351 
PHE CA  HA   sing N N 352 
PHE C   O    doub N N 353 
PHE C   OXT  sing N N 354 
PHE CB  CG   sing N N 355 
PHE CB  HB2  sing N N 356 
PHE CB  HB3  sing N N 357 
PHE CG  CD1  doub Y N 358 
PHE CG  CD2  sing Y N 359 
PHE CD1 CE1  sing Y N 360 
PHE CD1 HD1  sing N N 361 
PHE CD2 CE2  doub Y N 362 
PHE CD2 HD2  sing N N 363 
PHE CE1 CZ   doub Y N 364 
PHE CE1 HE1  sing N N 365 
PHE CE2 CZ   sing Y N 366 
PHE CE2 HE2  sing N N 367 
PHE CZ  HZ   sing N N 368 
PHE OXT HXT  sing N N 369 
PRO N   CA   sing N N 370 
PRO N   CD   sing N N 371 
PRO N   H    sing N N 372 
PRO CA  C    sing N N 373 
PRO CA  CB   sing N N 374 
PRO CA  HA   sing N N 375 
PRO C   O    doub N N 376 
PRO C   OXT  sing N N 377 
PRO CB  CG   sing N N 378 
PRO CB  HB2  sing N N 379 
PRO CB  HB3  sing N N 380 
PRO CG  CD   sing N N 381 
PRO CG  HG2  sing N N 382 
PRO CG  HG3  sing N N 383 
PRO CD  HD2  sing N N 384 
PRO CD  HD3  sing N N 385 
PRO OXT HXT  sing N N 386 
SER N   CA   sing N N 387 
SER N   H    sing N N 388 
SER N   H2   sing N N 389 
SER CA  C    sing N N 390 
SER CA  CB   sing N N 391 
SER CA  HA   sing N N 392 
SER C   O    doub N N 393 
SER C   OXT  sing N N 394 
SER CB  OG   sing N N 395 
SER CB  HB2  sing N N 396 
SER CB  HB3  sing N N 397 
SER OG  HG   sing N N 398 
SER OXT HXT  sing N N 399 
SO4 S   O1   doub N N 400 
SO4 S   O2   doub N N 401 
SO4 S   O3   sing N N 402 
SO4 S   O4   sing N N 403 
THR N   CA   sing N N 404 
THR N   H    sing N N 405 
THR N   H2   sing N N 406 
THR CA  C    sing N N 407 
THR CA  CB   sing N N 408 
THR CA  HA   sing N N 409 
THR C   O    doub N N 410 
THR C   OXT  sing N N 411 
THR CB  OG1  sing N N 412 
THR CB  CG2  sing N N 413 
THR CB  HB   sing N N 414 
THR OG1 HG1  sing N N 415 
THR CG2 HG21 sing N N 416 
THR CG2 HG22 sing N N 417 
THR CG2 HG23 sing N N 418 
THR OXT HXT  sing N N 419 
TRP N   CA   sing N N 420 
TRP N   H    sing N N 421 
TRP N   H2   sing N N 422 
TRP CA  C    sing N N 423 
TRP CA  CB   sing N N 424 
TRP CA  HA   sing N N 425 
TRP C   O    doub N N 426 
TRP C   OXT  sing N N 427 
TRP CB  CG   sing N N 428 
TRP CB  HB2  sing N N 429 
TRP CB  HB3  sing N N 430 
TRP CG  CD1  doub Y N 431 
TRP CG  CD2  sing Y N 432 
TRP CD1 NE1  sing Y N 433 
TRP CD1 HD1  sing N N 434 
TRP CD2 CE2  doub Y N 435 
TRP CD2 CE3  sing Y N 436 
TRP NE1 CE2  sing Y N 437 
TRP NE1 HE1  sing N N 438 
TRP CE2 CZ2  sing Y N 439 
TRP CE3 CZ3  doub Y N 440 
TRP CE3 HE3  sing N N 441 
TRP CZ2 CH2  doub Y N 442 
TRP CZ2 HZ2  sing N N 443 
TRP CZ3 CH2  sing Y N 444 
TRP CZ3 HZ3  sing N N 445 
TRP CH2 HH2  sing N N 446 
TRP OXT HXT  sing N N 447 
TYR N   CA   sing N N 448 
TYR N   H    sing N N 449 
TYR N   H2   sing N N 450 
TYR CA  C    sing N N 451 
TYR CA  CB   sing N N 452 
TYR CA  HA   sing N N 453 
TYR C   O    doub N N 454 
TYR C   OXT  sing N N 455 
TYR CB  CG   sing N N 456 
TYR CB  HB2  sing N N 457 
TYR CB  HB3  sing N N 458 
TYR CG  CD1  doub Y N 459 
TYR CG  CD2  sing Y N 460 
TYR CD1 CE1  sing Y N 461 
TYR CD1 HD1  sing N N 462 
TYR CD2 CE2  doub Y N 463 
TYR CD2 HD2  sing N N 464 
TYR CE1 CZ   doub Y N 465 
TYR CE1 HE1  sing N N 466 
TYR CE2 CZ   sing Y N 467 
TYR CE2 HE2  sing N N 468 
TYR CZ  OH   sing N N 469 
TYR OH  HH   sing N N 470 
TYR OXT HXT  sing N N 471 
VAL N   CA   sing N N 472 
VAL N   H    sing N N 473 
VAL N   H2   sing N N 474 
VAL CA  C    sing N N 475 
VAL CA  CB   sing N N 476 
VAL CA  HA   sing N N 477 
VAL C   O    doub N N 478 
VAL C   OXT  sing N N 479 
VAL CB  CG1  sing N N 480 
VAL CB  CG2  sing N N 481 
VAL CB  HB   sing N N 482 
VAL CG1 HG11 sing N N 483 
VAL CG1 HG12 sing N N 484 
VAL CG1 HG13 sing N N 485 
VAL CG2 HG21 sing N N 486 
VAL CG2 HG22 sing N N 487 
VAL CG2 HG23 sing N N 488 
VAL OXT HXT  sing N N 489 
# 
_atom_sites.entry_id                    3LPT 
_atom_sites.fract_transf_matrix[1][1]   0.01488412 
_atom_sites.fract_transf_matrix[1][2]   -0.00563599 
_atom_sites.fract_transf_matrix[1][3]   0.00197664 
_atom_sites.fract_transf_matrix[2][1]   0.00662672 
_atom_sites.fract_transf_matrix[2][2]   -0.00927526 
_atom_sites.fract_transf_matrix[2][3]   -0.01128156 
_atom_sites.fract_transf_matrix[3][1]   0.00561552 
_atom_sites.fract_transf_matrix[3][2]   0.01240886 
_atom_sites.fract_transf_matrix[3][3]   -0.00690355 
_atom_sites.fract_transf_vector[1]      0.516000 
_atom_sites.fract_transf_vector[2]      0.421447 
_atom_sites.fract_transf_vector[3]      -0.123244 
# 
loop_
_atom_type.symbol 
AS 
C  
CA 
CL 
N  
O  
S  
# 
loop_
_atom_site.group_PDB 
_atom_site.id 
_atom_site.type_symbol 
_atom_site.label_atom_id 
_atom_site.label_alt_id 
_atom_site.label_comp_id 
_atom_site.label_asym_id 
_atom_site.label_entity_id 
_atom_site.label_seq_id 
_atom_site.pdbx_PDB_ins_code 
_atom_site.Cartn_x 
_atom_site.Cartn_y 
_atom_site.Cartn_z 
_atom_site.occupancy 
_atom_site.B_iso_or_equiv 
_atom_site.pdbx_formal_charge 
_atom_site.auth_seq_id 
_atom_site.auth_comp_id 
_atom_site.auth_asym_id 
_atom_site.auth_atom_id 
_atom_site.pdbx_PDB_model_num 
ATOM   1    N  N   . ASP A 1 9   ? -6.651  2.467   12.557  1.00 48.54  ? 55  ASP A N   1 
ATOM   2    C  CA  . ASP A 1 9   ? -6.605  3.942   12.776  1.00 48.59  ? 55  ASP A CA  1 
ATOM   3    C  C   . ASP A 1 9   ? -7.563  4.635   11.797  1.00 48.03  ? 55  ASP A C   1 
ATOM   4    O  O   . ASP A 1 9   ? -8.295  3.956   11.068  1.00 48.35  ? 55  ASP A O   1 
ATOM   5    C  CB  . ASP A 1 9   ? -5.167  4.452   12.626  1.00 49.04  ? 55  ASP A CB  1 
ATOM   6    C  CG  . ASP A 1 9   ? -4.705  5.280   13.821  1.00 50.20  ? 55  ASP A CG  1 
ATOM   7    O  OD1 . ASP A 1 9   ? -5.563  5.798   14.570  1.00 52.06  ? 55  ASP A OD1 1 
ATOM   8    O  OD2 . ASP A 1 9   ? -3.474  5.413   14.015  1.00 51.49  ? 55  ASP A OD2 1 
ATOM   9    N  N   . CYS A 1 10  ? -7.587  5.970   11.783  1.00 47.07  ? 56  CYS A N   1 
ATOM   10   C  CA  . CYS A 1 10  ? -8.557  6.690   10.938  1.00 45.78  ? 56  CYS A CA  1 
ATOM   11   C  C   . CYS A 1 10  ? -8.125  8.062   10.402  1.00 44.00  ? 56  CYS A C   1 
ATOM   12   O  O   . CYS A 1 10  ? -8.857  8.667   9.617   1.00 44.01  ? 56  CYS A O   1 
ATOM   13   C  CB  . CYS A 1 10  ? -9.920  6.801   11.642  1.00 46.24  ? 56  CYS A CB  1 
ATOM   14   S  SG  . CYS A 1 10  ? -10.089 8.191   12.798  1.00 49.15  ? 56  CYS A SG  1 
ATOM   15   N  N   . SER A 1 11  ? -6.956  8.552   10.814  1.00 41.37  ? 57  SER A N   1 
ATOM   16   C  CA  . SER A 1 11  ? -6.422  9.800   10.256  1.00 39.03  ? 57  SER A CA  1 
ATOM   17   C  C   . SER A 1 11  ? -6.135  9.617   8.753   1.00 36.68  ? 57  SER A C   1 
ATOM   18   O  O   . SER A 1 11  ? -5.662  8.555   8.342   1.00 36.65  ? 57  SER A O   1 
ATOM   19   C  CB  . SER A 1 11  ? -5.171  10.238  11.018  1.00 39.28  ? 57  SER A CB  1 
ATOM   20   O  OG  . SER A 1 11  ? -4.578  11.392  10.440  1.00 41.00  ? 57  SER A OG  1 
ATOM   21   N  N   . PRO A 1 12  ? -6.446  10.639  7.927   1.00 34.06  ? 58  PRO A N   1 
ATOM   22   C  CA  . PRO A 1 12  ? -6.377  10.485  6.461   1.00 32.02  ? 58  PRO A CA  1 
ATOM   23   C  C   . PRO A 1 12  ? -4.968  10.446  5.856   1.00 29.76  ? 58  PRO A C   1 
ATOM   24   O  O   . PRO A 1 12  ? -4.820  10.210  4.655   1.00 29.07  ? 58  PRO A O   1 
ATOM   25   C  CB  . PRO A 1 12  ? -7.121  11.717  5.944   1.00 31.93  ? 58  PRO A CB  1 
ATOM   26   C  CG  . PRO A 1 12  ? -7.014  12.712  7.035   1.00 33.44  ? 58  PRO A CG  1 
ATOM   27   C  CD  . PRO A 1 12  ? -7.040  11.934  8.312   1.00 34.03  ? 58  PRO A CD  1 
ATOM   28   N  N   . GLY A 1 13  ? -3.951  10.679  6.671   1.00 27.37  ? 59  GLY A N   1 
ATOM   29   C  CA  . GLY A 1 13  ? -2.582  10.672  6.171   1.00 25.50  ? 59  GLY A CA  1 
ATOM   30   C  C   . GLY A 1 13  ? -1.849  9.383   6.473   1.00 23.19  ? 59  GLY A C   1 
ATOM   31   O  O   . GLY A 1 13  ? -0.676  9.258   6.142   1.00 22.31  ? 59  GLY A O   1 
ATOM   32   N  N   . ILE A 1 14  ? -2.540  8.420   7.090   1.00 21.96  ? 60  ILE A N   1 
ATOM   33   C  CA  . ILE A 1 14  ? -1.887  7.191   7.564   1.00 20.93  ? 60  ILE A CA  1 
ATOM   34   C  C   . ILE A 1 14  ? -1.959  6.072   6.539   1.00 19.75  ? 60  ILE A C   1 
ATOM   35   O  O   . ILE A 1 14  ? -3.039  5.712   6.068   1.00 19.01  ? 60  ILE A O   1 
ATOM   36   C  CB  . ILE A 1 14  ? -2.478  6.655   8.909   1.00 21.44  ? 60  ILE A CB  1 
ATOM   37   C  CG1 . ILE A 1 14  ? -2.309  7.681   10.030  1.00 23.33  ? 60  ILE A CG1 1 
ATOM   38   C  CG2 . ILE A 1 14  ? -1.774  5.340   9.301   1.00 20.66  ? 60  ILE A CG2 1 
ATOM   39   C  CD1 . ILE A 1 14  ? -3.177  7.413   11.268  1.00 25.48  ? 60  ILE A CD1 1 
ATOM   40   N  N   . TRP A 1 15  ? -0.794  5.530   6.212   1.00 18.24  ? 61  TRP A N   1 
ATOM   41   C  CA  . TRP A 1 15  ? -0.687  4.423   5.294   1.00 17.85  ? 61  TRP A CA  1 
ATOM   42   C  C   . TRP A 1 15  ? 0.050   3.276   5.974   1.00 19.05  ? 61  TRP A C   1 
ATOM   43   O  O   . TRP A 1 15  ? 0.907   3.502   6.842   1.00 19.59  ? 61  TRP A O   1 
ATOM   44   C  CB  . TRP A 1 15  ? 0.041   4.853   4.026   1.00 16.59  ? 61  TRP A CB  1 
ATOM   45   C  CG  . TRP A 1 15  ? -0.754  5.776   3.160   1.00 14.24  ? 61  TRP A CG  1 
ATOM   46   C  CD1 . TRP A 1 15  ? -0.981  7.118   3.367   1.00 14.16  ? 61  TRP A CD1 1 
ATOM   47   C  CD2 . TRP A 1 15  ? -1.431  5.439   1.948   1.00 12.34  ? 61  TRP A CD2 1 
ATOM   48   N  NE1 . TRP A 1 15  ? -1.745  7.632   2.337   1.00 13.29  ? 61  TRP A NE1 1 
ATOM   49   C  CE2 . TRP A 1 15  ? -2.045  6.621   1.463   1.00 13.56  ? 61  TRP A CE2 1 
ATOM   50   C  CE3 . TRP A 1 15  ? -1.579  4.257   1.221   1.00 11.76  ? 61  TRP A CE3 1 
ATOM   51   C  CZ2 . TRP A 1 15  ? -2.798  6.646   0.286   1.00 12.34  ? 61  TRP A CZ2 1 
ATOM   52   C  CZ3 . TRP A 1 15  ? -2.326  4.289   0.033   1.00 14.12  ? 61  TRP A CZ3 1 
ATOM   53   C  CH2 . TRP A 1 15  ? -2.922  5.476   -0.413  1.00 12.91  ? 61  TRP A CH2 1 
ATOM   54   N  N   . GLN A 1 16  ? -0.304  2.055   5.587   1.00 19.75  ? 62  GLN A N   1 
ATOM   55   C  CA  . GLN A 1 16  ? 0.373   0.850   6.049   1.00 20.86  ? 62  GLN A CA  1 
ATOM   56   C  C   . GLN A 1 16  ? 1.085   0.218   4.852   1.00 20.96  ? 62  GLN A C   1 
ATOM   57   O  O   . GLN A 1 16  ? 0.463   0.001   3.811   1.00 20.60  ? 62  GLN A O   1 
ATOM   58   C  CB  . GLN A 1 16  ? -0.650  -0.133  6.628   1.00 21.33  ? 62  GLN A CB  1 
ATOM   59   C  CG  . GLN A 1 16  ? -0.104  -1.548  6.833   1.00 24.92  ? 62  GLN A CG  1 
ATOM   60   C  CD  . GLN A 1 16  ? 0.323   -1.830  8.264   1.00 28.05  ? 62  GLN A CD  1 
ATOM   61   O  OE1 . GLN A 1 16  ? 0.073   -1.037  9.166   1.00 30.38  ? 62  GLN A OE1 1 
ATOM   62   N  NE2 . GLN A 1 16  ? 0.929   -2.997  8.481   1.00 28.81  ? 62  GLN A NE2 1 
ATOM   63   N  N   A LEU A 1 17  ? 2.368   -0.106  5.014   0.60 20.71  ? 63  LEU A N   1 
ATOM   64   N  N   B LEU A 1 17  ? 2.382   -0.033  4.991   0.40 20.78  ? 63  LEU A N   1 
ATOM   65   C  CA  A LEU A 1 17  ? 3.188   -0.618  3.911   0.60 21.08  ? 63  LEU A CA  1 
ATOM   66   C  CA  B LEU A 1 17  ? 3.146   -0.666  3.924   0.40 20.99  ? 63  LEU A CA  1 
ATOM   67   C  C   A LEU A 1 17  ? 3.905   -1.931  4.260   0.60 21.53  ? 63  LEU A C   1 
ATOM   68   C  C   B LEU A 1 17  ? 3.716   -1.998  4.379   0.40 21.46  ? 63  LEU A C   1 
ATOM   69   O  O   A LEU A 1 17  ? 4.726   -1.958  5.185   0.60 21.14  ? 63  LEU A O   1 
ATOM   70   O  O   B LEU A 1 17  ? 4.226   -2.119  5.495   0.40 21.15  ? 63  LEU A O   1 
ATOM   71   C  CB  A LEU A 1 17  ? 4.207   0.453   3.491   0.60 21.26  ? 63  LEU A CB  1 
ATOM   72   C  CB  B LEU A 1 17  ? 4.264   0.253   3.419   0.40 21.06  ? 63  LEU A CB  1 
ATOM   73   C  CG  A LEU A 1 17  ? 5.132   0.185   2.304   0.60 21.55  ? 63  LEU A CG  1 
ATOM   74   C  CG  B LEU A 1 17  ? 3.930   1.189   2.253   0.40 20.68  ? 63  LEU A CG  1 
ATOM   75   C  CD1 A LEU A 1 17  ? 4.305   0.155   1.030   0.60 21.74  ? 63  LEU A CD1 1 
ATOM   76   C  CD1 B LEU A 1 17  ? 2.987   2.302   2.674   0.40 20.79  ? 63  LEU A CD1 1 
ATOM   77   C  CD2 A LEU A 1 17  ? 6.224   1.248   2.206   0.60 20.28  ? 63  LEU A CD2 1 
ATOM   78   C  CD2 B LEU A 1 17  ? 5.208   1.758   1.638   0.40 20.28  ? 63  LEU A CD2 1 
ATOM   79   N  N   . ASP A 1 18  ? 3.602   -3.001  3.515   1.00 21.48  ? 64  ASP A N   1 
ATOM   80   C  CA  . ASP A 1 18  ? 4.187   -4.333  3.760   1.00 23.12  ? 64  ASP A CA  1 
ATOM   81   C  C   . ASP A 1 18  ? 4.580   -5.019  2.456   1.00 23.10  ? 64  ASP A C   1 
ATOM   82   O  O   . ASP A 1 18  ? 4.147   -4.611  1.366   1.00 22.82  ? 64  ASP A O   1 
ATOM   83   C  CB  . ASP A 1 18  ? 3.199   -5.244  4.519   1.00 23.72  ? 64  ASP A CB  1 
ATOM   84   C  CG  . ASP A 1 18  ? 2.906   -4.749  5.918   1.00 27.78  ? 64  ASP A CG  1 
ATOM   85   O  OD1 . ASP A 1 18  ? 3.799   -4.850  6.790   1.00 31.54  ? 64  ASP A OD1 1 
ATOM   86   O  OD2 . ASP A 1 18  ? 1.790   -4.237  6.140   1.00 31.44  ? 64  ASP A OD2 1 
HETATM 87   N  N   . CAF A 1 19  ? 5.393   -6.068  2.564   0.60 23.42  ? 65  CAF A N   1 
HETATM 88   C  CA  . CAF A 1 19  ? 5.663   -6.936  1.423   0.60 24.42  ? 65  CAF A CA  1 
HETATM 89   C  CB  . CAF A 1 19  ? 7.145   -7.108  1.102   0.60 24.48  ? 65  CAF A CB  1 
HETATM 90   C  C   . CAF A 1 19  ? 5.072   -8.291  1.698   0.60 25.51  ? 65  CAF A C   1 
HETATM 91   O  O   . CAF A 1 19  ? 5.078   -8.768  2.837   0.60 25.02  ? 65  CAF A O   1 
HETATM 92   S  SG  . CAF A 1 19  ? 7.834   -5.608  0.497   0.60 24.42  ? 65  CAF A SG  1 
HETATM 93   AS AS  . CAF A 1 19  ? 8.732   -4.732  2.345   0.60 28.05  ? 65  CAF A AS  1 
HETATM 94   C  CE1 . CAF A 1 19  ? 10.316  -4.171  1.297   0.60 26.01  ? 65  CAF A CE1 1 
HETATM 95   O  O1  . CAF A 1 19  ? 7.949   -2.938  2.156   0.60 27.90  ? 65  CAF A O1  1 
ATOM   96   N  N   . THR A 1 20  ? 4.521   -8.900  0.654   1.00 27.42  ? 66  THR A N   1 
ATOM   97   C  CA  . THR A 1 20  ? 4.163   -10.313 0.682   1.00 29.16  ? 66  THR A CA  1 
ATOM   98   C  C   . THR A 1 20  ? 4.931   -11.069 -0.386  1.00 30.15  ? 66  THR A C   1 
ATOM   99   O  O   . THR A 1 20  ? 5.519   -10.468 -1.287  1.00 30.04  ? 66  THR A O   1 
ATOM   100  C  CB  . THR A 1 20  ? 2.639   -10.597 0.492   1.00 29.58  ? 66  THR A CB  1 
ATOM   101  O  OG1 . THR A 1 20  ? 2.004   -9.575  -0.293  1.00 30.83  ? 66  THR A OG1 1 
ATOM   102  C  CG2 . THR A 1 20  ? 1.957   -10.726 1.808   1.00 29.62  ? 66  THR A CG2 1 
ATOM   103  N  N   . HIS A 1 21  ? 4.908   -12.394 -0.273  1.00 31.33  ? 67  HIS A N   1 
ATOM   104  C  CA  . HIS A 1 21  ? 5.577   -13.277 -1.211  1.00 32.65  ? 67  HIS A CA  1 
ATOM   105  C  C   . HIS A 1 21  ? 4.524   -14.099 -1.933  1.00 32.54  ? 67  HIS A C   1 
ATOM   106  O  O   . HIS A 1 21  ? 3.552   -14.537 -1.331  1.00 32.92  ? 67  HIS A O   1 
ATOM   107  C  CB  . HIS A 1 21  ? 6.539   -14.213 -0.476  1.00 33.20  ? 67  HIS A CB  1 
ATOM   108  C  CG  . HIS A 1 21  ? 7.796   -13.550 -0.011  1.00 35.58  ? 67  HIS A CG  1 
ATOM   109  N  ND1 . HIS A 1 21  ? 7.797   -12.488 0.870   1.00 38.02  ? 67  HIS A ND1 1 
ATOM   110  C  CD2 . HIS A 1 21  ? 9.096   -13.813 -0.285  1.00 37.22  ? 67  HIS A CD2 1 
ATOM   111  C  CE1 . HIS A 1 21  ? 9.043   -12.116 1.105   1.00 39.45  ? 67  HIS A CE1 1 
ATOM   112  N  NE2 . HIS A 1 21  ? 9.850   -12.905 0.419   1.00 40.03  ? 67  HIS A NE2 1 
ATOM   113  N  N   . LEU A 1 22  ? 4.727   -14.288 -3.229  1.00 33.06  ? 68  LEU A N   1 
ATOM   114  C  CA  . LEU A 1 22  ? 3.843   -15.092 -4.050  1.00 33.43  ? 68  LEU A CA  1 
ATOM   115  C  C   . LEU A 1 22  ? 4.613   -15.540 -5.275  1.00 33.56  ? 68  LEU A C   1 
ATOM   116  O  O   . LEU A 1 22  ? 5.265   -14.726 -5.936  1.00 33.24  ? 68  LEU A O   1 
ATOM   117  C  CB  . LEU A 1 22  ? 2.608   -14.281 -4.462  1.00 33.53  ? 68  LEU A CB  1 
ATOM   118  C  CG  . LEU A 1 22  ? 1.365   -14.989 -5.004  1.00 34.04  ? 68  LEU A CG  1 
ATOM   119  C  CD1 . LEU A 1 22  ? 0.756   -15.979 -3.991  1.00 35.45  ? 68  LEU A CD1 1 
ATOM   120  C  CD2 . LEU A 1 22  ? 0.349   -13.940 -5.375  1.00 33.51  ? 68  LEU A CD2 1 
ATOM   121  N  N   . GLU A 1 23  ? 4.548   -16.841 -5.563  1.00 33.93  ? 69  GLU A N   1 
ATOM   122  C  CA  . GLU A 1 23  ? 5.220   -17.431 -6.726  1.00 34.25  ? 69  GLU A CA  1 
ATOM   123  C  C   . GLU A 1 23  ? 6.710   -17.114 -6.762  1.00 33.84  ? 69  GLU A C   1 
ATOM   124  O  O   . GLU A 1 23  ? 7.272   -16.842 -7.825  1.00 34.35  ? 69  GLU A O   1 
ATOM   125  C  CB  . GLU A 1 23  ? 4.550   -16.974 -8.031  1.00 34.48  ? 69  GLU A CB  1 
ATOM   126  C  CG  . GLU A 1 23  ? 3.129   -17.481 -8.212  1.00 35.72  ? 69  GLU A CG  1 
ATOM   127  C  CD  . GLU A 1 23  ? 2.438   -16.895 -9.436  1.00 36.58  ? 69  GLU A CD  1 
ATOM   128  O  OE1 . GLU A 1 23  ? 3.120   -16.352 -10.338 1.00 37.42  ? 69  GLU A OE1 1 
ATOM   129  O  OE2 . GLU A 1 23  ? 1.197   -16.990 -9.493  1.00 37.40  ? 69  GLU A OE2 1 
ATOM   130  N  N   . GLY A 1 24  ? 7.350   -17.151 -5.597  1.00 33.58  ? 70  GLY A N   1 
ATOM   131  C  CA  . GLY A 1 24  ? 8.759   -16.776 -5.486  1.00 32.59  ? 70  GLY A CA  1 
ATOM   132  C  C   . GLY A 1 24  ? 9.003   -15.321 -5.845  1.00 31.87  ? 70  GLY A C   1 
ATOM   133  O  O   . GLY A 1 24  ? 10.135  -14.929 -6.162  1.00 32.25  ? 70  GLY A O   1 
ATOM   134  N  N   . LYS A 1 25  ? 7.938   -14.520 -5.817  1.00 30.36  ? 71  LYS A N   1 
ATOM   135  C  CA  . LYS A 1 25  ? 8.048   -13.095 -6.100  1.00 29.04  ? 71  LYS A CA  1 
ATOM   136  C  C   . LYS A 1 25  ? 7.583   -12.256 -4.914  1.00 27.02  ? 71  LYS A C   1 
ATOM   137  O  O   . LYS A 1 25  ? 6.925   -12.751 -4.008  1.00 26.97  ? 71  LYS A O   1 
ATOM   138  C  CB  . LYS A 1 25  ? 7.275   -12.720 -7.369  1.00 29.36  ? 71  LYS A CB  1 
ATOM   139  C  CG  . LYS A 1 25  ? 7.971   -13.136 -8.663  1.00 31.19  ? 71  LYS A CG  1 
ATOM   140  C  CD  . LYS A 1 25  ? 6.997   -13.157 -9.831  1.00 32.30  ? 71  LYS A CD  1 
ATOM   141  C  CE  . LYS A 1 25  ? 7.650   -13.742 -11.087 1.00 33.68  ? 71  LYS A CE  1 
ATOM   142  N  NZ  . LYS A 1 25  ? 7.885   -15.216 -10.954 1.00 34.04  ? 71  LYS A NZ  1 
ATOM   143  N  N   . VAL A 1 26  ? 7.931   -10.975 -4.950  1.00 25.43  ? 72  VAL A N   1 
ATOM   144  C  CA  . VAL A 1 26  ? 7.666   -10.053 -3.859  1.00 23.41  ? 72  VAL A CA  1 
ATOM   145  C  C   . VAL A 1 26  ? 6.650   -8.992  -4.292  1.00 22.24  ? 72  VAL A C   1 
ATOM   146  O  O   . VAL A 1 26  ? 6.811   -8.348  -5.325  1.00 21.13  ? 72  VAL A O   1 
ATOM   147  C  CB  . VAL A 1 26  ? 8.975   -9.370  -3.420  1.00 23.93  ? 72  VAL A CB  1 
ATOM   148  C  CG1 . VAL A 1 26  ? 8.717   -8.364  -2.301  1.00 23.21  ? 72  VAL A CG1 1 
ATOM   149  C  CG2 . VAL A 1 26  ? 10.009  -10.436 -2.991  1.00 23.31  ? 72  VAL A CG2 1 
ATOM   150  N  N   . ILE A 1 27  ? 5.608   -8.823  -3.493  1.00 21.00  ? 73  ILE A N   1 
ATOM   151  C  CA  . ILE A 1 27  ? 4.587   -7.831  -3.774  1.00 20.32  ? 73  ILE A CA  1 
ATOM   152  C  C   . ILE A 1 27  ? 4.599   -6.795  -2.674  1.00 19.72  ? 73  ILE A C   1 
ATOM   153  O  O   . ILE A 1 27  ? 4.468   -7.125  -1.491  1.00 20.10  ? 73  ILE A O   1 
ATOM   154  C  CB  . ILE A 1 27  ? 3.196   -8.459  -3.903  1.00 20.35  ? 73  ILE A CB  1 
ATOM   155  C  CG1 . ILE A 1 27  ? 3.218   -9.603  -4.921  1.00 20.68  ? 73  ILE A CG1 1 
ATOM   156  C  CG2 . ILE A 1 27  ? 2.150   -7.394  -4.295  1.00 18.62  ? 73  ILE A CG2 1 
ATOM   157  C  CD1 . ILE A 1 27  ? 2.021   -10.527 -4.795  1.00 22.34  ? 73  ILE A CD1 1 
ATOM   158  N  N   . LEU A 1 28  ? 4.799   -5.545  -3.063  1.00 19.20  ? 74  LEU A N   1 
ATOM   159  C  CA  . LEU A 1 28  ? 4.719   -4.456  -2.113  1.00 19.20  ? 74  LEU A CA  1 
ATOM   160  C  C   . LEU A 1 28  ? 3.271   -3.984  -2.056  1.00 18.58  ? 74  LEU A C   1 
ATOM   161  O  O   . LEU A 1 28  ? 2.680   -3.662  -3.100  1.00 18.79  ? 74  LEU A O   1 
ATOM   162  C  CB  . LEU A 1 28  ? 5.663   -3.326  -2.520  1.00 19.59  ? 74  LEU A CB  1 
ATOM   163  C  CG  . LEU A 1 28  ? 6.164   -2.462  -1.367  1.00 21.85  ? 74  LEU A CG  1 
ATOM   164  C  CD1 . LEU A 1 28  ? 7.322   -1.582  -1.811  1.00 24.19  ? 74  LEU A CD1 1 
ATOM   165  C  CD2 . LEU A 1 28  ? 5.042   -1.619  -0.869  1.00 24.63  ? 74  LEU A CD2 1 
ATOM   166  N  N   . VAL A 1 29  ? 2.691   -3.967  -0.857  1.00 17.91  ? 75  VAL A N   1 
ATOM   167  C  CA  . VAL A 1 29  ? 1.295   -3.532  -0.670  1.00 17.59  ? 75  VAL A CA  1 
ATOM   168  C  C   . VAL A 1 29  ? 1.217   -2.295  0.232   1.00 17.90  ? 75  VAL A C   1 
ATOM   169  O  O   . VAL A 1 29  ? 1.691   -2.323  1.372   1.00 17.69  ? 75  VAL A O   1 
ATOM   170  C  CB  . VAL A 1 29  ? 0.426   -4.657  -0.054  1.00 18.00  ? 75  VAL A CB  1 
ATOM   171  C  CG1 . VAL A 1 29  ? -1.066  -4.242  -0.003  1.00 16.48  ? 75  VAL A CG1 1 
ATOM   172  C  CG2 . VAL A 1 29  ? 0.615   -5.964  -0.837  1.00 17.86  ? 75  VAL A CG2 1 
ATOM   173  N  N   . ALA A 1 30  ? 0.632   -1.210  -0.280  1.00 16.73  ? 76  ALA A N   1 
ATOM   174  C  CA  . ALA A 1 30  ? 0.332   -0.031  0.546   1.00 16.68  ? 76  ALA A CA  1 
ATOM   175  C  C   . ALA A 1 30  ? -1.174  0.067   0.775   1.00 17.09  ? 76  ALA A C   1 
ATOM   176  O  O   . ALA A 1 30  ? -1.948  -0.046  -0.175  1.00 17.32  ? 76  ALA A O   1 
ATOM   177  C  CB  . ALA A 1 30  ? 0.845   1.236   -0.120  1.00 16.79  ? 76  ALA A CB  1 
ATOM   178  N  N   . VAL A 1 31  ? -1.590  0.227   2.032   1.00 16.87  ? 77  VAL A N   1 
ATOM   179  C  CA  . VAL A 1 31  ? -3.005  0.347   2.375   1.00 17.37  ? 77  VAL A CA  1 
ATOM   180  C  C   . VAL A 1 31  ? -3.282  1.709   3.012   1.00 17.37  ? 77  VAL A C   1 
ATOM   181  O  O   . VAL A 1 31  ? -2.636  2.082   3.998   1.00 16.49  ? 77  VAL A O   1 
ATOM   182  C  CB  . VAL A 1 31  ? -3.466  -0.774  3.340   1.00 18.21  ? 77  VAL A CB  1 
ATOM   183  C  CG1 . VAL A 1 31  ? -4.987  -0.693  3.577   1.00 19.04  ? 77  VAL A CG1 1 
ATOM   184  C  CG2 . VAL A 1 31  ? -3.077  -2.163  2.786   1.00 18.83  ? 77  VAL A CG2 1 
ATOM   185  N  N   . HIS A 1 32  ? -4.217  2.456   2.429   1.00 17.04  ? 78  HIS A N   1 
ATOM   186  C  CA  . HIS A 1 32  ? -4.731  3.639   3.082   1.00 17.87  ? 78  HIS A CA  1 
ATOM   187  C  C   . HIS A 1 32  ? -5.650  3.168   4.208   1.00 19.40  ? 78  HIS A C   1 
ATOM   188  O  O   . HIS A 1 32  ? -6.745  2.609   3.966   1.00 19.14  ? 78  HIS A O   1 
ATOM   189  C  CB  . HIS A 1 32  ? -5.491  4.548   2.114   1.00 17.75  ? 78  HIS A CB  1 
ATOM   190  C  CG  . HIS A 1 32  ? -5.881  5.862   2.716   1.00 18.07  ? 78  HIS A CG  1 
ATOM   191  N  ND1 . HIS A 1 32  ? -7.197  6.231   2.915   1.00 20.73  ? 78  HIS A ND1 1 
ATOM   192  C  CD2 . HIS A 1 32  ? -5.130  6.892   3.170   1.00 18.45  ? 78  HIS A CD2 1 
ATOM   193  C  CE1 . HIS A 1 32  ? -7.238  7.436   3.456   1.00 19.68  ? 78  HIS A CE1 1 
ATOM   194  N  NE2 . HIS A 1 32  ? -5.997  7.862   3.617   1.00 20.29  ? 78  HIS A NE2 1 
ATOM   195  N  N   . VAL A 1 33  ? -5.185  3.381   5.428   1.00 20.19  ? 79  VAL A N   1 
ATOM   196  C  CA  . VAL A 1 33  ? -5.831  2.815   6.601   1.00 22.21  ? 79  VAL A CA  1 
ATOM   197  C  C   . VAL A 1 33  ? -7.295  3.247   6.726   1.00 22.10  ? 79  VAL A C   1 
ATOM   198  O  O   . VAL A 1 33  ? -8.160  2.399   6.878   1.00 23.20  ? 79  VAL A O   1 
ATOM   199  C  CB  . VAL A 1 33  ? -5.005  3.094   7.882   1.00 21.79  ? 79  VAL A CB  1 
ATOM   200  C  CG1 . VAL A 1 33  ? -5.787  2.701   9.138   1.00 24.07  ? 79  VAL A CG1 1 
ATOM   201  C  CG2 . VAL A 1 33  ? -3.674  2.318   7.812   1.00 22.60  ? 79  VAL A CG2 1 
ATOM   202  N  N   . ALA A 1 34  ? -7.564  4.548   6.607   1.00 22.60  ? 80  ALA A N   1 
ATOM   203  C  CA  . ALA A 1 34  ? -8.935  5.083   6.765   1.00 22.63  ? 80  ALA A CA  1 
ATOM   204  C  C   . ALA A 1 34  ? -9.948  4.531   5.750   1.00 22.65  ? 80  ALA A C   1 
ATOM   205  O  O   . ALA A 1 34  ? -11.124 4.341   6.082   1.00 22.67  ? 80  ALA A O   1 
ATOM   206  C  CB  . ALA A 1 34  ? -8.922  6.617   6.751   1.00 22.77  ? 80  ALA A CB  1 
ATOM   207  N  N   . SER A 1 35  ? -9.491  4.235   4.529   1.00 21.77  ? 81  SER A N   1 
ATOM   208  C  CA  . SER A 1 35  ? -10.395 3.818   3.454   1.00 20.61  ? 81  SER A CA  1 
ATOM   209  C  C   . SER A 1 35  ? -10.358 2.348   3.045   1.00 20.17  ? 81  SER A C   1 
ATOM   210  O  O   . SER A 1 35  ? -11.322 1.865   2.450   1.00 20.88  ? 81  SER A O   1 
ATOM   211  C  CB  . SER A 1 35  ? -10.136 4.662   2.205   1.00 21.03  ? 81  SER A CB  1 
ATOM   212  O  OG  . SER A 1 35  ? -8.869  4.326   1.663   1.00 19.74  ? 81  SER A OG  1 
ATOM   213  N  N   . GLY A 1 36  ? -9.246  1.661   3.299   1.00 18.86  ? 82  GLY A N   1 
ATOM   214  C  CA  . GLY A 1 36  ? -9.036  0.300   2.787   1.00 18.58  ? 82  GLY A CA  1 
ATOM   215  C  C   . GLY A 1 36  ? -8.511  0.280   1.347   1.00 18.09  ? 82  GLY A C   1 
ATOM   216  O  O   . GLY A 1 36  ? -8.297  -0.778  0.774   1.00 17.59  ? 82  GLY A O   1 
ATOM   217  N  N   . TYR A 1 37  ? -8.327  1.461   0.764   1.00 17.17  ? 83  TYR A N   1 
ATOM   218  C  CA  . TYR A 1 37  ? -7.779  1.597   -0.591  1.00 16.94  ? 83  TYR A CA  1 
ATOM   219  C  C   . TYR A 1 37  ? -6.360  1.043   -0.673  1.00 16.41  ? 83  TYR A C   1 
ATOM   220  O  O   . TYR A 1 37  ? -5.545  1.325   0.189   1.00 15.44  ? 83  TYR A O   1 
ATOM   221  C  CB  . TYR A 1 37  ? -7.775  3.074   -1.001  1.00 16.78  ? 83  TYR A CB  1 
ATOM   222  C  CG  . TYR A 1 37  ? -6.955  3.374   -2.229  1.00 17.65  ? 83  TYR A CG  1 
ATOM   223  C  CD1 . TYR A 1 37  ? -7.533  3.400   -3.494  1.00 19.78  ? 83  TYR A CD1 1 
ATOM   224  C  CD2 . TYR A 1 37  ? -5.599  3.661   -2.114  1.00 18.45  ? 83  TYR A CD2 1 
ATOM   225  C  CE1 . TYR A 1 37  ? -6.769  3.704   -4.612  1.00 21.21  ? 83  TYR A CE1 1 
ATOM   226  C  CE2 . TYR A 1 37  ? -4.844  3.948   -3.204  1.00 20.55  ? 83  TYR A CE2 1 
ATOM   227  C  CZ  . TYR A 1 37  ? -5.424  3.974   -4.447  1.00 22.15  ? 83  TYR A CZ  1 
ATOM   228  O  OH  . TYR A 1 37  ? -4.621  4.255   -5.515  1.00 24.80  ? 83  TYR A OH  1 
ATOM   229  N  N   . ILE A 1 38  ? -6.065  0.276   -1.720  1.00 16.65  ? 84  ILE A N   1 
ATOM   230  C  CA  . ILE A 1 38  ? -4.737  -0.300  -1.856  1.00 17.43  ? 84  ILE A CA  1 
ATOM   231  C  C   . ILE A 1 38  ? -3.989  0.119   -3.125  1.00 17.59  ? 84  ILE A C   1 
ATOM   232  O  O   . ILE A 1 38  ? -4.592  0.430   -4.161  1.00 16.26  ? 84  ILE A O   1 
ATOM   233  C  CB  . ILE A 1 38  ? -4.741  -1.859  -1.739  1.00 17.81  ? 84  ILE A CB  1 
ATOM   234  C  CG1 . ILE A 1 38  ? -5.573  -2.487  -2.858  1.00 19.44  ? 84  ILE A CG1 1 
ATOM   235  C  CG2 . ILE A 1 38  ? -5.202  -2.306  -0.337  1.00 17.91  ? 84  ILE A CG2 1 
ATOM   236  C  CD1 . ILE A 1 38  ? -5.135  -3.891  -3.233  1.00 25.80  ? 84  ILE A CD1 1 
ATOM   237  N  N   . GLU A 1 39  ? -2.663  0.133   -3.014  1.00 18.06  ? 85  GLU A N   1 
ATOM   238  C  CA  . GLU A 1 39  ? -1.783  0.209   -4.175  1.00 20.10  ? 85  GLU A CA  1 
ATOM   239  C  C   . GLU A 1 39  ? -0.791  -0.888  -3.963  1.00 20.83  ? 85  GLU A C   1 
ATOM   240  O  O   . GLU A 1 39  ? -0.349  -1.120  -2.832  1.00 20.80  ? 85  GLU A O   1 
ATOM   241  C  CB  . GLU A 1 39  ? -1.021  1.522   -4.226  1.00 20.84  ? 85  GLU A CB  1 
ATOM   242  C  CG  . GLU A 1 39  ? -1.892  2.722   -4.196  1.00 23.83  ? 85  GLU A CG  1 
ATOM   243  C  CD  . GLU A 1 39  ? -1.276  3.882   -4.908  1.00 27.10  ? 85  GLU A CD  1 
ATOM   244  O  OE1 . GLU A 1 39  ? -0.051  3.844   -5.178  1.00 28.20  ? 85  GLU A OE1 1 
ATOM   245  O  OE2 . GLU A 1 39  ? -2.023  4.828   -5.197  1.00 28.64  ? 85  GLU A OE2 1 
ATOM   246  N  N   . ALA A 1 40  ? -0.439  -1.586  -5.027  1.00 21.36  ? 86  ALA A N   1 
ATOM   247  C  CA  . ALA A 1 40  ? 0.475   -2.702  -4.869  1.00 22.64  ? 86  ALA A CA  1 
ATOM   248  C  C   . ALA A 1 40  ? 1.207   -2.904  -6.148  1.00 23.76  ? 86  ALA A C   1 
ATOM   249  O  O   . ALA A 1 40  ? 0.739   -2.482  -7.208  1.00 24.04  ? 86  ALA A O   1 
ATOM   250  C  CB  . ALA A 1 40  ? -0.277  -3.996  -4.483  1.00 22.96  ? 86  ALA A CB  1 
ATOM   251  N  N   . GLU A 1 41  ? 2.381   -3.516  -6.046  1.00 23.90  ? 87  GLU A N   1 
ATOM   252  C  CA  . GLU A 1 41  ? 3.044   -4.051  -7.217  1.00 24.78  ? 87  GLU A CA  1 
ATOM   253  C  C   . GLU A 1 41  ? 4.081   -5.089  -6.877  1.00 24.12  ? 87  GLU A C   1 
ATOM   254  O  O   . GLU A 1 41  ? 4.611   -5.122  -5.770  1.00 22.42  ? 87  GLU A O   1 
ATOM   255  C  CB  . GLU A 1 41  ? 3.666   -2.959  -8.079  1.00 25.79  ? 87  GLU A CB  1 
ATOM   256  C  CG  . GLU A 1 41  ? 4.500   -1.927  -7.372  1.00 28.08  ? 87  GLU A CG  1 
ATOM   257  C  CD  . GLU A 1 41  ? 4.515   -0.645  -8.188  1.00 33.59  ? 87  GLU A CD  1 
ATOM   258  O  OE1 . GLU A 1 41  ? 5.269   -0.582  -9.185  1.00 37.03  ? 87  GLU A OE1 1 
ATOM   259  O  OE2 . GLU A 1 41  ? 3.731   0.275   -7.872  1.00 34.71  ? 87  GLU A OE2 1 
ATOM   260  N  N   . VAL A 1 42  ? 4.334   -5.953  -7.851  1.00 25.04  ? 88  VAL A N   1 
ATOM   261  C  CA  . VAL A 1 42  ? 5.460   -6.864  -7.807  1.00 25.03  ? 88  VAL A CA  1 
ATOM   262  C  C   . VAL A 1 42  ? 6.733   -6.037  -7.922  1.00 25.72  ? 88  VAL A C   1 
ATOM   263  O  O   . VAL A 1 42  ? 6.883   -5.218  -8.837  1.00 25.29  ? 88  VAL A O   1 
ATOM   264  C  CB  . VAL A 1 42  ? 5.413   -7.876  -8.960  1.00 25.28  ? 88  VAL A CB  1 
ATOM   265  C  CG1 . VAL A 1 42  ? 6.698   -8.698  -8.993  1.00 23.95  ? 88  VAL A CG1 1 
ATOM   266  C  CG2 . VAL A 1 42  ? 4.201   -8.792  -8.815  1.00 25.65  ? 88  VAL A CG2 1 
ATOM   267  N  N   . ILE A 1 43  ? 7.646   -6.231  -6.982  1.00 25.91  ? 89  ILE A N   1 
ATOM   268  C  CA  . ILE A 1 43  ? 8.946   -5.599  -7.096  1.00 27.27  ? 89  ILE A CA  1 
ATOM   269  C  C   . ILE A 1 43  ? 10.009  -6.652  -7.380  1.00 28.69  ? 89  ILE A C   1 
ATOM   270  O  O   . ILE A 1 43  ? 9.846   -7.815  -7.002  1.00 28.10  ? 89  ILE A O   1 
ATOM   271  C  CB  . ILE A 1 43  ? 9.293   -4.724  -5.867  1.00 26.87  ? 89  ILE A CB  1 
ATOM   272  C  CG1 . ILE A 1 43  ? 9.203   -5.523  -4.565  1.00 25.59  ? 89  ILE A CG1 1 
ATOM   273  C  CG2 . ILE A 1 43  ? 8.386   -3.488  -5.836  1.00 27.02  ? 89  ILE A CG2 1 
ATOM   274  C  CD1 . ILE A 1 43  ? 9.690   -4.758  -3.353  1.00 25.80  ? 89  ILE A CD1 1 
ATOM   275  N  N   . PRO A 1 44  ? 11.086  -6.258  -8.088  1.00 30.64  ? 90  PRO A N   1 
ATOM   276  C  CA  . PRO A 1 44  ? 12.162  -7.193  -8.391  1.00 31.46  ? 90  PRO A CA  1 
ATOM   277  C  C   . PRO A 1 44  ? 12.694  -7.903  -7.142  1.00 32.22  ? 90  PRO A C   1 
ATOM   278  O  O   . PRO A 1 44  ? 12.842  -9.124  -7.151  1.00 33.45  ? 90  PRO A O   1 
ATOM   279  C  CB  . PRO A 1 44  ? 13.235  -6.292  -8.996  1.00 31.91  ? 90  PRO A CB  1 
ATOM   280  C  CG  . PRO A 1 44  ? 12.477  -5.206  -9.654  1.00 31.74  ? 90  PRO A CG  1 
ATOM   281  C  CD  . PRO A 1 44  ? 11.299  -4.951  -8.742  1.00 30.96  ? 90  PRO A CD  1 
ATOM   282  N  N   . ALA A 1 45  ? 12.978  -7.151  -6.080  1.00 32.32  ? 91  ALA A N   1 
ATOM   283  C  CA  . ALA A 1 45  ? 13.425  -7.746  -4.815  1.00 32.29  ? 91  ALA A CA  1 
ATOM   284  C  C   . ALA A 1 45  ? 13.079  -6.857  -3.634  1.00 31.92  ? 91  ALA A C   1 
ATOM   285  O  O   . ALA A 1 45  ? 12.832  -5.667  -3.795  1.00 32.25  ? 91  ALA A O   1 
ATOM   286  C  CB  . ALA A 1 45  ? 14.929  -8.031  -4.846  1.00 32.57  ? 91  ALA A CB  1 
ATOM   287  N  N   . GLU A 1 46  ? 13.065  -7.451  -2.447  1.00 31.68  ? 92  GLU A N   1 
ATOM   288  C  CA  . GLU A 1 46  ? 12.731  -6.763  -1.212  1.00 31.35  ? 92  GLU A CA  1 
ATOM   289  C  C   . GLU A 1 46  ? 13.915  -5.921  -0.735  1.00 30.43  ? 92  GLU A C   1 
ATOM   290  O  O   . GLU A 1 46  ? 14.679  -6.377  0.115   1.00 30.82  ? 92  GLU A O   1 
ATOM   291  C  CB  . GLU A 1 46  ? 12.419  -7.819  -0.163  1.00 32.02  ? 92  GLU A CB  1 
ATOM   292  C  CG  . GLU A 1 46  ? 11.244  -7.531  0.743   1.00 33.75  ? 92  GLU A CG  1 
ATOM   293  C  CD  . GLU A 1 46  ? 10.663  -8.800  1.319   1.00 37.77  ? 92  GLU A CD  1 
ATOM   294  O  OE1 . GLU A 1 46  ? 9.890   -8.716  2.296   1.00 39.69  ? 92  GLU A OE1 1 
ATOM   295  O  OE2 . GLU A 1 46  ? 10.978  -9.892  0.791   1.00 40.34  ? 92  GLU A OE2 1 
ATOM   296  N  N   . THR A 1 47  ? 14.081  -4.716  -1.288  1.00 28.86  ? 93  THR A N   1 
ATOM   297  C  CA  . THR A 1 47  ? 15.205  -3.831  -0.914  1.00 27.30  ? 93  THR A CA  1 
ATOM   298  C  C   . THR A 1 47  ? 14.743  -2.420  -0.560  1.00 26.14  ? 93  THR A C   1 
ATOM   299  O  O   . THR A 1 47  ? 13.643  -2.008  -0.921  1.00 24.40  ? 93  THR A O   1 
ATOM   300  C  CB  . THR A 1 47  ? 16.237  -3.671  -2.053  1.00 27.77  ? 93  THR A CB  1 
ATOM   301  O  OG1 . THR A 1 47  ? 15.628  -2.988  -3.160  1.00 29.27  ? 93  THR A OG1 1 
ATOM   302  C  CG2 . THR A 1 47  ? 16.786  -5.019  -2.513  1.00 28.35  ? 93  THR A CG2 1 
ATOM   303  N  N   . GLY A 1 48  ? 15.616  -1.684  0.129   1.00 25.16  ? 94  GLY A N   1 
ATOM   304  C  CA  . GLY A 1 48  ? 15.370  -0.292  0.483   1.00 23.65  ? 94  GLY A CA  1 
ATOM   305  C  C   . GLY A 1 48  ? 15.184  0.616   -0.727  1.00 23.16  ? 94  GLY A C   1 
ATOM   306  O  O   . GLY A 1 48  ? 14.369  1.531   -0.691  1.00 22.46  ? 94  GLY A O   1 
ATOM   307  N  N   . GLN A 1 49  ? 15.937  0.358   -1.792  1.00 22.38  ? 95  GLN A N   1 
ATOM   308  C  CA  . GLN A 1 49  ? 15.780  1.089   -3.044  1.00 22.34  ? 95  GLN A CA  1 
ATOM   309  C  C   . GLN A 1 49  ? 14.347  0.983   -3.567  1.00 20.88  ? 95  GLN A C   1 
ATOM   310  O  O   . GLN A 1 49  ? 13.715  1.990   -3.848  1.00 20.34  ? 95  GLN A O   1 
ATOM   311  C  CB  . GLN A 1 49  ? 16.773  0.597   -4.110  1.00 22.94  ? 95  GLN A CB  1 
ATOM   312  C  CG  . GLN A 1 49  ? 18.173  1.197   -3.985  1.00 28.14  ? 95  GLN A CG  1 
ATOM   313  C  CD  . GLN A 1 49  ? 19.186  0.535   -4.901  1.00 32.27  ? 95  GLN A CD  1 
ATOM   314  O  OE1 . GLN A 1 49  ? 18.825  -0.225  -5.804  1.00 35.55  ? 95  GLN A OE1 1 
ATOM   315  N  NE2 . GLN A 1 49  ? 20.469  0.809   -4.665  1.00 34.91  ? 95  GLN A NE2 1 
ATOM   316  N  N   . GLU A 1 50  ? 13.847  -0.242  -3.683  1.00 19.94  ? 96  GLU A N   1 
ATOM   317  C  CA  . GLU A 1 50  ? 12.457  -0.502  -4.095  1.00 19.68  ? 96  GLU A CA  1 
ATOM   318  C  C   . GLU A 1 50  ? 11.411  0.160   -3.189  1.00 17.96  ? 96  GLU A C   1 
ATOM   319  O  O   . GLU A 1 50  ? 10.417  0.704   -3.672  1.00 16.95  ? 96  GLU A O   1 
ATOM   320  C  CB  . GLU A 1 50  ? 12.189  -2.016  -4.147  1.00 20.07  ? 96  GLU A CB  1 
ATOM   321  C  CG  . GLU A 1 50  ? 12.947  -2.736  -5.242  1.00 23.93  ? 96  GLU A CG  1 
ATOM   322  C  CD  . GLU A 1 50  ? 12.457  -2.377  -6.639  1.00 28.80  ? 96  GLU A CD  1 
ATOM   323  O  OE1 . GLU A 1 50  ? 11.258  -2.050  -6.816  1.00 30.70  ? 96  GLU A OE1 1 
ATOM   324  O  OE2 . GLU A 1 50  ? 13.282  -2.435  -7.572  1.00 32.08  ? 96  GLU A OE2 1 
ATOM   325  N  N   . THR A 1 51  ? 11.616  0.063   -1.878  1.00 16.47  ? 97  THR A N   1 
ATOM   326  C  CA  . THR A 1 51  ? 10.676  0.636   -0.911  1.00 16.18  ? 97  THR A CA  1 
ATOM   327  C  C   . THR A 1 51  ? 10.685  2.170   -1.022  1.00 15.41  ? 97  THR A C   1 
ATOM   328  O  O   . THR A 1 51  ? 9.628   2.807   -1.023  1.00 14.60  ? 97  THR A O   1 
ATOM   329  C  CB  . THR A 1 51  ? 11.043  0.207   0.527   1.00 16.12  ? 97  THR A CB  1 
ATOM   330  O  OG1 . THR A 1 51  ? 11.024  -1.224  0.598   1.00 18.14  ? 97  THR A OG1 1 
ATOM   331  C  CG2 . THR A 1 51  ? 10.076  0.784   1.567   1.00 16.69  ? 97  THR A CG2 1 
ATOM   332  N  N   . ALA A 1 52  ? 11.881  2.748   -1.119  1.00 14.40  ? 98  ALA A N   1 
ATOM   333  C  CA  . ALA A 1 52  ? 12.020  4.198   -1.131  1.00 14.39  ? 98  ALA A CA  1 
ATOM   334  C  C   . ALA A 1 52  ? 11.357  4.735   -2.384  1.00 14.78  ? 98  ALA A C   1 
ATOM   335  O  O   . ALA A 1 52  ? 10.668  5.759   -2.340  1.00 13.66  ? 98  ALA A O   1 
ATOM   336  C  CB  . ALA A 1 52  ? 13.516  4.602   -1.104  1.00 14.98  ? 98  ALA A CB  1 
ATOM   337  N  N   . TYR A 1 53  ? 11.558  4.021   -3.495  1.00 14.85  ? 99  TYR A N   1 
ATOM   338  C  CA  . TYR A 1 53  ? 10.971  4.394   -4.778  1.00 16.39  ? 99  TYR A CA  1 
ATOM   339  C  C   . TYR A 1 53  ? 9.448   4.325   -4.718  1.00 15.83  ? 99  TYR A C   1 
ATOM   340  O  O   . TYR A 1 53  ? 8.755   5.245   -5.155  1.00 15.18  ? 99  TYR A O   1 
ATOM   341  C  CB  . TYR A 1 53  ? 11.504  3.502   -5.905  1.00 16.62  ? 99  TYR A CB  1 
ATOM   342  C  CG  . TYR A 1 53  ? 10.951  3.862   -7.259  1.00 19.65  ? 99  TYR A CG  1 
ATOM   343  C  CD1 . TYR A 1 53  ? 11.382  5.015   -7.914  1.00 19.94  ? 99  TYR A CD1 1 
ATOM   344  C  CD2 . TYR A 1 53  ? 9.993   3.056   -7.886  1.00 22.63  ? 99  TYR A CD2 1 
ATOM   345  C  CE1 . TYR A 1 53  ? 10.881  5.365   -9.157  1.00 22.04  ? 99  TYR A CE1 1 
ATOM   346  C  CE2 . TYR A 1 53  ? 9.479   3.403   -9.146  1.00 24.29  ? 99  TYR A CE2 1 
ATOM   347  C  CZ  . TYR A 1 53  ? 9.937   4.565   -9.763  1.00 24.01  ? 99  TYR A CZ  1 
ATOM   348  O  OH  . TYR A 1 53  ? 9.465   4.949   -10.987 1.00 26.84  ? 99  TYR A OH  1 
ATOM   349  N  N   . PHE A 1 54  ? 8.929   3.228   -4.183  1.00 16.05  ? 100 PHE A N   1 
ATOM   350  C  CA  . PHE A 1 54  ? 7.486   3.094   -3.985  1.00 15.98  ? 100 PHE A CA  1 
ATOM   351  C  C   . PHE A 1 54  ? 6.913   4.255   -3.135  1.00 15.59  ? 100 PHE A C   1 
ATOM   352  O  O   . PHE A 1 54  ? 5.879   4.847   -3.491  1.00 13.27  ? 100 PHE A O   1 
ATOM   353  C  CB  . PHE A 1 54  ? 7.161   1.732   -3.379  1.00 16.56  ? 100 PHE A CB  1 
ATOM   354  C  CG  . PHE A 1 54  ? 5.698   1.426   -3.307  1.00 20.31  ? 100 PHE A CG  1 
ATOM   355  C  CD1 . PHE A 1 54  ? 4.931   1.898   -2.248  1.00 21.42  ? 100 PHE A CD1 1 
ATOM   356  C  CD2 . PHE A 1 54  ? 5.093   0.630   -4.276  1.00 21.94  ? 100 PHE A CD2 1 
ATOM   357  C  CE1 . PHE A 1 54  ? 3.570   1.618   -2.170  1.00 24.99  ? 100 PHE A CE1 1 
ATOM   358  C  CE2 . PHE A 1 54  ? 3.730   0.326   -4.202  1.00 25.08  ? 100 PHE A CE2 1 
ATOM   359  C  CZ  . PHE A 1 54  ? 2.969   0.815   -3.140  1.00 24.29  ? 100 PHE A CZ  1 
ATOM   360  N  N   . LEU A 1 55  ? 7.596   4.579   -2.036  1.00 15.21  ? 101 LEU A N   1 
ATOM   361  C  CA  . LEU A 1 55  ? 7.160   5.670   -1.146  1.00 15.80  ? 101 LEU A CA  1 
ATOM   362  C  C   . LEU A 1 55  ? 7.108   7.041   -1.817  1.00 15.54  ? 101 LEU A C   1 
ATOM   363  O  O   . LEU A 1 55  ? 6.148   7.771   -1.642  1.00 14.70  ? 101 LEU A O   1 
ATOM   364  C  CB  . LEU A 1 55  ? 8.035   5.751   0.100   1.00 16.16  ? 101 LEU A CB  1 
ATOM   365  C  CG  . LEU A 1 55  ? 7.781   4.735   1.217   1.00 19.75  ? 101 LEU A CG  1 
ATOM   366  C  CD1 . LEU A 1 55  ? 9.023   4.633   2.086   1.00 20.25  ? 101 LEU A CD1 1 
ATOM   367  C  CD2 . LEU A 1 55  ? 6.575   5.139   2.058   1.00 22.65  ? 101 LEU A CD2 1 
ATOM   368  N  N   . LEU A 1 56  ? 8.164   7.400   -2.550  1.00 15.78  ? 102 LEU A N   1 
ATOM   369  C  CA  . LEU A 1 56  ? 8.176   8.644   -3.327  1.00 16.69  ? 102 LEU A CA  1 
ATOM   370  C  C   . LEU A 1 56  ? 7.004   8.703   -4.315  1.00 16.32  ? 102 LEU A C   1 
ATOM   371  O  O   . LEU A 1 56  ? 6.349   9.748   -4.470  1.00 15.87  ? 102 LEU A O   1 
ATOM   372  C  CB  . LEU A 1 56  ? 9.489   8.756   -4.093  1.00 17.18  ? 102 LEU A CB  1 
ATOM   373  C  CG  . LEU A 1 56  ? 10.588  9.742   -3.677  1.00 20.76  ? 102 LEU A CG  1 
ATOM   374  C  CD1 . LEU A 1 56  ? 10.481  10.311  -2.250  1.00 22.14  ? 102 LEU A CD1 1 
ATOM   375  C  CD2 . LEU A 1 56  ? 11.965  9.161   -3.948  1.00 21.20  ? 102 LEU A CD2 1 
ATOM   376  N  N   . LYS A 1 57  ? 6.758   7.586   -4.988  1.00 15.87  ? 103 LYS A N   1 
ATOM   377  C  CA  . LYS A 1 57  ? 5.639   7.505   -5.924  1.00 17.05  ? 103 LYS A CA  1 
ATOM   378  C  C   . LYS A 1 57  ? 4.332   7.710   -5.203  1.00 16.43  ? 103 LYS A C   1 
ATOM   379  O  O   . LYS A 1 57  ? 3.511   8.524   -5.616  1.00 16.62  ? 103 LYS A O   1 
ATOM   380  C  CB  . LYS A 1 57  ? 5.591   6.158   -6.616  1.00 17.73  ? 103 LYS A CB  1 
ATOM   381  C  CG  . LYS A 1 57  ? 6.530   5.994   -7.792  1.00 20.37  ? 103 LYS A CG  1 
ATOM   382  C  CD  . LYS A 1 57  ? 5.912   5.066   -8.843  1.00 25.83  ? 103 LYS A CD  1 
ATOM   383  C  CE  . LYS A 1 57  ? 5.980   3.602   -8.435  1.00 29.35  ? 103 LYS A CE  1 
ATOM   384  N  NZ  . LYS A 1 57  ? 5.161   3.276   -7.221  1.00 33.04  ? 103 LYS A NZ  1 
ATOM   385  N  N   . LEU A 1 58  ? 4.148   6.979   -4.112  1.00 15.48  ? 104 LEU A N   1 
ATOM   386  C  CA  . LEU A 1 58  ? 2.947   7.128   -3.295  1.00 15.24  ? 104 LEU A CA  1 
ATOM   387  C  C   . LEU A 1 58  ? 2.757   8.572   -2.799  1.00 15.11  ? 104 LEU A C   1 
ATOM   388  O  O   . LEU A 1 58  ? 1.660   9.144   -2.912  1.00 15.03  ? 104 LEU A O   1 
ATOM   389  C  CB  . LEU A 1 58  ? 2.974   6.139   -2.115  1.00 15.48  ? 104 LEU A CB  1 
ATOM   390  C  CG  . LEU A 1 58  ? 1.702   6.002   -1.263  1.00 15.94  ? 104 LEU A CG  1 
ATOM   391  C  CD1 . LEU A 1 58  ? 0.588   5.245   -2.032  1.00 16.24  ? 104 LEU A CD1 1 
ATOM   392  C  CD2 . LEU A 1 58  ? 2.057   5.246   0.017   1.00 18.88  ? 104 LEU A CD2 1 
ATOM   393  N  N   . ALA A 1 59  ? 3.815   9.169   -2.264  1.00 14.63  ? 105 ALA A N   1 
ATOM   394  C  CA  . ALA A 1 59  ? 3.687   10.499  -1.673  1.00 15.53  ? 105 ALA A CA  1 
ATOM   395  C  C   . ALA A 1 59  ? 3.337   11.601  -2.700  1.00 15.89  ? 105 ALA A C   1 
ATOM   396  O  O   . ALA A 1 59  ? 2.778   12.643  -2.324  1.00 15.13  ? 105 ALA A O   1 
ATOM   397  C  CB  . ALA A 1 59  ? 4.949   10.862  -0.904  1.00 14.75  ? 105 ALA A CB  1 
ATOM   398  N  N   . GLY A 1 60  ? 3.674   11.380  -3.975  1.00 16.57  ? 106 GLY A N   1 
ATOM   399  C  CA  . GLY A 1 60  ? 3.402   12.379  -5.031  1.00 17.90  ? 106 GLY A CA  1 
ATOM   400  C  C   . GLY A 1 60  ? 1.967   12.324  -5.504  1.00 19.23  ? 106 GLY A C   1 
ATOM   401  O  O   . GLY A 1 60  ? 1.463   13.252  -6.163  1.00 19.61  ? 106 GLY A O   1 
ATOM   402  N  N   . ARG A 1 61  ? 1.312   11.228  -5.136  1.00 19.53  ? 107 ARG A N   1 
ATOM   403  C  CA  A ARG A 1 61  ? -0.036  10.951  -5.592  0.50 19.79  ? 107 ARG A CA  1 
ATOM   404  C  CA  C ARG A 1 61  ? -0.045  10.881  -5.569  0.50 20.27  ? 107 ARG A CA  1 
ATOM   405  C  C   . ARG A 1 61  ? -1.067  11.223  -4.478  1.00 20.46  ? 107 ARG A C   1 
ATOM   406  O  O   . ARG A 1 61  ? -2.164  11.748  -4.750  1.00 21.17  ? 107 ARG A O   1 
ATOM   407  C  CB  A ARG A 1 61  ? -0.081  9.539   -6.224  0.50 19.53  ? 107 ARG A CB  1 
ATOM   408  C  CB  C ARG A 1 61  ? -0.080  9.381   -5.913  0.50 20.42  ? 107 ARG A CB  1 
ATOM   409  C  CG  A ARG A 1 61  ? 1.033   9.406   -7.307  0.50 18.77  ? 107 ARG A CG  1 
ATOM   410  C  CG  C ARG A 1 61  ? -1.375  8.834   -6.484  0.50 21.66  ? 107 ARG A CG  1 
ATOM   411  C  CD  A ARG A 1 61  ? 1.209   8.074   -8.047  0.50 16.88  ? 107 ARG A CD  1 
ATOM   412  C  CD  C ARG A 1 61  ? -1.294  7.319   -6.709  0.50 23.17  ? 107 ARG A CD  1 
ATOM   413  N  NE  A ARG A 1 61  ? 2.190   8.181   -9.149  0.50 12.73  ? 107 ARG A NE  1 
ATOM   414  N  NE  C ARG A 1 61  ? -0.224  6.914   -7.622  0.50 24.93  ? 107 ARG A NE  1 
ATOM   415  C  CZ  A ARG A 1 61  ? 3.296   8.943   -9.160  0.50 11.18  ? 107 ARG A CZ  1 
ATOM   416  C  CZ  C ARG A 1 61  ? 0.845   6.208   -7.270  0.50 24.94  ? 107 ARG A CZ  1 
ATOM   417  N  NH1 A ARG A 1 61  ? 3.619   9.714   -8.101  0.50 2.70   ? 107 ARG A NH1 1 
ATOM   418  N  NH1 C ARG A 1 61  ? 1.015   5.819   -6.016  0.50 26.26  ? 107 ARG A NH1 1 
ATOM   419  N  NH2 A ARG A 1 61  ? 4.076   8.962   -10.269 0.50 4.17   ? 107 ARG A NH2 1 
ATOM   420  N  NH2 C ARG A 1 61  ? 1.751   5.888   -8.180  0.50 27.28  ? 107 ARG A NH2 1 
ATOM   421  N  N   . TRP A 1 62  ? -0.705  10.942  -3.231  1.00 20.28  ? 108 TRP A N   1 
ATOM   422  C  CA  . TRP A 1 62  ? -1.616  11.135  -2.079  1.00 20.89  ? 108 TRP A CA  1 
ATOM   423  C  C   . TRP A 1 62  ? -0.943  11.937  -0.957  1.00 20.88  ? 108 TRP A C   1 
ATOM   424  O  O   . TRP A 1 62  ? 0.281   11.993  -0.909  1.00 20.78  ? 108 TRP A O   1 
ATOM   425  C  CB  . TRP A 1 62  ? -2.023  9.784   -1.526  1.00 20.71  ? 108 TRP A CB  1 
ATOM   426  C  CG  . TRP A 1 62  ? -2.672  8.863   -2.503  1.00 21.43  ? 108 TRP A CG  1 
ATOM   427  C  CD1 . TRP A 1 62  ? -2.110  7.770   -3.089  1.00 22.06  ? 108 TRP A CD1 1 
ATOM   428  C  CD2 . TRP A 1 62  ? -4.009  8.937   -2.988  1.00 22.27  ? 108 TRP A CD2 1 
ATOM   429  N  NE1 . TRP A 1 62  ? -3.007  7.163   -3.914  1.00 22.44  ? 108 TRP A NE1 1 
ATOM   430  C  CE2 . TRP A 1 62  ? -4.188  7.853   -3.870  1.00 23.05  ? 108 TRP A CE2 1 
ATOM   431  C  CE3 . TRP A 1 62  ? -5.077  9.814   -2.762  1.00 22.71  ? 108 TRP A CE3 1 
ATOM   432  C  CZ2 . TRP A 1 62  ? -5.392  7.617   -4.533  1.00 23.18  ? 108 TRP A CZ2 1 
ATOM   433  C  CZ3 . TRP A 1 62  ? -6.281  9.577   -3.422  1.00 23.94  ? 108 TRP A CZ3 1 
ATOM   434  C  CH2 . TRP A 1 62  ? -6.426  8.482   -4.297  1.00 23.85  ? 108 TRP A CH2 1 
ATOM   435  N  N   . PRO A 1 63  ? -1.732  12.561  -0.048  1.00 21.62  ? 109 PRO A N   1 
ATOM   436  C  CA  . PRO A 1 63  ? -1.088  13.283  1.038   1.00 21.84  ? 109 PRO A CA  1 
ATOM   437  C  C   . PRO A 1 63  ? -0.644  12.354  2.173   1.00 22.11  ? 109 PRO A C   1 
ATOM   438  O  O   . PRO A 1 63  ? -1.343  12.225  3.184   1.00 22.67  ? 109 PRO A O   1 
ATOM   439  C  CB  . PRO A 1 63  ? -2.166  14.262  1.524   1.00 22.11  ? 109 PRO A CB  1 
ATOM   440  C  CG  . PRO A 1 63  ? -3.386  14.017  0.649   1.00 22.82  ? 109 PRO A CG  1 
ATOM   441  C  CD  . PRO A 1 63  ? -3.199  12.684  0.016   1.00 21.56  ? 109 PRO A CD  1 
ATOM   442  N  N   . VAL A 1 64  ? 0.526   11.749  2.002   1.00 21.36  ? 110 VAL A N   1 
ATOM   443  C  CA  . VAL A 1 64  ? 1.056   10.770  2.948   1.00 21.00  ? 110 VAL A CA  1 
ATOM   444  C  C   . VAL A 1 64  ? 1.785   11.484  4.091   1.00 21.31  ? 110 VAL A C   1 
ATOM   445  O  O   . VAL A 1 64  ? 2.820   12.124  3.889   1.00 20.94  ? 110 VAL A O   1 
ATOM   446  C  CB  . VAL A 1 64  ? 1.999   9.762   2.238   1.00 21.29  ? 110 VAL A CB  1 
ATOM   447  C  CG1 . VAL A 1 64  ? 2.524   8.695   3.228   1.00 20.62  ? 110 VAL A CG1 1 
ATOM   448  C  CG2 . VAL A 1 64  ? 1.282   9.085   1.049   1.00 19.34  ? 110 VAL A CG2 1 
ATOM   449  N  N   . LYS A 1 65  ? 1.233   11.372  5.293   1.00 21.11  ? 111 LYS A N   1 
ATOM   450  C  CA  . LYS A 1 65  ? 1.846   11.990  6.462   1.00 21.60  ? 111 LYS A CA  1 
ATOM   451  C  C   . LYS A 1 65  ? 2.671   10.959  7.243   1.00 20.19  ? 111 LYS A C   1 
ATOM   452  O  O   . LYS A 1 65  ? 3.795   11.229  7.671   1.00 19.82  ? 111 LYS A O   1 
ATOM   453  C  CB  . LYS A 1 65  ? 0.772   12.605  7.372   1.00 22.06  ? 111 LYS A CB  1 
ATOM   454  C  CG  . LYS A 1 65  ? 1.231   13.898  8.058   1.00 26.49  ? 111 LYS A CG  1 
ATOM   455  C  CD  . LYS A 1 65  ? 0.101   14.613  8.808   1.00 31.22  ? 111 LYS A CD  1 
ATOM   456  C  CE  . LYS A 1 65  ? -0.069  14.076  10.227  1.00 32.58  ? 111 LYS A CE  1 
ATOM   457  N  NZ  . LYS A 1 65  ? -0.863  15.025  11.070  1.00 36.17  ? 111 LYS A NZ  1 
ATOM   458  N  N   . THR A 1 66  ? 2.102   9.780   7.450   1.00 19.32  ? 112 THR A N   1 
ATOM   459  C  CA  . THR A 1 66  ? 2.776   8.779   8.261   1.00 19.33  ? 112 THR A CA  1 
ATOM   460  C  C   . THR A 1 66  ? 2.588   7.415   7.641   1.00 18.95  ? 112 THR A C   1 
ATOM   461  O  O   . THR A 1 66  ? 1.602   7.160   6.936   1.00 18.66  ? 112 THR A O   1 
ATOM   462  C  CB  . THR A 1 66  ? 2.311   8.775   9.761   1.00 19.67  ? 112 THR A CB  1 
ATOM   463  O  OG1 . THR A 1 66  ? 0.949   8.352   9.841   1.00 21.86  ? 112 THR A OG1 1 
ATOM   464  C  CG2 . THR A 1 66  ? 2.416   10.157  10.381  1.00 20.41  ? 112 THR A CG2 1 
ATOM   465  N  N   . VAL A 1 67  ? 3.582   6.564   7.846   1.00 18.49  ? 113 VAL A N   1 
ATOM   466  C  CA  . VAL A 1 67  ? 3.551   5.214   7.324   1.00 18.58  ? 113 VAL A CA  1 
ATOM   467  C  C   . VAL A 1 67  ? 3.871   4.245   8.447   1.00 19.66  ? 113 VAL A C   1 
ATOM   468  O  O   . VAL A 1 67  ? 4.822   4.434   9.220   1.00 19.66  ? 113 VAL A O   1 
ATOM   469  C  CB  . VAL A 1 67  ? 4.552   5.012   6.151   1.00 18.77  ? 113 VAL A CB  1 
ATOM   470  C  CG1 . VAL A 1 67  ? 4.581   3.545   5.708   1.00 18.76  ? 113 VAL A CG1 1 
ATOM   471  C  CG2 . VAL A 1 67  ? 4.176   5.874   4.979   1.00 18.09  ? 113 VAL A CG2 1 
ATOM   472  N  N   . HIS A 1 68  ? 3.045   3.215   8.546   1.00 19.87  ? 114 HIS A N   1 
ATOM   473  C  CA  . HIS A 1 68  ? 3.290   2.150   9.463   1.00 20.91  ? 114 HIS A CA  1 
ATOM   474  C  C   . HIS A 1 68  ? 3.670   0.932   8.642   1.00 20.65  ? 114 HIS A C   1 
ATOM   475  O  O   . HIS A 1 68  ? 3.354   0.846   7.454   1.00 19.52  ? 114 HIS A O   1 
ATOM   476  C  CB  . HIS A 1 68  ? 2.020   1.874   10.281  1.00 21.78  ? 114 HIS A CB  1 
ATOM   477  C  CG  . HIS A 1 68  ? 2.194   0.819   11.331  1.00 25.42  ? 114 HIS A CG  1 
ATOM   478  N  ND1 . HIS A 1 68  ? 1.450   -0.341  11.356  1.00 29.06  ? 114 HIS A ND1 1 
ATOM   479  C  CD2 . HIS A 1 68  ? 3.033   0.750   12.391  1.00 28.58  ? 114 HIS A CD2 1 
ATOM   480  C  CE1 . HIS A 1 68  ? 1.826   -1.080  12.386  1.00 30.31  ? 114 HIS A CE1 1 
ATOM   481  N  NE2 . HIS A 1 68  ? 2.783   -0.437  13.033  1.00 30.28  ? 114 HIS A NE2 1 
ATOM   482  N  N   . THR A 1 69  ? 4.356   -0.004  9.281   1.00 20.86  ? 115 THR A N   1 
ATOM   483  C  CA  . THR A 1 69  ? 4.633   -1.302  8.694   1.00 21.48  ? 115 THR A CA  1 
ATOM   484  C  C   . THR A 1 69  ? 4.543   -2.396  9.765   1.00 22.61  ? 115 THR A C   1 
ATOM   485  O  O   . THR A 1 69  ? 4.633   -2.108  10.957  1.00 22.52  ? 115 THR A O   1 
ATOM   486  C  CB  . THR A 1 69  ? 6.028   -1.315  8.023   1.00 21.39  ? 115 THR A CB  1 
ATOM   487  O  OG1 . THR A 1 69  ? 6.252   -2.589  7.412   1.00 19.94  ? 115 THR A OG1 1 
ATOM   488  C  CG2 . THR A 1 69  ? 7.153   -0.998  9.046   1.00 22.01  ? 115 THR A CG2 1 
ATOM   489  N  N   . ASP A 1 70  ? 4.361   -3.642  9.340   1.00 23.59  ? 116 ASP A N   1 
ATOM   490  C  CA  . ASP A 1 70  ? 4.440   -4.766  10.270  1.00 25.26  ? 116 ASP A CA  1 
ATOM   491  C  C   . ASP A 1 70  ? 5.854   -5.339  10.414  1.00 24.62  ? 116 ASP A C   1 
ATOM   492  O  O   . ASP A 1 70  ? 6.090   -6.198  11.259  1.00 25.39  ? 116 ASP A O   1 
ATOM   493  C  CB  . ASP A 1 70  ? 3.423   -5.853  9.906   1.00 26.36  ? 116 ASP A CB  1 
ATOM   494  C  CG  . ASP A 1 70  ? 1.993   -5.469  10.285  1.00 29.76  ? 116 ASP A CG  1 
ATOM   495  O  OD1 . ASP A 1 70  ? 1.777   -4.408  10.923  1.00 33.94  ? 116 ASP A OD1 1 
ATOM   496  O  OD2 . ASP A 1 70  ? 1.073   -6.235  9.943   1.00 33.16  ? 116 ASP A OD2 1 
ATOM   497  N  N   . ASN A 1 71  ? 6.791   -4.864  9.596   1.00 23.31  ? 117 ASN A N   1 
ATOM   498  C  CA  . ASN A 1 71  ? 8.198   -5.252  9.724   1.00 22.28  ? 117 ASN A CA  1 
ATOM   499  C  C   . ASN A 1 71  ? 9.045   -3.986  9.796   1.00 21.19  ? 117 ASN A C   1 
ATOM   500  O  O   . ASN A 1 71  ? 9.456   -3.434  8.768   1.00 20.49  ? 117 ASN A O   1 
ATOM   501  C  CB  . ASN A 1 71  ? 8.617   -6.198  8.569   1.00 22.19  ? 117 ASN A CB  1 
ATOM   502  C  CG  . ASN A 1 71  ? 10.102  -6.627  8.616   1.00 23.67  ? 117 ASN A CG  1 
ATOM   503  O  OD1 . ASN A 1 71  ? 10.522  -7.479  7.826   1.00 25.71  ? 117 ASN A OD1 1 
ATOM   504  N  ND2 . ASN A 1 71  ? 10.888  -6.044  9.507   1.00 23.10  ? 117 ASN A ND2 1 
ATOM   505  N  N   . GLY A 1 72  ? 9.300   -3.537  11.022  1.00 19.88  ? 118 GLY A N   1 
ATOM   506  C  CA  . GLY A 1 72  ? 9.983   -2.272  11.269  1.00 19.48  ? 118 GLY A CA  1 
ATOM   507  C  C   . GLY A 1 72  ? 11.345  -2.171  10.607  1.00 19.08  ? 118 GLY A C   1 
ATOM   508  O  O   . GLY A 1 72  ? 11.766  -1.093  10.179  1.00 18.85  ? 118 GLY A O   1 
ATOM   509  N  N   . SER A 1 73  ? 12.037  -3.297  10.508  1.00 18.92  ? 119 SER A N   1 
ATOM   510  C  CA  . SER A 1 73  ? 13.345  -3.306  9.860   1.00 19.72  ? 119 SER A CA  1 
ATOM   511  C  C   . SER A 1 73  ? 13.240  -2.930  8.366   1.00 20.49  ? 119 SER A C   1 
ATOM   512  O  O   . SER A 1 73  ? 14.243  -2.570  7.761   1.00 20.91  ? 119 SER A O   1 
ATOM   513  C  CB  . SER A 1 73  ? 14.057  -4.643  10.048  1.00 19.15  ? 119 SER A CB  1 
ATOM   514  O  OG  . SER A 1 73  ? 13.455  -5.655  9.276   1.00 18.08  ? 119 SER A OG  1 
ATOM   515  N  N   . ASN A 1 74  ? 12.031  -2.989  7.801   1.00 20.90  ? 120 ASN A N   1 
ATOM   516  C  CA  . ASN A 1 74  ? 11.764  -2.480  6.429   1.00 22.27  ? 120 ASN A CA  1 
ATOM   517  C  C   . ASN A 1 74  ? 12.230  -1.044  6.227   1.00 22.13  ? 120 ASN A C   1 
ATOM   518  O  O   . ASN A 1 74  ? 12.517  -0.634  5.105   1.00 22.82  ? 120 ASN A O   1 
ATOM   519  C  CB  . ASN A 1 74  ? 10.255  -2.501  6.100   1.00 22.29  ? 120 ASN A CB  1 
ATOM   520  C  CG  . ASN A 1 74  ? 9.751   -3.858  5.662   1.00 24.88  ? 120 ASN A CG  1 
ATOM   521  O  OD1 . ASN A 1 74  ? 10.519  -4.714  5.214   1.00 26.80  ? 120 ASN A OD1 1 
ATOM   522  N  ND2 . ASN A 1 74  ? 8.433   -4.061  5.774   1.00 24.46  ? 120 ASN A ND2 1 
ATOM   523  N  N   . PHE A 1 75  ? 12.258  -0.272  7.306   1.00 22.05  ? 121 PHE A N   1 
ATOM   524  C  CA  . PHE A 1 75  ? 12.472  1.156   7.207   1.00 22.72  ? 121 PHE A CA  1 
ATOM   525  C  C   . PHE A 1 75  ? 13.802  1.612   7.791   1.00 22.60  ? 121 PHE A C   1 
ATOM   526  O  O   . PHE A 1 75  ? 13.926  2.747   8.207   1.00 22.50  ? 121 PHE A O   1 
ATOM   527  C  CB  . PHE A 1 75  ? 11.324  1.911   7.887   1.00 23.05  ? 121 PHE A CB  1 
ATOM   528  C  CG  . PHE A 1 75  ? 9.997   1.788   7.177   1.00 23.31  ? 121 PHE A CG  1 
ATOM   529  C  CD1 . PHE A 1 75  ? 9.931   1.452   5.822   1.00 23.70  ? 121 PHE A CD1 1 
ATOM   530  C  CD2 . PHE A 1 75  ? 8.816   2.043   7.864   1.00 24.86  ? 121 PHE A CD2 1 
ATOM   531  C  CE1 . PHE A 1 75  ? 8.701   1.348   5.169   1.00 26.11  ? 121 PHE A CE1 1 
ATOM   532  C  CE2 . PHE A 1 75  ? 7.578   1.950   7.218   1.00 26.04  ? 121 PHE A CE2 1 
ATOM   533  C  CZ  . PHE A 1 75  ? 7.521   1.593   5.878   1.00 25.77  ? 121 PHE A CZ  1 
ATOM   534  N  N   . THR A 1 76  ? 14.791  0.730   7.820   1.00 22.63  ? 122 THR A N   1 
ATOM   535  C  CA  . THR A 1 76  ? 16.074  1.083   8.429   1.00 23.44  ? 122 THR A CA  1 
ATOM   536  C  C   . THR A 1 76  ? 17.059  1.568   7.392   1.00 22.59  ? 122 THR A C   1 
ATOM   537  O  O   . THR A 1 76  ? 18.019  2.251   7.735   1.00 23.18  ? 122 THR A O   1 
ATOM   538  C  CB  . THR A 1 76  ? 16.723  -0.099  9.174   1.00 23.01  ? 122 THR A CB  1 
ATOM   539  O  OG1 . THR A 1 76  ? 16.846  -1.196  8.274   1.00 25.93  ? 122 THR A OG1 1 
ATOM   540  C  CG2 . THR A 1 76  ? 15.878  -0.519  10.348  1.00 25.48  ? 122 THR A CG2 1 
ATOM   541  N  N   . SER A 1 77  ? 16.852  1.215   6.129   1.00 22.04  ? 123 SER A N   1 
ATOM   542  C  CA  . SER A 1 77  ? 17.842  1.612   5.128   1.00 22.40  ? 123 SER A CA  1 
ATOM   543  C  C   . SER A 1 77  ? 17.945  3.126   4.967   1.00 22.33  ? 123 SER A C   1 
ATOM   544  O  O   . SER A 1 77  ? 16.965  3.867   5.148   1.00 21.38  ? 123 SER A O   1 
ATOM   545  C  CB  . SER A 1 77  ? 17.627  0.924   3.779   1.00 22.81  ? 123 SER A CB  1 
ATOM   546  O  OG  . SER A 1 77  ? 16.892  1.731   2.882   1.00 22.51  ? 123 SER A OG  1 
ATOM   547  N  N   . THR A 1 78  ? 19.158  3.562   4.647   1.00 22.29  ? 124 THR A N   1 
ATOM   548  C  CA  . THR A 1 78  ? 19.469  4.953   4.424   1.00 22.80  ? 124 THR A CA  1 
ATOM   549  C  C   . THR A 1 78  ? 18.594  5.477   3.293   1.00 21.17  ? 124 THR A C   1 
ATOM   550  O  O   . THR A 1 78  ? 18.089  6.590   3.365   1.00 20.01  ? 124 THR A O   1 
ATOM   551  C  CB  . THR A 1 78  ? 20.967  5.121   4.066   1.00 23.20  ? 124 THR A CB  1 
ATOM   552  O  OG1 . THR A 1 78  ? 21.752  4.658   5.166   1.00 27.09  ? 124 THR A OG1 1 
ATOM   553  C  CG2 . THR A 1 78  ? 21.315  6.575   3.830   1.00 24.85  ? 124 THR A CG2 1 
ATOM   554  N  N   . THR A 1 79  ? 18.382  4.647   2.277   1.00 20.25  ? 125 THR A N   1 
ATOM   555  C  CA  . THR A 1 79  ? 17.619  5.075   1.119   1.00 19.94  ? 125 THR A CA  1 
ATOM   556  C  C   . THR A 1 79  ? 16.153  5.343   1.486   1.00 18.62  ? 125 THR A C   1 
ATOM   557  O  O   . THR A 1 79  ? 15.581  6.356   1.075   1.00 17.42  ? 125 THR A O   1 
ATOM   558  C  CB  . THR A 1 79  ? 17.744  4.067   -0.053  1.00 20.78  ? 125 THR A CB  1 
ATOM   559  O  OG1 . THR A 1 79  ? 19.136  3.831   -0.311  1.00 22.84  ? 125 THR A OG1 1 
ATOM   560  C  CG2 . THR A 1 79  ? 17.116  4.651   -1.298  1.00 20.50  ? 125 THR A CG2 1 
ATOM   561  N  N   . VAL A 1 80  ? 15.559  4.439   2.264   1.00 17.42  ? 126 VAL A N   1 
ATOM   562  C  CA  . VAL A 1 80  ? 14.178  4.630   2.733   1.00 16.59  ? 126 VAL A CA  1 
ATOM   563  C  C   . VAL A 1 80  ? 14.076  5.904   3.577   1.00 16.20  ? 126 VAL A C   1 
ATOM   564  O  O   . VAL A 1 80  ? 13.198  6.737   3.356   1.00 15.27  ? 126 VAL A O   1 
ATOM   565  C  CB  . VAL A 1 80  ? 13.656  3.399   3.524   1.00 16.81  ? 126 VAL A CB  1 
ATOM   566  C  CG1 . VAL A 1 80  ? 12.285  3.667   4.173   1.00 17.43  ? 126 VAL A CG1 1 
ATOM   567  C  CG2 . VAL A 1 80  ? 13.584  2.176   2.606   1.00 16.08  ? 126 VAL A CG2 1 
ATOM   568  N  N   . LYS A 1 81  ? 14.988  6.058   4.526   1.00 15.99  ? 127 LYS A N   1 
ATOM   569  C  CA  . LYS A 1 81  ? 14.983  7.239   5.401   1.00 17.28  ? 127 LYS A CA  1 
ATOM   570  C  C   . LYS A 1 81  ? 15.094  8.532   4.603   1.00 16.32  ? 127 LYS A C   1 
ATOM   571  O  O   . LYS A 1 81  ? 14.444  9.515   4.942   1.00 17.03  ? 127 LYS A O   1 
ATOM   572  C  CB  . LYS A 1 81  ? 16.117  7.167   6.418   1.00 17.66  ? 127 LYS A CB  1 
ATOM   573  C  CG  . LYS A 1 81  ? 15.947  6.059   7.446   1.00 20.03  ? 127 LYS A CG  1 
ATOM   574  C  CD  . LYS A 1 81  ? 17.210  5.900   8.284   1.00 24.60  ? 127 LYS A CD  1 
ATOM   575  C  CE  . LYS A 1 81  ? 16.935  4.954   9.443   1.00 28.52  ? 127 LYS A CE  1 
ATOM   576  N  NZ  . LYS A 1 81  ? 18.106  4.845   10.364  1.00 30.85  ? 127 LYS A NZ  1 
ATOM   577  N  N   . ALA A 1 82  ? 15.918  8.527   3.553   1.00 16.33  ? 128 ALA A N   1 
ATOM   578  C  CA  . ALA A 1 82  ? 16.061  9.701   2.691   1.00 16.43  ? 128 ALA A CA  1 
ATOM   579  C  C   . ALA A 1 82  ? 14.771  10.018  1.938   1.00 15.75  ? 128 ALA A C   1 
ATOM   580  O  O   . ALA A 1 82  ? 14.372  11.181  1.857   1.00 15.83  ? 128 ALA A O   1 
ATOM   581  C  CB  . ALA A 1 82  ? 17.231  9.533   1.718   1.00 16.95  ? 128 ALA A CB  1 
ATOM   582  N  N   . ALA A 1 83  ? 14.110  8.990   1.403   1.00 15.10  ? 129 ALA A N   1 
ATOM   583  C  CA  . ALA A 1 83  ? 12.819  9.187   0.740   1.00 15.44  ? 129 ALA A CA  1 
ATOM   584  C  C   . ALA A 1 83  ? 11.766  9.781   1.690   1.00 15.67  ? 129 ALA A C   1 
ATOM   585  O  O   . ALA A 1 83  ? 11.025  10.716  1.329   1.00 14.84  ? 129 ALA A O   1 
ATOM   586  C  CB  . ALA A 1 83  ? 12.306  7.858   0.088   1.00 15.91  ? 129 ALA A CB  1 
HETATM 587  N  N   . CAF A 1 84  ? 11.721  9.271   2.918   1.00 15.04  ? 130 CAF A N   1 
HETATM 588  C  CA  . CAF A 1 84  ? 10.748  9.755   3.873   1.00 16.60  ? 130 CAF A CA  1 
HETATM 589  C  CB  . CAF A 1 84  ? 10.803  8.907   5.129   1.00 17.01  ? 130 CAF A CB  1 
HETATM 590  C  C   . CAF A 1 84  ? 11.114  11.170  4.260   1.00 16.25  ? 130 CAF A C   1 
HETATM 591  O  O   . CAF A 1 84  ? 10.234  11.999  4.435   1.00 16.75  ? 130 CAF A O   1 
HETATM 592  S  SG  . CAF A 1 84  ? 9.979   7.374   4.806   1.00 22.49  ? 130 CAF A SG  1 
HETATM 593  AS AS  . CAF A 1 84  ? 9.476   6.757   6.881   1.00 36.67  ? 130 CAF A AS  1 
HETATM 594  C  CE1 . CAF A 1 84  ? 8.727   5.132   6.013   1.00 31.85  ? 130 CAF A CE1 1 
HETATM 595  O  O1  . CAF A 1 84  ? 11.223  5.886   7.014   1.00 33.11  ? 130 CAF A O1  1 
ATOM   596  N  N   . TRP A 1 85  ? 12.411  11.438  4.407   1.00 15.80  ? 131 TRP A N   1 
ATOM   597  C  CA  . TRP A 1 85  ? 12.868  12.789  4.724   1.00 15.94  ? 131 TRP A CA  1 
ATOM   598  C  C   . TRP A 1 85  ? 12.457  13.768  3.622   1.00 15.35  ? 131 TRP A C   1 
ATOM   599  O  O   . TRP A 1 85  ? 11.873  14.818  3.884   1.00 15.20  ? 131 TRP A O   1 
ATOM   600  C  CB  . TRP A 1 85  ? 14.378  12.807  4.936   1.00 16.37  ? 131 TRP A CB  1 
ATOM   601  C  CG  . TRP A 1 85  ? 14.957  14.208  4.881   1.00 19.50  ? 131 TRP A CG  1 
ATOM   602  C  CD1 . TRP A 1 85  ? 14.969  15.146  5.890   1.00 20.41  ? 131 TRP A CD1 1 
ATOM   603  C  CD2 . TRP A 1 85  ? 15.575  14.830  3.747   1.00 19.81  ? 131 TRP A CD2 1 
ATOM   604  N  NE1 . TRP A 1 85  ? 15.568  16.304  5.445   1.00 20.18  ? 131 TRP A NE1 1 
ATOM   605  C  CE2 . TRP A 1 85  ? 15.959  16.136  4.143   1.00 21.29  ? 131 TRP A CE2 1 
ATOM   606  C  CE3 . TRP A 1 85  ? 15.871  14.400  2.448   1.00 19.86  ? 131 TRP A CE3 1 
ATOM   607  C  CZ2 . TRP A 1 85  ? 16.611  17.018  3.276   1.00 22.34  ? 131 TRP A CZ2 1 
ATOM   608  C  CZ3 . TRP A 1 85  ? 16.511  15.282  1.584   1.00 22.27  ? 131 TRP A CZ3 1 
ATOM   609  C  CH2 . TRP A 1 85  ? 16.876  16.578  2.009   1.00 20.97  ? 131 TRP A CH2 1 
ATOM   610  N  N   . TRP A 1 86  ? 12.758  13.408  2.385   1.00 15.00  ? 132 TRP A N   1 
ATOM   611  C  CA  . TRP A 1 86  ? 12.492  14.280  1.271   1.00 15.16  ? 132 TRP A CA  1 
ATOM   612  C  C   . TRP A 1 86  ? 11.007  14.584  1.133   1.00 15.29  ? 132 TRP A C   1 
ATOM   613  O  O   . TRP A 1 86  ? 10.616  15.735  0.937   1.00 15.08  ? 132 TRP A O   1 
ATOM   614  C  CB  . TRP A 1 86  ? 13.043  13.689  -0.026  1.00 14.70  ? 132 TRP A CB  1 
ATOM   615  C  CG  . TRP A 1 86  ? 12.993  14.692  -1.110  1.00 14.65  ? 132 TRP A CG  1 
ATOM   616  C  CD1 . TRP A 1 86  ? 13.957  15.602  -1.425  1.00 15.83  ? 132 TRP A CD1 1 
ATOM   617  C  CD2 . TRP A 1 86  ? 11.901  14.932  -2.004  1.00 16.20  ? 132 TRP A CD2 1 
ATOM   618  N  NE1 . TRP A 1 86  ? 13.538  16.385  -2.479  1.00 15.77  ? 132 TRP A NE1 1 
ATOM   619  C  CE2 . TRP A 1 86  ? 12.278  15.999  -2.845  1.00 15.87  ? 132 TRP A CE2 1 
ATOM   620  C  CE3 . TRP A 1 86  ? 10.637  14.343  -2.176  1.00 16.30  ? 132 TRP A CE3 1 
ATOM   621  C  CZ2 . TRP A 1 86  ? 11.443  16.490  -3.857  1.00 18.14  ? 132 TRP A CZ2 1 
ATOM   622  C  CZ3 . TRP A 1 86  ? 9.803   14.836  -3.175  1.00 16.92  ? 132 TRP A CZ3 1 
ATOM   623  C  CH2 . TRP A 1 86  ? 10.209  15.896  -4.001  1.00 17.14  ? 132 TRP A CH2 1 
ATOM   624  N  N   . ALA A 1 87  ? 10.185  13.550  1.240   1.00 15.48  ? 133 ALA A N   1 
ATOM   625  C  CA  . ALA A 1 87  ? 8.744   13.685  1.084   1.00 16.40  ? 133 ALA A CA  1 
ATOM   626  C  C   . ALA A 1 87  ? 8.020   14.154  2.348   1.00 17.45  ? 133 ALA A C   1 
ATOM   627  O  O   . ALA A 1 87  ? 6.824   14.445  2.297   1.00 17.53  ? 133 ALA A O   1 
ATOM   628  C  CB  . ALA A 1 87  ? 8.155   12.368  0.595   1.00 16.59  ? 133 ALA A CB  1 
ATOM   629  N  N   . GLY A 1 88  ? 8.731   14.222  3.475   1.00 18.30  ? 134 GLY A N   1 
ATOM   630  C  CA  . GLY A 1 88  ? 8.148   14.716  4.735   1.00 19.22  ? 134 GLY A CA  1 
ATOM   631  C  C   . GLY A 1 88  ? 7.225   13.705  5.385   1.00 20.28  ? 134 GLY A C   1 
ATOM   632  O  O   . GLY A 1 88  ? 6.191   14.059  5.957   1.00 20.20  ? 134 GLY A O   1 
ATOM   633  N  N   . ILE A 1 89  ? 7.621   12.439  5.294   1.00 20.39  ? 135 ILE A N   1 
ATOM   634  C  CA  . ILE A 1 89  ? 6.854   11.329  5.808   1.00 21.08  ? 135 ILE A CA  1 
ATOM   635  C  C   . ILE A 1 89  ? 7.464   10.923  7.154   1.00 21.84  ? 135 ILE A C   1 
ATOM   636  O  O   . ILE A 1 89  ? 8.674   10.833  7.294   1.00 20.52  ? 135 ILE A O   1 
ATOM   637  C  CB  . ILE A 1 89  ? 6.921   10.121  4.839   1.00 21.20  ? 135 ILE A CB  1 
ATOM   638  C  CG1 . ILE A 1 89  ? 6.396   10.513  3.445   1.00 21.78  ? 135 ILE A CG1 1 
ATOM   639  C  CG2 . ILE A 1 89  ? 6.181   8.895   5.423   1.00 21.06  ? 135 ILE A CG2 1 
ATOM   640  C  CD1 . ILE A 1 89  ? 6.653   9.447   2.370   1.00 23.47  ? 135 ILE A CD1 1 
ATOM   641  N  N   . LYS A 1 90  ? 6.605   10.697  8.131   1.00 23.63  ? 136 LYS A N   1 
ATOM   642  C  CA  . LYS A 1 90  ? 7.034   10.185  9.424   1.00 26.31  ? 136 LYS A CA  1 
ATOM   643  C  C   . LYS A 1 90  ? 6.578   8.742   9.615   1.00 27.50  ? 136 LYS A C   1 
ATOM   644  O  O   . LYS A 1 90  ? 5.640   8.278   8.968   1.00 25.84  ? 136 LYS A O   1 
ATOM   645  C  CB  . LYS A 1 90  ? 6.529   11.087  10.557  1.00 26.55  ? 136 LYS A CB  1 
ATOM   646  C  CG  . LYS A 1 90  ? 7.370   12.364  10.702  1.00 29.03  ? 136 LYS A CG  1 
ATOM   647  C  CD  . LYS A 1 90  ? 6.920   13.240  11.874  1.00 33.01  ? 136 LYS A CD  1 
ATOM   648  C  CE  . LYS A 1 90  ? 7.817   14.468  12.014  1.00 34.97  ? 136 LYS A CE  1 
ATOM   649  N  NZ  . LYS A 1 90  ? 7.319   15.423  13.045  1.00 37.25  ? 136 LYS A NZ  1 
ATOM   650  N  N   . GLN A 1 91  ? 7.280   8.024   10.481  1.00 30.12  ? 137 GLN A N   1 
ATOM   651  C  CA  . GLN A 1 91  ? 6.872   6.679   10.838  1.00 33.33  ? 137 GLN A CA  1 
ATOM   652  C  C   . GLN A 1 91  ? 5.751   6.773   11.862  1.00 35.23  ? 137 GLN A C   1 
ATOM   653  O  O   . GLN A 1 91  ? 5.841   7.534   12.833  1.00 35.30  ? 137 GLN A O   1 
ATOM   654  C  CB  . GLN A 1 91  ? 8.053   5.877   11.382  1.00 33.59  ? 137 GLN A CB  1 
ATOM   655  C  CG  . GLN A 1 91  ? 7.784   4.389   11.482  1.00 35.21  ? 137 GLN A CG  1 
ATOM   656  C  CD  . GLN A 1 91  ? 9.048   3.553   11.371  1.00 36.51  ? 137 GLN A CD  1 
ATOM   657  O  OE1 . GLN A 1 91  ? 10.164  4.081   11.365  1.00 36.59  ? 137 GLN A OE1 1 
ATOM   658  N  NE2 . GLN A 1 91  ? 8.875   2.242   11.257  1.00 35.40  ? 137 GLN A NE2 1 
ATOM   659  N  N   . GLU A 1 92  ? 4.685   6.021   11.611  1.00 37.68  ? 138 GLU A N   1 
ATOM   660  C  CA  . GLU A 1 92  ? 3.526   5.960   12.499  1.00 40.44  ? 138 GLU A CA  1 
ATOM   661  C  C   . GLU A 1 92  ? 3.862   5.098   13.715  1.00 42.13  ? 138 GLU A C   1 
ATOM   662  O  O   . GLU A 1 92  ? 4.412   4.007   13.578  1.00 42.34  ? 138 GLU A O   1 
ATOM   663  C  CB  . GLU A 1 92  ? 2.313   5.395   11.740  1.00 40.17  ? 138 GLU A CB  1 
ATOM   664  C  CG  . GLU A 1 92  ? 1.039   5.167   12.571  1.00 41.59  ? 138 GLU A CG  1 
ATOM   665  C  CD  . GLU A 1 92  ? 0.335   6.459   12.995  1.00 43.12  ? 138 GLU A CD  1 
ATOM   666  O  OE1 . GLU A 1 92  ? 0.367   7.453   12.240  1.00 43.53  ? 138 GLU A OE1 1 
ATOM   667  O  OE2 . GLU A 1 92  ? -0.266  6.475   14.088  1.00 43.42  ? 138 GLU A OE2 1 
ATOM   668  N  N   . PHE A 1 93  ? 3.530   5.605   14.899  1.00 44.76  ? 139 PHE A N   1 
ATOM   669  C  CA  . PHE A 1 93  ? 3.748   4.881   16.149  1.00 46.98  ? 139 PHE A CA  1 
ATOM   670  C  C   . PHE A 1 93  ? 2.454   4.744   16.955  1.00 48.39  ? 139 PHE A C   1 
ATOM   671  O  O   . PHE A 1 93  ? 2.452   4.172   18.048  1.00 48.97  ? 139 PHE A O   1 
ATOM   672  C  CB  . PHE A 1 93  ? 4.855   5.556   16.981  1.00 47.21  ? 139 PHE A CB  1 
ATOM   673  C  CG  . PHE A 1 93  ? 6.236   5.453   16.365  1.00 47.65  ? 139 PHE A CG  1 
ATOM   674  C  CD1 . PHE A 1 93  ? 6.939   6.601   16.003  1.00 48.04  ? 139 PHE A CD1 1 
ATOM   675  C  CD2 . PHE A 1 93  ? 6.828   4.209   16.143  1.00 48.35  ? 139 PHE A CD2 1 
ATOM   676  C  CE1 . PHE A 1 93  ? 8.211   6.512   15.432  1.00 48.00  ? 139 PHE A CE1 1 
ATOM   677  C  CE2 . PHE A 1 93  ? 8.097   4.108   15.571  1.00 48.36  ? 139 PHE A CE2 1 
ATOM   678  C  CZ  . PHE A 1 93  ? 8.791   5.263   15.216  1.00 48.24  ? 139 PHE A CZ  1 
ATOM   679  N  N   . GLY A 1 94  ? 1.356   5.261   16.402  1.00 49.94  ? 140 GLY A N   1 
ATOM   680  C  CA  . GLY A 1 94  ? 0.035   5.164   17.030  1.00 51.59  ? 140 GLY A CA  1 
ATOM   681  C  C   . GLY A 1 94  ? -0.715  3.874   16.727  1.00 52.79  ? 140 GLY A C   1 
ATOM   682  O  O   . GLY A 1 94  ? -1.810  3.647   17.253  1.00 52.86  ? 140 GLY A O   1 
ATOM   683  N  N   . ILE A 1 95  ? -0.138  3.037   15.864  1.00 53.80  ? 141 ILE A N   1 
ATOM   684  C  CA  . ILE A 1 95  ? -0.665  1.693   15.615  1.00 54.75  ? 141 ILE A CA  1 
ATOM   685  C  C   . ILE A 1 95  ? 0.293   0.666   16.233  1.00 55.58  ? 141 ILE A C   1 
ATOM   686  O  O   . ILE A 1 95  ? 1.462   0.583   15.836  1.00 55.55  ? 141 ILE A O   1 
ATOM   687  C  CB  . ILE A 1 95  ? -0.899  1.407   14.102  1.00 54.70  ? 141 ILE A CB  1 
ATOM   688  C  CG1 . ILE A 1 95  ? -1.845  2.451   13.491  1.00 54.80  ? 141 ILE A CG1 1 
ATOM   689  C  CG2 . ILE A 1 95  ? -1.466  -0.004  13.897  1.00 54.42  ? 141 ILE A CG2 1 
ATOM   690  C  CD1 . ILE A 1 95  ? -1.986  2.375   11.968  1.00 54.79  ? 141 ILE A CD1 1 
ATOM   691  N  N   . PRO A 1 96  ? -0.194  -0.096  17.232  1.00 56.42  ? 142 PRO A N   1 
ATOM   692  C  CA  . PRO A 1 96  ? 0.640   -1.102  17.894  1.00 57.15  ? 142 PRO A CA  1 
ATOM   693  C  C   . PRO A 1 96  ? 0.799   -2.377  17.059  1.00 57.92  ? 142 PRO A C   1 
ATOM   694  O  O   . PRO A 1 96  ? 0.087   -2.563  16.064  1.00 58.10  ? 142 PRO A O   1 
ATOM   695  C  CB  . PRO A 1 96  ? -0.131  -1.404  19.192  1.00 57.21  ? 142 PRO A CB  1 
ATOM   696  C  CG  . PRO A 1 96  ? -1.185  -0.325  19.306  1.00 56.80  ? 142 PRO A CG  1 
ATOM   697  C  CD  . PRO A 1 96  ? -1.501  0.047   17.896  1.00 56.46  ? 142 PRO A CD  1 
ATOM   698  N  N   . TYR A 1 97  ? 1.733   -3.236  17.460  1.00 58.69  ? 143 TYR A N   1 
ATOM   699  C  CA  . TYR A 1 97  ? 1.910   -4.549  16.835  1.00 59.38  ? 143 TYR A CA  1 
ATOM   700  C  C   . TYR A 1 97  ? 1.376   -5.640  17.757  1.00 59.85  ? 143 TYR A C   1 
ATOM   701  O  O   . TYR A 1 97  ? 1.727   -5.689  18.940  1.00 60.02  ? 143 TYR A O   1 
ATOM   702  C  CB  . TYR A 1 97  ? 3.384   -4.796  16.522  1.00 59.47  ? 143 TYR A CB  1 
ATOM   703  C  CG  . TYR A 1 97  ? 3.668   -6.011  15.661  1.00 59.59  ? 143 TYR A CG  1 
ATOM   704  C  CD1 . TYR A 1 97  ? 3.509   -5.959  14.274  1.00 59.96  ? 143 TYR A CD1 1 
ATOM   705  C  CD2 . TYR A 1 97  ? 4.133   -7.201  16.230  1.00 59.85  ? 143 TYR A CD2 1 
ATOM   706  C  CE1 . TYR A 1 97  ? 3.783   -7.069  13.472  1.00 60.15  ? 143 TYR A CE1 1 
ATOM   707  C  CE2 . TYR A 1 97  ? 4.410   -8.323  15.437  1.00 59.78  ? 143 TYR A CE2 1 
ATOM   708  C  CZ  . TYR A 1 97  ? 4.234   -8.249  14.061  1.00 60.63  ? 143 TYR A CZ  1 
ATOM   709  O  OH  . TYR A 1 97  ? 4.505   -9.344  13.268  1.00 60.48  ? 143 TYR A OH  1 
ATOM   710  N  N   . ASN A 1 98  ? 0.521   -6.504  17.211  1.00 60.29  ? 144 ASN A N   1 
ATOM   711  C  CA  . ASN A 1 98  ? -0.114  -7.567  17.992  1.00 60.68  ? 144 ASN A CA  1 
ATOM   712  C  C   . ASN A 1 98  ? -0.214  -8.892  17.238  1.00 60.72  ? 144 ASN A C   1 
ATOM   713  O  O   . ASN A 1 98  ? -0.897  -8.995  16.220  1.00 60.92  ? 144 ASN A O   1 
ATOM   714  C  CB  . ASN A 1 98  ? -1.492  -7.118  18.492  1.00 60.82  ? 144 ASN A CB  1 
ATOM   715  C  CG  . ASN A 1 98  ? -1.405  -6.060  19.586  1.00 61.11  ? 144 ASN A CG  1 
ATOM   716  O  OD1 . ASN A 1 98  ? -1.094  -6.363  20.739  1.00 61.71  ? 144 ASN A OD1 1 
ATOM   717  N  ND2 . ASN A 1 98  ? -1.700  -4.815  19.229  1.00 62.07  ? 144 ASN A ND2 1 
ATOM   718  N  N   . GLU A 1 106 ? -7.711  -6.554  9.775   1.00 59.28  ? 152 GLU A N   1 
ATOM   719  C  CA  . GLU A 1 106 ? -6.945  -6.151  8.599   1.00 59.30  ? 152 GLU A CA  1 
ATOM   720  C  C   . GLU A 1 106 ? -6.784  -7.324  7.637   1.00 59.01  ? 152 GLU A C   1 
ATOM   721  O  O   . GLU A 1 106 ? -7.662  -7.581  6.813   1.00 59.11  ? 152 GLU A O   1 
ATOM   722  C  CB  . GLU A 1 106 ? -5.569  -5.614  9.009   1.00 59.47  ? 152 GLU A CB  1 
ATOM   723  C  CG  . GLU A 1 106 ? -4.881  -4.736  7.971   1.00 59.93  ? 152 GLU A CG  1 
ATOM   724  C  CD  . GLU A 1 106 ? -5.149  -3.258  8.188   1.00 61.02  ? 152 GLU A CD  1 
ATOM   725  O  OE1 . GLU A 1 106 ? -6.324  -2.834  8.093   1.00 61.15  ? 152 GLU A OE1 1 
ATOM   726  O  OE2 . GLU A 1 106 ? -4.178  -2.516  8.451   1.00 61.76  ? 152 GLU A OE2 1 
ATOM   727  N  N   . SER A 1 107 ? -5.668  -8.039  7.777   1.00 58.67  ? 153 SER A N   1 
ATOM   728  C  CA  . SER A 1 107 ? -5.248  -9.088  6.848   1.00 58.26  ? 153 SER A CA  1 
ATOM   729  C  C   . SER A 1 107 ? -5.624  -8.793  5.400   1.00 57.79  ? 153 SER A C   1 
ATOM   730  O  O   . SER A 1 107 ? -6.381  -9.540  4.771   1.00 57.87  ? 153 SER A O   1 
ATOM   731  C  CB  . SER A 1 107 ? -5.760  -10.463 7.275   1.00 58.38  ? 153 SER A CB  1 
ATOM   732  O  OG  . SER A 1 107 ? -5.141  -11.472 6.492   1.00 58.95  ? 153 SER A OG  1 
ATOM   733  N  N   . MET A 1 108 ? -5.091  -7.690  4.883   1.00 57.12  ? 154 MET A N   1 
ATOM   734  C  CA  . MET A 1 108 ? -5.281  -7.327  3.486   1.00 56.42  ? 154 MET A CA  1 
ATOM   735  C  C   . MET A 1 108 ? -4.483  -8.260  2.587   1.00 55.79  ? 154 MET A C   1 
ATOM   736  O  O   . MET A 1 108 ? -4.890  -8.544  1.462   1.00 55.68  ? 154 MET A O   1 
ATOM   737  C  CB  . MET A 1 108 ? -4.870  -5.878  3.251   1.00 56.66  ? 154 MET A CB  1 
ATOM   738  C  CG  . MET A 1 108 ? -5.881  -4.854  3.759   1.00 57.48  ? 154 MET A CG  1 
ATOM   739  S  SD  . MET A 1 108 ? -7.443  -4.938  2.860   1.00 58.95  ? 154 MET A SD  1 
ATOM   740  C  CE  . MET A 1 108 ? -8.257  -3.446  3.436   1.00 58.68  ? 154 MET A CE  1 
ATOM   741  N  N   . ASN A 1 109 ? -3.355  -8.744  3.107   1.00 54.83  ? 155 ASN A N   1 
ATOM   742  C  CA  . ASN A 1 109 ? -2.482  -9.668  2.390   1.00 54.03  ? 155 ASN A CA  1 
ATOM   743  C  C   . ASN A 1 109 ? -3.161  -10.978 1.980   1.00 53.26  ? 155 ASN A C   1 
ATOM   744  O  O   . ASN A 1 109 ? -2.950  -11.459 0.870   1.00 53.12  ? 155 ASN A O   1 
ATOM   745  C  CB  . ASN A 1 109 ? -1.218  -9.953  3.206   1.00 54.18  ? 155 ASN A CB  1 
ATOM   746  C  CG  . ASN A 1 109 ? -0.329  -8.721  3.369   1.00 54.43  ? 155 ASN A CG  1 
ATOM   747  O  OD1 . ASN A 1 109 ? -0.536  -7.692  2.720   1.00 54.34  ? 155 ASN A OD1 1 
ATOM   748  N  ND2 . ASN A 1 109 ? 0.673   -8.830  4.237   1.00 54.77  ? 155 ASN A ND2 1 
ATOM   749  N  N   . LYS A 1 110 ? -3.974  -11.549 2.868   1.00 52.22  ? 156 LYS A N   1 
ATOM   750  C  CA  . LYS A 1 110 ? -4.738  -12.757 2.537   1.00 51.11  ? 156 LYS A CA  1 
ATOM   751  C  C   . LYS A 1 110 ? -5.889  -12.453 1.570   1.00 50.01  ? 156 LYS A C   1 
ATOM   752  O  O   . LYS A 1 110 ? -6.141  -13.223 0.638   1.00 49.93  ? 156 LYS A O   1 
ATOM   753  C  CB  . LYS A 1 110 ? -5.268  -13.442 3.801   1.00 51.42  ? 156 LYS A CB  1 
ATOM   754  C  CG  . LYS A 1 110 ? -4.211  -14.185 4.616   1.00 51.90  ? 156 LYS A CG  1 
ATOM   755  C  CD  . LYS A 1 110 ? -4.828  -14.812 5.863   1.00 52.88  ? 156 LYS A CD  1 
ATOM   756  C  CE  . LYS A 1 110 ? -3.770  -15.403 6.784   1.00 53.44  ? 156 LYS A CE  1 
ATOM   757  N  NZ  . LYS A 1 110 ? -4.339  -15.741 8.122   1.00 54.31  ? 156 LYS A NZ  1 
ATOM   758  N  N   . GLU A 1 111 ? -6.574  -11.331 1.806   1.00 48.55  ? 157 GLU A N   1 
ATOM   759  C  CA  . GLU A 1 111 ? -7.695  -10.888 0.977   1.00 47.19  ? 157 GLU A CA  1 
ATOM   760  C  C   . GLU A 1 111 ? -7.250  -10.509 -0.436  1.00 45.90  ? 157 GLU A C   1 
ATOM   761  O  O   . GLU A 1 111 ? -7.928  -10.837 -1.417  1.00 45.77  ? 157 GLU A O   1 
ATOM   762  C  CB  . GLU A 1 111 ? -8.426  -9.712  1.646   1.00 47.55  ? 157 GLU A CB  1 
ATOM   763  C  CG  . GLU A 1 111 ? -9.618  -9.135  0.854   1.00 48.73  ? 157 GLU A CG  1 
ATOM   764  C  CD  . GLU A 1 111 ? -10.672 -10.185 0.483   1.00 50.62  ? 157 GLU A CD  1 
ATOM   765  O  OE1 . GLU A 1 111 ? -11.049 -11.003 1.357   1.00 50.60  ? 157 GLU A OE1 1 
ATOM   766  O  OE2 . GLU A 1 111 ? -11.128 -10.182 -0.686  1.00 50.59  ? 157 GLU A OE2 1 
ATOM   767  N  N   . LEU A 1 112 ? -6.117  -9.816  -0.533  1.00 43.89  ? 158 LEU A N   1 
ATOM   768  C  CA  . LEU A 1 112 ? -5.550  -9.459  -1.827  1.00 42.10  ? 158 LEU A CA  1 
ATOM   769  C  C   . LEU A 1 112 ? -5.050  -10.703 -2.547  1.00 40.76  ? 158 LEU A C   1 
ATOM   770  O  O   . LEU A 1 112 ? -5.218  -10.817 -3.759  1.00 40.20  ? 158 LEU A O   1 
ATOM   771  C  CB  . LEU A 1 112 ? -4.430  -8.410  -1.693  1.00 42.27  ? 158 LEU A CB  1 
ATOM   772  C  CG  . LEU A 1 112 ? -3.741  -7.940  -2.982  1.00 42.47  ? 158 LEU A CG  1 
ATOM   773  C  CD1 . LEU A 1 112 ? -4.742  -7.343  -3.966  1.00 41.83  ? 158 LEU A CD1 1 
ATOM   774  C  CD2 . LEU A 1 112 ? -2.607  -6.949  -2.692  1.00 42.15  ? 158 LEU A CD2 1 
ATOM   775  N  N   . LYS A 1 113 ? -4.447  -11.631 -1.800  1.00 39.20  ? 159 LYS A N   1 
ATOM   776  C  CA  . LYS A 1 113 ? -4.010  -12.903 -2.369  1.00 38.16  ? 159 LYS A CA  1 
ATOM   777  C  C   . LYS A 1 113 ? -5.195  -13.746 -2.829  1.00 37.35  ? 159 LYS A C   1 
ATOM   778  O  O   . LYS A 1 113 ? -5.081  -14.487 -3.805  1.00 37.30  ? 159 LYS A O   1 
ATOM   779  C  CB  . LYS A 1 113 ? -3.158  -13.698 -1.379  1.00 38.33  ? 159 LYS A CB  1 
ATOM   780  C  CG  . LYS A 1 113 ? -1.694  -13.290 -1.345  1.00 38.87  ? 159 LYS A CG  1 
ATOM   781  C  CD  . LYS A 1 113 ? -0.990  -13.952 -0.178  1.00 40.84  ? 159 LYS A CD  1 
ATOM   782  C  CE  . LYS A 1 113 ? 0.493   -13.665 -0.206  1.00 41.31  ? 159 LYS A CE  1 
ATOM   783  N  NZ  . LYS A 1 113 ? 1.170   -14.292 0.951   1.00 42.00  ? 159 LYS A NZ  1 
ATOM   784  N  N   . LYS A 1 114 ? -6.320  -13.631 -2.121  1.00 36.56  ? 160 LYS A N   1 
ATOM   785  C  CA  . LYS A 1 114 ? -7.570  -14.286 -2.531  1.00 36.27  ? 160 LYS A CA  1 
ATOM   786  C  C   . LYS A 1 114 ? -7.980  -13.791 -3.914  1.00 35.45  ? 160 LYS A C   1 
ATOM   787  O  O   . LYS A 1 114 ? -8.156  -14.590 -4.828  1.00 35.27  ? 160 LYS A O   1 
ATOM   788  C  CB  . LYS A 1 114 ? -8.697  -14.036 -1.520  1.00 36.21  ? 160 LYS A CB  1 
ATOM   789  C  CG  . LYS A 1 114 ? -10.010 -14.722 -1.881  1.00 37.53  ? 160 LYS A CG  1 
ATOM   790  C  CD  . LYS A 1 114 ? -10.991 -14.767 -0.707  1.00 39.69  ? 160 LYS A CD  1 
ATOM   791  C  CE  . LYS A 1 114 ? -11.965 -13.592 -0.721  1.00 40.20  ? 160 LYS A CE  1 
ATOM   792  N  NZ  . LYS A 1 114 ? -12.908 -13.659 -1.882  1.00 41.28  ? 160 LYS A NZ  1 
ATOM   793  N  N   . ILE A 1 115 ? -8.096  -12.472 -4.068  1.00 34.81  ? 161 ILE A N   1 
ATOM   794  C  CA  . ILE A 1 115 ? -8.424  -11.873 -5.369  1.00 34.27  ? 161 ILE A CA  1 
ATOM   795  C  C   . ILE A 1 115 ? -7.378  -12.186 -6.444  1.00 34.01  ? 161 ILE A C   1 
ATOM   796  O  O   . ILE A 1 115 ? -7.739  -12.487 -7.588  1.00 34.00  ? 161 ILE A O   1 
ATOM   797  C  CB  . ILE A 1 115 ? -8.682  -10.348 -5.274  1.00 34.38  ? 161 ILE A CB  1 
ATOM   798  C  CG1 . ILE A 1 115 ? -9.794  -10.053 -4.259  1.00 33.94  ? 161 ILE A CG1 1 
ATOM   799  C  CG2 . ILE A 1 115 ? -9.067  -9.789  -6.643  1.00 33.66  ? 161 ILE A CG2 1 
ATOM   800  C  CD1 . ILE A 1 115 ? -9.861  -8.587  -3.794  1.00 34.61  ? 161 ILE A CD1 1 
ATOM   801  N  N   . ILE A 1 116 ? -6.092  -12.135 -6.088  1.00 33.94  ? 162 ILE A N   1 
ATOM   802  C  CA  . ILE A 1 116 ? -5.028  -12.470 -7.046  1.00 34.06  ? 162 ILE A CA  1 
ATOM   803  C  C   . ILE A 1 116 ? -5.210  -13.892 -7.570  1.00 34.56  ? 162 ILE A C   1 
ATOM   804  O  O   . ILE A 1 116 ? -5.049  -14.143 -8.765  1.00 34.38  ? 162 ILE A O   1 
ATOM   805  C  CB  . ILE A 1 116 ? -3.598  -12.325 -6.455  1.00 34.05  ? 162 ILE A CB  1 
ATOM   806  C  CG1 . ILE A 1 116 ? -3.290  -10.867 -6.112  1.00 33.65  ? 162 ILE A CG1 1 
ATOM   807  C  CG2 . ILE A 1 116 ? -2.552  -12.836 -7.448  1.00 33.81  ? 162 ILE A CG2 1 
ATOM   808  C  CD1 . ILE A 1 116 ? -2.017  -10.670 -5.307  1.00 32.90  ? 162 ILE A CD1 1 
ATOM   809  N  N   . GLY A 1 117 ? -5.547  -14.813 -6.665  1.00 35.14  ? 163 GLY A N   1 
ATOM   810  C  CA  . GLY A 1 117 ? -5.813  -16.205 -7.037  1.00 36.22  ? 163 GLY A CA  1 
ATOM   811  C  C   . GLY A 1 117 ? -7.042  -16.374 -7.910  1.00 36.65  ? 163 GLY A C   1 
ATOM   812  O  O   . GLY A 1 117 ? -7.105  -17.289 -8.726  1.00 37.26  ? 163 GLY A O   1 
ATOM   813  N  N   . GLN A 1 118 ? -8.022  -15.491 -7.742  1.00 37.40  ? 164 GLN A N   1 
ATOM   814  C  CA  . GLN A 1 118 ? -9.236  -15.524 -8.561  1.00 38.06  ? 164 GLN A CA  1 
ATOM   815  C  C   . GLN A 1 118 ? -8.988  -15.111 -10.012 1.00 38.04  ? 164 GLN A C   1 
ATOM   816  O  O   . GLN A 1 118 ? -9.611  -15.659 -10.925 1.00 38.15  ? 164 GLN A O   1 
ATOM   817  C  CB  . GLN A 1 118 ? -10.312 -14.621 -7.969  1.00 38.25  ? 164 GLN A CB  1 
ATOM   818  C  CG  . GLN A 1 118 ? -10.828 -15.050 -6.613  1.00 39.86  ? 164 GLN A CG  1 
ATOM   819  C  CD  . GLN A 1 118 ? -11.757 -14.019 -6.014  1.00 41.71  ? 164 GLN A CD  1 
ATOM   820  O  OE1 . GLN A 1 118 ? -11.777 -12.858 -6.441  1.00 44.10  ? 164 GLN A OE1 1 
ATOM   821  N  NE2 . GLN A 1 118 ? -12.539 -14.432 -5.025  1.00 42.22  ? 164 GLN A NE2 1 
ATOM   822  N  N   . VAL A 1 119 ? -8.095  -14.138 -10.215 1.00 37.92  ? 165 VAL A N   1 
ATOM   823  C  CA  . VAL A 1 119 ? -7.825  -13.586 -11.549 1.00 37.62  ? 165 VAL A CA  1 
ATOM   824  C  C   . VAL A 1 119 ? -6.509  -14.096 -12.138 1.00 37.75  ? 165 VAL A C   1 
ATOM   825  O  O   . VAL A 1 119 ? -6.150  -13.745 -13.266 1.00 37.77  ? 165 VAL A O   1 
ATOM   826  C  CB  . VAL A 1 119 ? -7.864  -12.017 -11.560 1.00 37.70  ? 165 VAL A CB  1 
ATOM   827  C  CG1 . VAL A 1 119 ? -9.162  -11.526 -10.974 1.00 37.60  ? 165 VAL A CG1 1 
ATOM   828  C  CG2 . VAL A 1 119 ? -6.663  -11.406 -10.807 1.00 36.83  ? 165 VAL A CG2 1 
ATOM   829  N  N   . ARG A 1 120 ? -5.803  -14.936 -11.387 1.00 37.87  ? 166 ARG A N   1 
ATOM   830  C  CA  . ARG A 1 120 ? -4.485  -15.424 -11.804 1.00 38.37  ? 166 ARG A CA  1 
ATOM   831  C  C   . ARG A 1 120 ? -4.421  -15.938 -13.243 1.00 38.95  ? 166 ARG A C   1 
ATOM   832  O  O   . ARG A 1 120 ? -3.473  -15.628 -13.961 1.00 38.88  ? 166 ARG A O   1 
ATOM   833  C  CB  . ARG A 1 120 ? -3.945  -16.484 -10.829 1.00 38.08  ? 166 ARG A CB  1 
ATOM   834  C  CG  . ARG A 1 120 ? -2.476  -16.837 -11.052 1.00 37.04  ? 166 ARG A CG  1 
ATOM   835  C  CD  . ARG A 1 120 ? -1.568  -15.609 -10.893 1.00 33.82  ? 166 ARG A CD  1 
ATOM   836  N  NE  . ARG A 1 120 ? -0.235  -15.835 -11.446 1.00 32.21  ? 166 ARG A NE  1 
ATOM   837  C  CZ  . ARG A 1 120 ? 0.119   -15.592 -12.704 1.00 30.99  ? 166 ARG A CZ  1 
ATOM   838  N  NH1 . ARG A 1 120 ? -0.760  -15.108 -13.576 1.00 31.05  ? 166 ARG A NH1 1 
ATOM   839  N  NH2 . ARG A 1 120 ? 1.361   -15.831 -13.093 1.00 30.32  ? 166 ARG A NH2 1 
ATOM   840  N  N   . ASP A 1 121 ? -5.424  -16.709 -13.661 1.00 39.75  ? 167 ASP A N   1 
ATOM   841  C  CA  . ASP A 1 121 ? -5.460  -17.262 -15.023 1.00 40.46  ? 167 ASP A CA  1 
ATOM   842  C  C   . ASP A 1 121 ? -5.824  -16.239 -16.100 1.00 40.30  ? 167 ASP A C   1 
ATOM   843  O  O   . ASP A 1 121 ? -5.561  -16.465 -17.290 1.00 40.87  ? 167 ASP A O   1 
ATOM   844  C  CB  . ASP A 1 121 ? -6.387  -18.490 -15.116 1.00 41.17  ? 167 ASP A CB  1 
ATOM   845  C  CG  . ASP A 1 121 ? -7.728  -18.279 -14.428 1.00 43.53  ? 167 ASP A CG  1 
ATOM   846  O  OD1 . ASP A 1 121 ? -8.392  -17.241 -14.668 1.00 46.70  ? 167 ASP A OD1 1 
ATOM   847  O  OD2 . ASP A 1 121 ? -8.127  -19.170 -13.644 1.00 46.18  ? 167 ASP A OD2 1 
ATOM   848  N  N   . GLN A 1 122 ? -6.418  -15.119 -15.691 1.00 39.58  ? 168 GLN A N   1 
ATOM   849  C  CA  . GLN A 1 122 ? -6.743  -14.038 -16.624 1.00 39.01  ? 168 GLN A CA  1 
ATOM   850  C  C   . GLN A 1 122 ? -5.512  -13.327 -17.191 1.00 38.07  ? 168 GLN A C   1 
ATOM   851  O  O   . GLN A 1 122 ? -5.629  -12.503 -18.098 1.00 37.84  ? 168 GLN A O   1 
ATOM   852  C  CB  . GLN A 1 122 ? -7.703  -13.025 -15.989 1.00 39.27  ? 168 GLN A CB  1 
ATOM   853  C  CG  . GLN A 1 122 ? -9.170  -13.405 -16.139 1.00 40.97  ? 168 GLN A CG  1 
ATOM   854  C  CD  . GLN A 1 122 ? -10.027 -12.241 -16.607 1.00 42.66  ? 168 GLN A CD  1 
ATOM   855  O  OE1 . GLN A 1 122 ? -10.053 -11.905 -17.793 1.00 44.37  ? 168 GLN A OE1 1 
ATOM   856  N  NE2 . GLN A 1 122 ? -10.742 -11.630 -15.680 1.00 43.95  ? 168 GLN A NE2 1 
ATOM   857  N  N   . ALA A 1 123 ? -4.335  -13.665 -16.670 1.00 37.04  ? 169 ALA A N   1 
ATOM   858  C  CA  . ALA A 1 123 ? -3.081  -13.100 -17.166 1.00 35.87  ? 169 ALA A CA  1 
ATOM   859  C  C   . ALA A 1 123 ? -1.936  -14.082 -16.992 1.00 35.15  ? 169 ALA A C   1 
ATOM   860  O  O   . ALA A 1 123 ? -1.954  -14.901 -16.078 1.00 34.55  ? 169 ALA A O   1 
ATOM   861  C  CB  . ALA A 1 123 ? -2.767  -11.798 -16.443 1.00 35.68  ? 169 ALA A CB  1 
ATOM   862  N  N   . GLU A 1 124 ? -0.940  -13.981 -17.870 1.00 34.46  ? 170 GLU A N   1 
ATOM   863  C  CA  . GLU A 1 124 ? 0.258   -14.810 -17.796 1.00 34.11  ? 170 GLU A CA  1 
ATOM   864  C  C   . GLU A 1 124 ? 1.165   -14.391 -16.637 1.00 33.20  ? 170 GLU A C   1 
ATOM   865  O  O   . GLU A 1 124 ? 1.588   -15.239 -15.845 1.00 32.85  ? 170 GLU A O   1 
ATOM   866  C  CB  . GLU A 1 124 ? 1.034   -14.751 -19.117 1.00 34.98  ? 170 GLU A CB  1 
ATOM   867  C  CG  . GLU A 1 124 ? 2.326   -15.590 -19.151 1.00 37.79  ? 170 GLU A CG  1 
ATOM   868  C  CD  . GLU A 1 124 ? 3.193   -15.300 -20.372 1.00 41.96  ? 170 GLU A CD  1 
ATOM   869  O  OE1 . GLU A 1 124 ? 4.311   -15.868 -20.462 1.00 43.75  ? 170 GLU A OE1 1 
ATOM   870  O  OE2 . GLU A 1 124 ? 2.764   -14.508 -21.242 1.00 43.03  ? 170 GLU A OE2 1 
ATOM   871  N  N   . HIS A 1 125 ? 1.458   -13.091 -16.541 1.00 31.25  ? 171 HIS A N   1 
ATOM   872  C  CA  . HIS A 1 125 ? 2.436   -12.599 -15.565 1.00 29.89  ? 171 HIS A CA  1 
ATOM   873  C  C   . HIS A 1 125 ? 1.788   -12.157 -14.255 1.00 28.07  ? 171 HIS A C   1 
ATOM   874  O  O   . HIS A 1 125 ? 0.745   -11.497 -14.260 1.00 26.77  ? 171 HIS A O   1 
ATOM   875  C  CB  . HIS A 1 125 ? 3.278   -11.466 -16.150 1.00 30.14  ? 171 HIS A CB  1 
ATOM   876  C  CG  . HIS A 1 125 ? 3.934   -11.810 -17.449 1.00 32.20  ? 171 HIS A CG  1 
ATOM   877  N  ND1 . HIS A 1 125 ? 4.997   -12.683 -17.541 1.00 34.40  ? 171 HIS A ND1 1 
ATOM   878  C  CD2 . HIS A 1 125 ? 3.680   -11.393 -18.712 1.00 34.35  ? 171 HIS A CD2 1 
ATOM   879  C  CE1 . HIS A 1 125 ? 5.365   -12.794 -18.805 1.00 35.09  ? 171 HIS A CE1 1 
ATOM   880  N  NE2 . HIS A 1 125 ? 4.585   -12.017 -19.536 1.00 35.70  ? 171 HIS A NE2 1 
ATOM   881  N  N   . LEU A 1 126 ? 2.412   -12.532 -13.137 1.00 26.01  ? 172 LEU A N   1 
ATOM   882  C  CA  . LEU A 1 126 ? 1.867   -12.203 -11.827 1.00 24.63  ? 172 LEU A CA  1 
ATOM   883  C  C   . LEU A 1 126 ? 1.674   -10.694 -11.662 1.00 23.49  ? 172 LEU A C   1 
ATOM   884  O  O   . LEU A 1 126 ? 0.718   -10.269 -11.051 1.00 22.87  ? 172 LEU A O   1 
ATOM   885  C  CB  . LEU A 1 126 ? 2.732   -12.777 -10.686 1.00 24.99  ? 172 LEU A CB  1 
ATOM   886  C  CG  . LEU A 1 126 ? 2.372   -12.352 -9.253  1.00 23.60  ? 172 LEU A CG  1 
ATOM   887  C  CD1 . LEU A 1 126 ? 0.988   -12.836 -8.837  1.00 25.59  ? 172 LEU A CD1 1 
ATOM   888  C  CD2 . LEU A 1 126 ? 3.421   -12.799 -8.239  1.00 24.78  ? 172 LEU A CD2 1 
ATOM   889  N  N   . LYS A 1 127 ? 2.574   -9.894  -12.226 1.00 22.92  ? 173 LYS A N   1 
ATOM   890  C  CA  . LYS A 1 127 ? 2.499   -8.436  -12.066 1.00 22.43  ? 173 LYS A CA  1 
ATOM   891  C  C   . LYS A 1 127 ? 1.206   -7.888  -12.658 1.00 20.99  ? 173 LYS A C   1 
ATOM   892  O  O   . LYS A 1 127 ? 0.650   -6.941  -12.133 1.00 20.34  ? 173 LYS A O   1 
ATOM   893  C  CB  . LYS A 1 127 ? 3.726   -7.750  -12.670 1.00 22.69  ? 173 LYS A CB  1 
ATOM   894  C  CG  . LYS A 1 127 ? 3.900   -7.981  -14.168 1.00 24.70  ? 173 LYS A CG  1 
ATOM   895  C  CD  . LYS A 1 127 ? 5.220   -7.424  -14.659 1.00 28.89  ? 173 LYS A CD  1 
ATOM   896  C  CE  . LYS A 1 127 ? 5.458   -7.814  -16.099 1.00 30.46  ? 173 LYS A CE  1 
ATOM   897  N  NZ  . LYS A 1 127 ? 6.888   -7.598  -16.461 1.00 32.95  ? 173 LYS A NZ  1 
ATOM   898  N  N   . THR A 1 128 ? 0.732   -8.506  -13.744 1.00 20.19  ? 174 THR A N   1 
ATOM   899  C  CA  . THR A 1 128 ? -0.529  -8.114  -14.381 1.00 19.60  ? 174 THR A CA  1 
ATOM   900  C  C   . THR A 1 128 ? -1.691  -8.500  -13.480 1.00 18.55  ? 174 THR A C   1 
ATOM   901  O  O   . THR A 1 128 ? -2.573  -7.704  -13.212 1.00 17.87  ? 174 THR A O   1 
ATOM   902  C  CB  . THR A 1 128 ? -0.734  -8.785  -15.759 1.00 19.43  ? 174 THR A CB  1 
ATOM   903  O  OG1 . THR A 1 128 ? 0.406   -8.557  -16.581 1.00 20.14  ? 174 THR A OG1 1 
ATOM   904  C  CG2 . THR A 1 128 ? -1.985  -8.218  -16.476 1.00 19.90  ? 174 THR A CG2 1 
ATOM   905  N  N   . ALA A 1 129 ? -1.672  -9.747  -13.030 1.00 18.21  ? 175 ALA A N   1 
ATOM   906  C  CA  . ALA A 1 129 ? -2.658  -10.265 -12.084 1.00 17.81  ? 175 ALA A CA  1 
ATOM   907  C  C   . ALA A 1 129 ? -2.794  -9.386  -10.837 1.00 16.93  ? 175 ALA A C   1 
ATOM   908  O  O   . ALA A 1 129 ? -3.900  -9.141  -10.349 1.00 17.49  ? 175 ALA A O   1 
ATOM   909  C  CB  . ALA A 1 129 ? -2.272  -11.660 -11.687 1.00 17.56  ? 175 ALA A CB  1 
ATOM   910  N  N   . VAL A 1 130 ? -1.664  -8.912  -10.325 1.00 16.02  ? 176 VAL A N   1 
ATOM   911  C  CA  . VAL A 1 130 ? -1.679  -8.080  -9.121  1.00 15.44  ? 176 VAL A CA  1 
ATOM   912  C  C   . VAL A 1 130 ? -2.418  -6.780  -9.375  1.00 13.96  ? 176 VAL A C   1 
ATOM   913  O  O   . VAL A 1 130 ? -3.204  -6.363  -8.549  1.00 14.05  ? 176 VAL A O   1 
ATOM   914  C  CB  . VAL A 1 130 ? -0.272  -7.820  -8.559  1.00 15.66  ? 176 VAL A CB  1 
ATOM   915  C  CG1 . VAL A 1 130 ? -0.312  -6.760  -7.430  1.00 15.13  ? 176 VAL A CG1 1 
ATOM   916  C  CG2 . VAL A 1 130 ? 0.331   -9.132  -8.043  1.00 16.80  ? 176 VAL A CG2 1 
ATOM   917  N  N   . GLN A 1 131 ? -2.187  -6.159  -10.532 1.00 13.76  ? 177 GLN A N   1 
ATOM   918  C  CA  . GLN A 1 131 ? -2.863  -4.888  -10.840 1.00 13.02  ? 177 GLN A CA  1 
ATOM   919  C  C   . GLN A 1 131 ? -4.347  -5.102  -11.052 1.00 12.77  ? 177 GLN A C   1 
ATOM   920  O  O   . GLN A 1 131 ? -5.172  -4.269  -10.669 1.00 12.02  ? 177 GLN A O   1 
ATOM   921  C  CB  . GLN A 1 131 ? -2.223  -4.195  -12.046 1.00 12.88  ? 177 GLN A CB  1 
ATOM   922  C  CG  . GLN A 1 131 ? -0.722  -3.832  -11.842 1.00 13.57  ? 177 GLN A CG  1 
ATOM   923  C  CD  . GLN A 1 131 ? -0.430  -3.143  -10.499 1.00 17.09  ? 177 GLN A CD  1 
ATOM   924  O  OE1 . GLN A 1 131 ? 0.604   -3.386  -9.878  1.00 18.81  ? 177 GLN A OE1 1 
ATOM   925  N  NE2 . GLN A 1 131 ? -1.334  -2.289  -10.061 1.00 16.22  ? 177 GLN A NE2 1 
ATOM   926  N  N   . MET A 1 132 ? -4.690  -6.231  -11.663 1.00 13.65  ? 178 MET A N   1 
ATOM   927  C  CA  . MET A 1 132 ? -6.083  -6.603  -11.831 1.00 13.93  ? 178 MET A CA  1 
ATOM   928  C  C   . MET A 1 132 ? -6.747  -6.779  -10.466 1.00 14.14  ? 178 MET A C   1 
ATOM   929  O  O   . MET A 1 132 ? -7.850  -6.309  -10.245 1.00 14.68  ? 178 MET A O   1 
ATOM   930  C  CB  . MET A 1 132 ? -6.181  -7.893  -12.628 1.00 14.50  ? 178 MET A CB  1 
ATOM   931  C  CG  . MET A 1 132 ? -5.875  -7.753  -14.094 1.00 15.49  ? 178 MET A CG  1 
ATOM   932  S  SD  . MET A 1 132 ? -5.923  -9.411  -14.783 1.00 22.88  ? 178 MET A SD  1 
ATOM   933  C  CE  . MET A 1 132 ? -6.222  -9.055  -16.497 1.00 23.54  ? 178 MET A CE  1 
ATOM   934  N  N   . ALA A 1 133 ? -6.049  -7.431  -9.540  1.00 14.69  ? 179 ALA A N   1 
ATOM   935  C  CA  . ALA A 1 133 ? -6.573  -7.602  -8.192  1.00 14.37  ? 179 ALA A CA  1 
ATOM   936  C  C   . ALA A 1 133 ? -6.732  -6.279  -7.459  1.00 14.38  ? 179 ALA A C   1 
ATOM   937  O  O   . ALA A 1 133 ? -7.748  -6.037  -6.806  1.00 15.77  ? 179 ALA A O   1 
ATOM   938  C  CB  . ALA A 1 133 ? -5.703  -8.554  -7.420  1.00 14.28  ? 179 ALA A CB  1 
ATOM   939  N  N   . VAL A 1 134 ? -5.734  -5.405  -7.563  1.00 14.18  ? 180 VAL A N   1 
ATOM   940  C  CA  . VAL A 1 134 ? -5.863  -4.064  -6.996  1.00 13.36  ? 180 VAL A CA  1 
ATOM   941  C  C   . VAL A 1 134 ? -7.102  -3.343  -7.533  1.00 13.38  ? 180 VAL A C   1 
ATOM   942  O  O   . VAL A 1 134 ? -7.844  -2.711  -6.781  1.00 13.98  ? 180 VAL A O   1 
ATOM   943  C  CB  . VAL A 1 134 ? -4.599  -3.207  -7.284  1.00 14.36  ? 180 VAL A CB  1 
ATOM   944  C  CG1 . VAL A 1 134 ? -4.847  -1.756  -6.934  1.00 12.30  ? 180 VAL A CG1 1 
ATOM   945  C  CG2 . VAL A 1 134 ? -3.397  -3.748  -6.525  1.00 12.75  ? 180 VAL A CG2 1 
ATOM   946  N  N   . PHE A 1 135 ? -7.317  -3.448  -8.833  1.00 13.35  ? 181 PHE A N   1 
ATOM   947  C  CA  . PHE A 1 135 ? -8.451  -2.799  -9.512  1.00 13.87  ? 181 PHE A CA  1 
ATOM   948  C  C   . PHE A 1 135 ? -9.758  -3.344  -8.925  1.00 14.17  ? 181 PHE A C   1 
ATOM   949  O  O   . PHE A 1 135 ? -10.632 -2.580  -8.534  1.00 12.95  ? 181 PHE A O   1 
ATOM   950  C  CB  . PHE A 1 135 ? -8.348  -3.092  -11.015 1.00 13.97  ? 181 PHE A CB  1 
ATOM   951  C  CG  . PHE A 1 135 ? -9.509  -2.582  -11.852 1.00 15.56  ? 181 PHE A CG  1 
ATOM   952  C  CD1 . PHE A 1 135 ? -10.748 -3.257  -11.857 1.00 17.43  ? 181 PHE A CD1 1 
ATOM   953  C  CD2 . PHE A 1 135 ? -9.334  -1.500  -12.699 1.00 17.11  ? 181 PHE A CD2 1 
ATOM   954  C  CE1 . PHE A 1 135 ? -11.814 -2.812  -12.651 1.00 17.55  ? 181 PHE A CE1 1 
ATOM   955  C  CE2 . PHE A 1 135 ? -10.389 -1.037  -13.515 1.00 18.99  ? 181 PHE A CE2 1 
ATOM   956  C  CZ  . PHE A 1 135 ? -11.636 -1.702  -13.487 1.00 18.82  ? 181 PHE A CZ  1 
ATOM   957  N  N   . ILE A 1 136 ? -9.856  -4.672  -8.845  1.00 15.73  ? 182 ILE A N   1 
ATOM   958  C  CA  . ILE A 1 136 ? -11.063 -5.333  -8.326  1.00 17.38  ? 182 ILE A CA  1 
ATOM   959  C  C   . ILE A 1 136 ? -11.298 -4.904  -6.886  1.00 18.27  ? 182 ILE A C   1 
ATOM   960  O  O   . ILE A 1 136 ? -12.394 -4.464  -6.531  1.00 18.80  ? 182 ILE A O   1 
ATOM   961  C  CB  . ILE A 1 136 ? -10.961 -6.880  -8.462  1.00 17.88  ? 182 ILE A CB  1 
ATOM   962  C  CG1 . ILE A 1 136 ? -11.070 -7.268  -9.941  1.00 19.07  ? 182 ILE A CG1 1 
ATOM   963  C  CG2 . ILE A 1 136 ? -12.045 -7.596  -7.605  1.00 18.40  ? 182 ILE A CG2 1 
ATOM   964  C  CD1 . ILE A 1 136 ? -10.350 -8.537  -10.307 1.00 21.78  ? 182 ILE A CD1 1 
ATOM   965  N  N   . HIS A 1 137 ? -10.260 -5.002  -6.055  1.00 19.31  ? 183 HIS A N   1 
ATOM   966  C  CA  . HIS A 1 137 ? -10.379 -4.568  -4.664  1.00 19.90  ? 183 HIS A CA  1 
ATOM   967  C  C   . HIS A 1 137 ? -10.873 -3.124  -4.521  1.00 20.22  ? 183 HIS A C   1 
ATOM   968  O  O   . HIS A 1 137 ? -11.802 -2.856  -3.736  1.00 20.41  ? 183 HIS A O   1 
ATOM   969  C  CB  . HIS A 1 137 ? -9.055  -4.713  -3.904  1.00 20.23  ? 183 HIS A CB  1 
ATOM   970  C  CG  . HIS A 1 137 ? -9.154  -4.285  -2.477  1.00 21.98  ? 183 HIS A CG  1 
ATOM   971  N  ND1 . HIS A 1 137 ? -8.914  -2.990  -2.067  1.00 24.00  ? 183 HIS A ND1 1 
ATOM   972  C  CD2 . HIS A 1 137 ? -9.533  -4.965  -1.371  1.00 22.70  ? 183 HIS A CD2 1 
ATOM   973  C  CE1 . HIS A 1 137 ? -9.108  -2.899  -0.763  1.00 22.84  ? 183 HIS A CE1 1 
ATOM   974  N  NE2 . HIS A 1 137 ? -9.475  -4.086  -0.316  1.00 26.43  ? 183 HIS A NE2 1 
ATOM   975  N  N   . ASN A 1 138 ? -10.268 -2.203  -5.271  1.00 19.44  ? 184 ASN A N   1 
ATOM   976  C  CA  . ASN A 1 138 ? -10.563 -0.774  -5.102  1.00 20.69  ? 184 ASN A CA  1 
ATOM   977  C  C   . ASN A 1 138 ? -11.925 -0.341  -5.639  1.00 21.72  ? 184 ASN A C   1 
ATOM   978  O  O   . ASN A 1 138 ? -12.452 0.691   -5.231  1.00 21.48  ? 184 ASN A O   1 
ATOM   979  C  CB  . ASN A 1 138 ? -9.478  0.105   -5.738  1.00 19.47  ? 184 ASN A CB  1 
ATOM   980  C  CG  . ASN A 1 138 ? -8.192  0.141   -4.926  1.00 19.29  ? 184 ASN A CG  1 
ATOM   981  O  OD1 . ASN A 1 138 ? -8.177  -0.200  -3.742  1.00 17.73  ? 184 ASN A OD1 1 
ATOM   982  N  ND2 . ASN A 1 138 ? -7.096  0.562   -5.571  1.00 15.24  ? 184 ASN A ND2 1 
ATOM   983  N  N   . LYS A 1 139 ? -12.473 -1.119  -6.560  1.00 24.03  ? 185 LYS A N   1 
ATOM   984  C  CA  . LYS A 1 139 ? -13.738 -0.750  -7.203  1.00 27.38  ? 185 LYS A CA  1 
ATOM   985  C  C   . LYS A 1 139 ? -14.959 -1.415  -6.565  1.00 29.09  ? 185 LYS A C   1 
ATOM   986  O  O   . LYS A 1 139 ? -16.066 -0.920  -6.713  1.00 29.42  ? 185 LYS A O   1 
ATOM   987  C  CB  . LYS A 1 139 ? -13.699 -1.040  -8.708  1.00 27.38  ? 185 LYS A CB  1 
ATOM   988  C  CG  . LYS A 1 139 ? -12.604 -0.285  -9.441  1.00 29.49  ? 185 LYS A CG  1 
ATOM   989  C  CD  . LYS A 1 139 ? -13.097 0.319   -10.733 1.00 33.84  ? 185 LYS A CD  1 
ATOM   990  C  CE  . LYS A 1 139 ? -12.157 1.423   -11.182 1.00 35.18  ? 185 LYS A CE  1 
ATOM   991  N  NZ  . LYS A 1 139 ? -12.901 2.477   -11.957 1.00 37.33  ? 185 LYS A NZ  1 
ATOM   992  N  N   . LYS A 1 140 ? -14.744 -2.512  -5.839  1.00 31.81  ? 186 LYS A N   1 
ATOM   993  C  CA  . LYS A 1 140 ? -15.840 -3.278  -5.229  1.00 34.43  ? 186 LYS A CA  1 
ATOM   994  C  C   . LYS A 1 140 ? -16.610 -2.494  -4.167  1.00 35.69  ? 186 LYS A C   1 
ATOM   995  O  O   . LYS A 1 140 ? -16.052 -2.069  -3.153  1.00 35.43  ? 186 LYS A O   1 
ATOM   996  C  CB  . LYS A 1 140 ? -15.325 -4.598  -4.644  1.00 34.66  ? 186 LYS A CB  1 
ATOM   997  C  CG  . LYS A 1 140 ? -16.400 -5.688  -4.520  1.00 36.89  ? 186 LYS A CG  1 
ATOM   998  C  CD  . LYS A 1 140 ? -15.789 -7.040  -4.140  1.00 38.09  ? 186 LYS A CD  1 
ATOM   999  C  CE  . LYS A 1 140 ? -15.098 -7.712  -5.324  1.00 38.80  ? 186 LYS A CE  1 
ATOM   1000 N  NZ  . LYS A 1 140 ? -14.225 -8.857  -4.905  1.00 39.42  ? 186 LYS A NZ  1 
ATOM   1001 N  N   . ARG A 1 141 ? -17.905 -2.310  -4.409  1.00 37.52  ? 187 ARG A N   1 
ATOM   1002 C  CA  . ARG A 1 141 ? -18.764 -1.647  -3.434  1.00 39.33  ? 187 ARG A CA  1 
ATOM   1003 C  C   . ARG A 1 141 ? -19.140 -2.597  -2.303  1.00 40.12  ? 187 ARG A C   1 
ATOM   1004 O  O   . ARG A 1 141 ? -19.458 -3.756  -2.544  1.00 40.45  ? 187 ARG A O   1 
ATOM   1005 C  CB  . ARG A 1 141 ? -19.998 -1.038  -4.110  1.00 39.53  ? 187 ARG A CB  1 
ATOM   1006 C  CG  . ARG A 1 141 ? -19.713 0.333   -4.737  1.00 41.20  ? 187 ARG A CG  1 
ATOM   1007 C  CD  . ARG A 1 141 ? -20.840 0.836   -5.626  1.00 43.66  ? 187 ARG A CD  1 
ATOM   1008 N  NE  . ARG A 1 141 ? -20.495 0.811   -7.051  1.00 46.12  ? 187 ARG A NE  1 
ATOM   1009 C  CZ  . ARG A 1 141 ? -20.804 -0.169  -7.901  1.00 46.87  ? 187 ARG A CZ  1 
ATOM   1010 N  NH1 . ARG A 1 141 ? -21.469 -1.248  -7.490  1.00 46.58  ? 187 ARG A NH1 1 
ATOM   1011 N  NH2 . ARG A 1 141 ? -20.437 -0.072  -9.171  1.00 47.37  ? 187 ARG A NH2 1 
ATOM   1012 N  N   . LYS A 1 142 ? -19.047 -2.094  -1.073  1.00 41.53  ? 188 LYS A N   1 
ATOM   1013 C  CA  . LYS A 1 142 ? -19.506 -2.780  0.140   1.00 42.56  ? 188 LYS A CA  1 
ATOM   1014 C  C   . LYS A 1 142 ? -19.468 -1.813  1.326   1.00 43.03  ? 188 LYS A C   1 
ATOM   1015 O  O   . LYS A 1 142 ? -19.041 -2.164  2.434   1.00 43.55  ? 188 LYS A O   1 
ATOM   1016 C  CB  . LYS A 1 142 ? -18.676 -4.036  0.441   1.00 43.07  ? 188 LYS A CB  1 
ATOM   1017 C  CG  . LYS A 1 142 ? -19.352 -5.356  0.057   1.00 43.74  ? 188 LYS A CG  1 
ATOM   1018 C  CD  . LYS A 1 142 ? -19.045 -6.449  1.076   1.00 45.10  ? 188 LYS A CD  1 
ATOM   1019 C  CE  . LYS A 1 142 ? -19.673 -6.129  2.434   1.00 45.91  ? 188 LYS A CE  1 
ATOM   1020 N  NZ  . LYS A 1 142 ? -19.054 -6.917  3.537   1.00 47.22  ? 188 LYS A NZ  1 
ATOM   1021 N  N   . GLY A 1 147 ? -22.730 1.730   0.901   1.00 36.48  ? 193 GLY A N   1 
ATOM   1022 C  CA  . GLY A 1 147 ? -21.912 0.802   0.127   1.00 36.18  ? 193 GLY A CA  1 
ATOM   1023 C  C   . GLY A 1 147 ? -21.037 1.510   -0.892  1.00 36.03  ? 193 GLY A C   1 
ATOM   1024 O  O   . GLY A 1 147 ? -21.359 1.543   -2.085  1.00 36.58  ? 193 GLY A O   1 
ATOM   1025 N  N   . TYR A 1 148 ? -19.937 2.088   -0.412  1.00 35.11  ? 194 TYR A N   1 
ATOM   1026 C  CA  . TYR A 1 148 ? -18.947 2.750   -1.266  1.00 33.91  ? 194 TYR A CA  1 
ATOM   1027 C  C   . TYR A 1 148 ? -17.762 1.815   -1.509  1.00 31.82  ? 194 TYR A C   1 
ATOM   1028 O  O   . TYR A 1 148 ? -17.472 0.955   -0.684  1.00 31.71  ? 194 TYR A O   1 
ATOM   1029 C  CB  . TYR A 1 148 ? -18.421 4.012   -0.575  1.00 34.60  ? 194 TYR A CB  1 
ATOM   1030 C  CG  . TYR A 1 148 ? -19.139 5.317   -0.868  1.00 38.34  ? 194 TYR A CG  1 
ATOM   1031 C  CD1 . TYR A 1 148 ? -20.485 5.349   -1.240  1.00 41.51  ? 194 TYR A CD1 1 
ATOM   1032 C  CD2 . TYR A 1 148 ? -18.464 6.539   -0.732  1.00 41.59  ? 194 TYR A CD2 1 
ATOM   1033 C  CE1 . TYR A 1 148 ? -21.136 6.568   -1.491  1.00 43.88  ? 194 TYR A CE1 1 
ATOM   1034 C  CE2 . TYR A 1 148 ? -19.098 7.753   -0.974  1.00 43.08  ? 194 TYR A CE2 1 
ATOM   1035 C  CZ  . TYR A 1 148 ? -20.430 7.764   -1.354  1.00 44.69  ? 194 TYR A CZ  1 
ATOM   1036 O  OH  . TYR A 1 148 ? -21.050 8.971   -1.593  1.00 46.33  ? 194 TYR A OH  1 
ATOM   1037 N  N   . SER A 1 149 ? -17.069 2.011   -2.628  1.00 29.24  ? 195 SER A N   1 
ATOM   1038 C  CA  . SER A 1 149 ? -15.829 1.296   -2.917  1.00 27.06  ? 195 SER A CA  1 
ATOM   1039 C  C   . SER A 1 149 ? -14.663 1.933   -2.160  1.00 25.57  ? 195 SER A C   1 
ATOM   1040 O  O   . SER A 1 149 ? -14.720 3.103   -1.789  1.00 24.73  ? 195 SER A O   1 
ATOM   1041 C  CB  . SER A 1 149 ? -15.535 1.375   -4.405  1.00 26.80  ? 195 SER A CB  1 
ATOM   1042 O  OG  . SER A 1 149 ? -15.206 2.708   -4.732  1.00 26.57  ? 195 SER A OG  1 
ATOM   1043 N  N   . ALA A 1 150 ? -13.592 1.176   -1.947  1.00 24.81  ? 196 ALA A N   1 
ATOM   1044 C  CA  . ALA A 1 150 ? -12.384 1.763   -1.350  1.00 24.28  ? 196 ALA A CA  1 
ATOM   1045 C  C   . ALA A 1 150 ? -11.919 2.994   -2.139  1.00 23.67  ? 196 ALA A C   1 
ATOM   1046 O  O   . ALA A 1 150 ? -11.526 4.004   -1.555  1.00 23.33  ? 196 ALA A O   1 
ATOM   1047 C  CB  . ALA A 1 150 ? -11.273 0.723   -1.250  1.00 23.73  ? 196 ALA A CB  1 
ATOM   1048 N  N   . GLY A 1 151 ? -11.993 2.909   -3.469  1.00 24.00  ? 197 GLY A N   1 
ATOM   1049 C  CA  . GLY A 1 151 ? -11.581 4.011   -4.356  1.00 24.46  ? 197 GLY A CA  1 
ATOM   1050 C  C   . GLY A 1 151 ? -12.401 5.281   -4.178  1.00 24.86  ? 197 GLY A C   1 
ATOM   1051 O  O   . GLY A 1 151 ? -11.877 6.399   -4.258  1.00 23.89  ? 197 GLY A O   1 
ATOM   1052 N  N   . GLU A 1 152 ? -13.697 5.106   -3.934  1.00 24.92  ? 198 GLU A N   1 
ATOM   1053 C  CA  . GLU A 1 152 ? -14.591 6.236   -3.676  1.00 25.41  ? 198 GLU A CA  1 
ATOM   1054 C  C   . GLU A 1 152 ? -14.347 6.782   -2.281  1.00 24.98  ? 198 GLU A C   1 
ATOM   1055 O  O   . GLU A 1 152 ? -14.346 7.998   -2.086  1.00 24.90  ? 198 GLU A O   1 
ATOM   1056 C  CB  . GLU A 1 152 ? -16.061 5.813   -3.830  1.00 26.33  ? 198 GLU A CB  1 
ATOM   1057 C  CG  . GLU A 1 152 ? -16.432 5.431   -5.256  1.00 27.87  ? 198 GLU A CG  1 
ATOM   1058 C  CD  . GLU A 1 152 ? -17.822 4.830   -5.372  1.00 32.10  ? 198 GLU A CD  1 
ATOM   1059 O  OE1 . GLU A 1 152 ? -18.147 3.877   -4.628  1.00 31.56  ? 198 GLU A OE1 1 
ATOM   1060 O  OE2 . GLU A 1 152 ? -18.584 5.312   -6.238  1.00 35.51  ? 198 GLU A OE2 1 
ATOM   1061 N  N   . ARG A 1 153 ? -14.125 5.879   -1.321  1.00 24.74  ? 199 ARG A N   1 
ATOM   1062 C  CA  . ARG A 1 153 ? -13.894 6.260   0.074   1.00 25.05  ? 199 ARG A CA  1 
ATOM   1063 C  C   . ARG A 1 153 ? -12.641 7.096   0.230   1.00 24.58  ? 199 ARG A C   1 
ATOM   1064 O  O   . ARG A 1 153 ? -12.662 8.101   0.931   1.00 24.18  ? 199 ARG A O   1 
ATOM   1065 C  CB  . ARG A 1 153 ? -13.785 5.036   0.988   1.00 25.72  ? 199 ARG A CB  1 
ATOM   1066 C  CG  . ARG A 1 153 ? -15.125 4.416   1.391   1.00 28.82  ? 199 ARG A CG  1 
ATOM   1067 C  CD  . ARG A 1 153 ? -14.974 3.514   2.619   1.00 31.73  ? 199 ARG A CD  1 
ATOM   1068 N  NE  . ARG A 1 153 ? -14.066 2.387   2.378   1.00 34.12  ? 199 ARG A NE  1 
ATOM   1069 C  CZ  . ARG A 1 153 ? -14.421 1.243   1.798   1.00 35.30  ? 199 ARG A CZ  1 
ATOM   1070 N  NH1 . ARG A 1 153 ? -15.673 1.055   1.392   1.00 35.17  ? 199 ARG A NH1 1 
ATOM   1071 N  NH2 . ARG A 1 153 ? -13.520 0.283   1.623   1.00 34.78  ? 199 ARG A NH2 1 
ATOM   1072 N  N   . ILE A 1 154 ? -11.548 6.691   -0.422  1.00 24.16  ? 200 ILE A N   1 
ATOM   1073 C  CA  . ILE A 1 154 ? -10.312 7.464   -0.299  1.00 23.80  ? 200 ILE A CA  1 
ATOM   1074 C  C   . ILE A 1 154 ? -10.459 8.893   -0.831  1.00 24.63  ? 200 ILE A C   1 
ATOM   1075 O  O   . ILE A 1 154 ? -10.046 9.841   -0.159  1.00 24.49  ? 200 ILE A O   1 
ATOM   1076 C  CB  . ILE A 1 154 ? -9.064  6.741   -0.884  1.00 23.24  ? 200 ILE A CB  1 
ATOM   1077 C  CG1 . ILE A 1 154 ? -7.785  7.531   -0.527  1.00 22.51  ? 200 ILE A CG1 1 
ATOM   1078 C  CG2 . ILE A 1 154 ? -9.197  6.499   -2.397  1.00 21.71  ? 200 ILE A CG2 1 
ATOM   1079 C  CD1 . ILE A 1 154 ? -6.489  6.828   -0.912  1.00 19.90  ? 200 ILE A CD1 1 
ATOM   1080 N  N   . VAL A 1 155 ? -11.060 9.063   -2.012  1.00 25.84  ? 201 VAL A N   1 
ATOM   1081 C  CA  . VAL A 1 155 ? -11.218 10.423  -2.542  1.00 27.68  ? 201 VAL A CA  1 
ATOM   1082 C  C   . VAL A 1 155 ? -12.182 11.240  -1.694  1.00 28.19  ? 201 VAL A C   1 
ATOM   1083 O  O   . VAL A 1 155 ? -11.967 12.424  -1.503  1.00 28.41  ? 201 VAL A O   1 
ATOM   1084 C  CB  . VAL A 1 155 ? -11.548 10.512  -4.066  1.00 27.58  ? 201 VAL A CB  1 
ATOM   1085 C  CG1 . VAL A 1 155 ? -10.438 9.863   -4.905  1.00 28.38  ? 201 VAL A CG1 1 
ATOM   1086 C  CG2 . VAL A 1 155 ? -12.917 9.921   -4.392  1.00 28.68  ? 201 VAL A CG2 1 
ATOM   1087 N  N   . ASP A 1 156 ? -13.212 10.594  -1.156  1.00 29.94  ? 202 ASP A N   1 
ATOM   1088 C  CA  . ASP A 1 156 ? -14.143 11.254  -0.230  1.00 31.30  ? 202 ASP A CA  1 
ATOM   1089 C  C   . ASP A 1 156 ? -13.408 11.710  1.033   1.00 31.37  ? 202 ASP A C   1 
ATOM   1090 O  O   . ASP A 1 156 ? -13.489 12.877  1.418   1.00 31.45  ? 202 ASP A O   1 
ATOM   1091 C  CB  . ASP A 1 156 ? -15.310 10.326  0.122   1.00 32.07  ? 202 ASP A CB  1 
ATOM   1092 C  CG  . ASP A 1 156 ? -16.401 11.026  0.928   1.00 34.82  ? 202 ASP A CG  1 
ATOM   1093 O  OD1 . ASP A 1 156 ? -16.953 12.035  0.442   1.00 37.21  ? 202 ASP A OD1 1 
ATOM   1094 O  OD2 . ASP A 1 156 ? -16.711 10.557  2.044   1.00 37.44  ? 202 ASP A OD2 1 
ATOM   1095 N  N   . ILE A 1 157 ? -12.659 10.795  1.650   1.00 31.56  ? 203 ILE A N   1 
ATOM   1096 C  CA  . ILE A 1 157 ? -11.922 11.099  2.872   1.00 31.25  ? 203 ILE A CA  1 
ATOM   1097 C  C   . ILE A 1 157 ? -10.932 12.240  2.640   1.00 31.82  ? 203 ILE A C   1 
ATOM   1098 O  O   . ILE A 1 157 ? -10.906 13.205  3.411   1.00 31.50  ? 203 ILE A O   1 
ATOM   1099 C  CB  . ILE A 1 157 ? -11.226 9.834   3.460   1.00 31.19  ? 203 ILE A CB  1 
ATOM   1100 C  CG1 . ILE A 1 157 ? -12.267 8.869   4.043   1.00 30.81  ? 203 ILE A CG1 1 
ATOM   1101 C  CG2 . ILE A 1 157 ? -10.219 10.207  4.542   1.00 30.46  ? 203 ILE A CG2 1 
ATOM   1102 C  CD1 . ILE A 1 157 ? -11.753 7.451   4.284   1.00 30.28  ? 203 ILE A CD1 1 
ATOM   1103 N  N   . ILE A 1 158 ? -10.145 12.148  1.566   1.00 32.07  ? 204 ILE A N   1 
ATOM   1104 C  CA  . ILE A 1 158 ? -9.123  13.160  1.269   1.00 32.82  ? 204 ILE A CA  1 
ATOM   1105 C  C   . ILE A 1 158 ? -9.716  14.518  0.852   1.00 33.76  ? 204 ILE A C   1 
ATOM   1106 O  O   . ILE A 1 158 ? -9.230  15.563  1.292   1.00 33.96  ? 204 ILE A O   1 
ATOM   1107 C  CB  . ILE A 1 158 ? -8.088  12.662  0.212   1.00 32.47  ? 204 ILE A CB  1 
ATOM   1108 C  CG1 . ILE A 1 158 ? -7.350  11.402  0.702   1.00 32.80  ? 204 ILE A CG1 1 
ATOM   1109 C  CG2 . ILE A 1 158 ? -7.100  13.770  -0.172  1.00 32.56  ? 204 ILE A CG2 1 
ATOM   1110 C  CD1 . ILE A 1 158 ? -6.551  11.559  2.015   1.00 31.14  ? 204 ILE A CD1 1 
ATOM   1111 N  N   . ALA A 1 159 ? -10.754 14.507  0.017   1.00 34.69  ? 205 ALA A N   1 
ATOM   1112 C  CA  . ALA A 1 159 ? -11.393 15.758  -0.424  1.00 35.98  ? 205 ALA A CA  1 
ATOM   1113 C  C   . ALA A 1 159 ? -12.093 16.496  0.712   1.00 37.14  ? 205 ALA A C   1 
ATOM   1114 O  O   . ALA A 1 159 ? -12.084 17.725  0.747   1.00 37.62  ? 205 ALA A O   1 
ATOM   1115 C  CB  . ALA A 1 159 ? -12.368 15.510  -1.565  1.00 35.66  ? 205 ALA A CB  1 
ATOM   1116 N  N   . THR A 1 160 ? -12.703 15.744  1.625   1.00 38.48  ? 206 THR A N   1 
ATOM   1117 C  CA  . THR A 1 160 ? -13.330 16.314  2.815   1.00 39.92  ? 206 THR A CA  1 
ATOM   1118 C  C   . THR A 1 160 ? -12.276 16.896  3.759   1.00 41.05  ? 206 THR A C   1 
ATOM   1119 O  O   . THR A 1 160 ? -12.521 17.903  4.433   1.00 41.01  ? 206 THR A O   1 
ATOM   1120 C  CB  . THR A 1 160 ? -14.188 15.271  3.566   1.00 39.69  ? 206 THR A CB  1 
ATOM   1121 O  OG1 . THR A 1 160 ? -15.170 14.727  2.676   1.00 39.28  ? 206 THR A OG1 1 
ATOM   1122 C  CG2 . THR A 1 160 ? -14.899 15.902  4.763   1.00 39.96  ? 206 THR A CG2 1 
ATOM   1123 N  N   . ASP A 1 161 ? -11.104 16.264  3.791   1.00 42.29  ? 207 ASP A N   1 
ATOM   1124 C  CA  . ASP A 1 161 ? -10.001 16.717  4.637   1.00 43.83  ? 207 ASP A CA  1 
ATOM   1125 C  C   . ASP A 1 161 ? -9.303  17.981  4.121   1.00 44.60  ? 207 ASP A C   1 
ATOM   1126 O  O   . ASP A 1 161 ? -8.517  18.602  4.845   1.00 44.87  ? 207 ASP A O   1 
ATOM   1127 C  CB  . ASP A 1 161 ? -8.988  15.588  4.846   1.00 44.01  ? 207 ASP A CB  1 
ATOM   1128 C  CG  . ASP A 1 161 ? -8.150  15.783  6.091   1.00 45.11  ? 207 ASP A CG  1 
ATOM   1129 O  OD1 . ASP A 1 161 ? -8.723  15.774  7.205   1.00 46.27  ? 207 ASP A OD1 1 
ATOM   1130 O  OD2 . ASP A 1 161 ? -6.917  15.937  5.955   1.00 45.67  ? 207 ASP A OD2 1 
ATOM   1131 N  N   . ILE A 1 162 ? -9.588  18.361  2.877   1.00 45.70  ? 208 ILE A N   1 
ATOM   1132 C  CA  . ILE A 1 162 ? -9.082  19.617  2.309   1.00 46.70  ? 208 ILE A CA  1 
ATOM   1133 C  C   . ILE A 1 162 ? -10.013 20.778  2.674   1.00 47.51  ? 208 ILE A C   1 
ATOM   1134 O  O   . ILE A 1 162 ? -9.550  21.879  3.000   1.00 47.67  ? 208 ILE A O   1 
ATOM   1135 C  CB  . ILE A 1 162 ? -8.886  19.521  0.767   1.00 46.74  ? 208 ILE A CB  1 
ATOM   1136 C  CG1 . ILE A 1 162 ? -7.663  18.661  0.446   1.00 47.03  ? 208 ILE A CG1 1 
ATOM   1137 C  CG2 . ILE A 1 162 ? -8.726  20.909  0.129   1.00 46.73  ? 208 ILE A CG2 1 
ATOM   1138 C  CD1 . ILE A 1 162 ? -7.777  17.894  -0.844  1.00 47.74  ? 208 ILE A CD1 1 
ATOM   1139 N  N   . GLN A 1 163 ? -11.319 20.518  2.631   1.00 48.19  ? 209 GLN A N   1 
ATOM   1140 C  CA  . GLN A 1 163 ? -12.322 21.553  2.877   1.00 48.87  ? 209 GLN A CA  1 
ATOM   1141 C  C   . GLN A 1 163 ? -12.965 21.425  4.256   1.00 49.17  ? 209 GLN A C   1 
ATOM   1142 O  O   . GLN A 1 163 ? -13.793 20.542  4.490   1.00 49.65  ? 209 GLN A O   1 
ATOM   1143 C  CB  . GLN A 1 163 ? -13.390 21.525  1.782   1.00 48.97  ? 209 GLN A CB  1 
ATOM   1144 C  CG  . GLN A 1 163 ? -12.852 21.864  0.401   1.00 49.44  ? 209 GLN A CG  1 
ATOM   1145 C  CD  . GLN A 1 163 ? -13.871 21.667  -0.703  1.00 50.20  ? 209 GLN A CD  1 
ATOM   1146 O  OE1 . GLN A 1 163 ? -15.054 21.441  -0.441  1.00 50.52  ? 209 GLN A OE1 1 
ATOM   1147 N  NE2 . GLN A 1 163 ? -13.414 21.757  -1.951  1.00 49.72  ? 209 GLN A NE2 1 
HETATM 1148 N  N   . 723 B 2 .   ? 20.637  5.710   -2.892  1.00 36.24  ? 1   723 A N   1 
HETATM 1149 CL CL  . 723 B 2 .   ? 20.894  9.171   1.928   1.00 40.66  ? 1   723 A CL  1 
HETATM 1150 C  C1  . 723 B 2 .   ? 18.782  7.022   -3.868  1.00 35.59  ? 1   723 A C1  1 
HETATM 1151 O  O1  . 723 B 2 .   ? 19.805  5.112   -4.879  1.00 36.09  ? 1   723 A O1  1 
HETATM 1152 C  C2  . 723 B 2 .   ? 17.818  7.259   -5.008  1.00 34.84  ? 1   723 A C2  1 
HETATM 1153 O  O2  . 723 B 2 .   ? 19.530  8.800   -5.727  1.00 33.63  ? 1   723 A O2  1 
HETATM 1154 C  C3  . 723 B 2 .   ? 18.794  7.940   -2.709  1.00 35.89  ? 1   723 A C3  1 
HETATM 1155 O  O3  . 723 B 2 .   ? 18.208  7.973   -7.242  1.00 30.79  ? 1   723 A O3  1 
HETATM 1156 C  C4  . 723 B 2 .   ? 17.827  9.056   -2.578  1.00 36.02  ? 1   723 A C4  1 
HETATM 1157 C  C5  . 723 B 2 .   ? 19.775  7.652   -1.633  1.00 36.44  ? 1   723 A C5  1 
HETATM 1158 C  C6  . 723 B 2 .   ? 20.696  6.490   -1.800  1.00 36.34  ? 1   723 A C6  1 
HETATM 1159 C  C7  . 723 B 2 .   ? 19.771  5.901   -3.904  1.00 36.19  ? 1   723 A C7  1 
HETATM 1160 C  C8  . 723 B 2 .   ? 18.089  10.347  -3.015  1.00 35.84  ? 1   723 A C8  1 
HETATM 1161 C  C9  . 723 B 2 .   ? 17.107  11.323  -2.840  1.00 36.92  ? 1   723 A C9  1 
HETATM 1162 C  C10 . 723 B 2 .   ? 15.887  11.019  -2.234  1.00 35.30  ? 1   723 A C10 1 
HETATM 1163 C  C11 . 723 B 2 .   ? 15.630  9.724   -1.796  1.00 36.39  ? 1   723 A C11 1 
HETATM 1164 C  C12 . 723 B 2 .   ? 16.606  8.745   -1.969  1.00 35.96  ? 1   723 A C12 1 
HETATM 1165 C  C13 . 723 B 2 .   ? 19.858  8.444   -0.499  1.00 36.65  ? 1   723 A C13 1 
HETATM 1166 C  C14 . 723 B 2 .   ? 20.805  8.133   0.474   1.00 38.14  ? 1   723 A C14 1 
HETATM 1167 C  C15 . 723 B 2 .   ? 21.673  7.046   0.332   1.00 37.92  ? 1   723 A C15 1 
HETATM 1168 C  C16 . 723 B 2 .   ? 21.631  6.225   -0.797  1.00 36.89  ? 1   723 A C16 1 
HETATM 1169 C  C17 . 723 B 2 .   ? 18.565  8.066   -6.058  1.00 33.30  ? 1   723 A C17 1 
HETATM 1170 C  C1  . PEG C 3 .   ? 19.530  9.895   6.193   1.00 56.69  ? 213 PEG A C1  1 
HETATM 1171 O  O1  . PEG C 3 .   ? 19.402  8.574   5.652   1.00 56.49  ? 213 PEG A O1  1 
HETATM 1172 C  C2  . PEG C 3 .   ? 18.309  10.723  5.809   1.00 56.32  ? 213 PEG A C2  1 
HETATM 1173 O  O2  . PEG C 3 .   ? 18.717  11.907  5.123   1.00 56.51  ? 213 PEG A O2  1 
HETATM 1174 C  C3  . PEG C 3 .   ? 18.288  13.091  5.794   1.00 56.12  ? 213 PEG A C3  1 
HETATM 1175 C  C4  . PEG C 3 .   ? 19.283  14.214  5.527   1.00 56.00  ? 213 PEG A C4  1 
HETATM 1176 O  O4  . PEG C 3 .   ? 19.020  15.305  6.418   1.00 55.47  ? 213 PEG A O4  1 
HETATM 1177 C  C1  . PEG D 3 .   ? -13.316 -0.148  5.034   1.00 66.21  ? 2   PEG A C1  1 
HETATM 1178 O  O1  . PEG D 3 .   ? -13.433 1.276   4.946   1.00 66.41  ? 2   PEG A O1  1 
HETATM 1179 C  C2  . PEG D 3 .   ? -12.396 -0.507  6.193   1.00 66.42  ? 2   PEG A C2  1 
HETATM 1180 O  O2  . PEG D 3 .   ? -11.062 -0.086  5.905   1.00 66.67  ? 2   PEG A O2  1 
HETATM 1181 C  C3  . PEG D 3 .   ? -10.135 -1.172  5.965   1.00 66.66  ? 2   PEG A C3  1 
HETATM 1182 C  C4  . PEG D 3 .   ? -9.013  -0.856  6.952   1.00 66.44  ? 2   PEG A C4  1 
HETATM 1183 O  O4  . PEG D 3 .   ? -7.873  -0.339  6.254   1.00 65.89  ? 2   PEG A O4  1 
HETATM 1184 C  C1  . PEG E 3 .   ? 13.005  0.499   -10.882 1.00 59.18  ? 3   PEG A C1  1 
HETATM 1185 O  O1  . PEG E 3 .   ? 12.428  1.315   -11.906 1.00 59.37  ? 3   PEG A O1  1 
HETATM 1186 C  C2  . PEG E 3 .   ? 12.376  0.868   -9.544  1.00 58.91  ? 3   PEG A C2  1 
HETATM 1187 O  O2  . PEG E 3 .   ? 13.182  0.376   -8.473  1.00 59.22  ? 3   PEG A O2  1 
HETATM 1188 C  C3  . PEG E 3 .   ? 13.829  1.427   -7.758  1.00 58.76  ? 3   PEG A C3  1 
HETATM 1189 C  C4  . PEG E 3 .   ? 15.255  1.033   -7.391  1.00 59.25  ? 3   PEG A C4  1 
HETATM 1190 O  O4  . PEG E 3 .   ? 15.762  0.056   -8.314  1.00 59.84  ? 3   PEG A O4  1 
HETATM 1191 C  C1  . P03 F 4 .   ? -3.351  -13.889 -25.946 1.00 87.62  ? 4   P03 A C1  1 
HETATM 1192 O  O1  . P03 F 4 .   ? -2.064  -14.237 -26.469 1.00 87.67  ? 4   P03 A O1  1 
HETATM 1193 C  C2  . P03 F 4 .   ? -3.433  -14.336 -24.489 1.00 87.66  ? 4   P03 A C2  1 
HETATM 1194 O  O2  . P03 F 4 .   ? -4.656  -13.873 -23.922 1.00 87.75  ? 4   P03 A O2  1 
HETATM 1195 C  C3  . P03 F 4 .   ? -4.453  -13.301 -22.631 1.00 87.81  ? 4   P03 A C3  1 
HETATM 1196 O  O3  . P03 F 4 .   ? -4.223  -15.158 -20.279 1.00 87.78  ? 4   P03 A O3  1 
HETATM 1197 C  C4  . P03 F 4 .   ? -5.576  -13.728 -21.691 1.00 87.72  ? 4   P03 A C4  1 
HETATM 1198 O  O4  . P03 F 4 .   ? -0.377  -17.991 -20.945 1.00 87.79  ? 4   P03 A O4  1 
HETATM 1199 C  C5  . P03 F 4 .   ? -5.350  -15.139 -21.155 1.00 87.78  ? 4   P03 A C5  1 
HETATM 1200 O  O5  . P03 F 4 .   ? 1.825   -19.851 -21.339 1.00 87.84  ? 4   P03 A O5  1 
HETATM 1201 C  C6  . P03 F 4 .   ? -3.703  -16.476 -20.115 1.00 87.73  ? 4   P03 A C6  1 
HETATM 1202 C  C7  . P03 F 4 .   ? -2.215  -16.493 -20.447 1.00 87.65  ? 4   P03 A C7  1 
HETATM 1203 C  C8  . P03 F 4 .   ? -1.648  -17.900 -20.299 1.00 87.70  ? 4   P03 A C8  1 
HETATM 1204 C  C9  . P03 F 4 .   ? -0.354  -18.996 -21.960 1.00 87.86  ? 4   P03 A C9  1 
HETATM 1205 C  C10 . P03 F 4 .   ? 0.445   -20.208 -21.484 1.00 87.96  ? 4   P03 A C10 1 
HETATM 1206 C  C1  . PEG G 3 .   ? -10.988 13.226  7.017   1.00 59.52  ? 5   PEG A C1  1 
HETATM 1207 O  O1  . PEG G 3 .   ? -11.199 12.298  8.091   1.00 59.61  ? 5   PEG A O1  1 
HETATM 1208 C  C2  . PEG G 3 .   ? -12.334 13.630  6.424   1.00 59.01  ? 5   PEG A C2  1 
HETATM 1209 O  O2  . PEG G 3 .   ? -12.951 12.490  5.822   1.00 59.08  ? 5   PEG A O2  1 
HETATM 1210 C  C3  . PEG G 3 .   ? -14.347 12.374  6.110   1.00 58.52  ? 5   PEG A C3  1 
HETATM 1211 C  C4  . PEG G 3 .   ? -14.573 11.374  7.244   1.00 58.44  ? 5   PEG A C4  1 
HETATM 1212 O  O4  . PEG G 3 .   ? -14.297 10.049  6.784   1.00 57.52  ? 5   PEG A O4  1 
HETATM 1213 S  S   . SO4 H 5 .   ? 4.515   -13.442 3.256   1.00 107.41 ? 470 SO4 A S   1 
HETATM 1214 O  O1  . SO4 H 5 .   ? 4.326   -14.632 4.081   1.00 107.54 ? 470 SO4 A O1  1 
HETATM 1215 O  O2  . SO4 H 5 .   ? 3.989   -12.279 3.967   1.00 107.42 ? 470 SO4 A O2  1 
HETATM 1216 O  O3  . SO4 H 5 .   ? 5.937   -13.250 2.979   1.00 107.31 ? 470 SO4 A O3  1 
HETATM 1217 O  O4  . SO4 H 5 .   ? 3.795   -13.612 1.997   1.00 107.56 ? 470 SO4 A O4  1 
HETATM 1218 S  S   . SO4 I 5 .   ? 20.301  0.544   1.390   1.00 116.17 ? 471 SO4 A S   1 
HETATM 1219 O  O1  . SO4 I 5 .   ? 21.363  0.386   0.400   1.00 116.23 ? 471 SO4 A O1  1 
HETATM 1220 O  O2  . SO4 I 5 .   ? 19.027  0.147   0.799   1.00 115.99 ? 471 SO4 A O2  1 
HETATM 1221 O  O3  . SO4 I 5 .   ? 20.585  -0.302  2.546   1.00 116.06 ? 471 SO4 A O3  1 
HETATM 1222 O  O4  . SO4 I 5 .   ? 20.232  1.940   1.812   1.00 115.95 ? 471 SO4 A O4  1 
HETATM 1223 S  S   . SO4 J 5 .   ? 5.528   -14.377 -14.266 0.70 38.48  ? 472 SO4 A S   1 
HETATM 1224 O  O1  . SO4 J 5 .   ? 6.684   -15.156 -13.824 0.70 39.09  ? 472 SO4 A O1  1 
HETATM 1225 O  O2  . SO4 J 5 .   ? 4.394   -14.647 -13.386 0.70 37.50  ? 472 SO4 A O2  1 
HETATM 1226 O  O3  . SO4 J 5 .   ? 5.205   -14.734 -15.644 0.70 38.44  ? 472 SO4 A O3  1 
HETATM 1227 O  O4  . SO4 J 5 .   ? 5.867   -12.963 -14.226 0.70 38.43  ? 472 SO4 A O4  1 
HETATM 1228 CA CA  . CA  K 6 .   ? 24.479  4.011   3.406   1.00 83.19  ? 473 CA  A CA  1 
HETATM 1229 CL CL  . CL  L 7 .   ? -0.856  -13.568 -22.133 1.00 132.28 ? 474 CL  A CL  1 
HETATM 1230 O  O   . HOH M 8 .   ? -10.862 2.971   -13.716 1.00 19.34  ? 304 HOH A O   1 
HETATM 1231 O  O   . HOH M 8 .   ? 6.722   -6.276  5.197   1.00 25.28  ? 305 HOH A O   1 
HETATM 1232 O  O   . HOH M 8 .   ? 4.441   13.057  1.896   1.00 20.10  ? 306 HOH A O   1 
HETATM 1233 O  O   . HOH M 8 .   ? -13.568 -1.479  -2.438  1.00 23.69  ? 307 HOH A O   1 
HETATM 1234 O  O   . HOH M 8 .   ? 9.606   -0.010  -6.117  1.00 27.98  ? 308 HOH A O   1 
HETATM 1235 O  O   . HOH M 8 .   ? 12.539  -1.906  2.475   1.00 25.48  ? 309 HOH A O   1 
HETATM 1236 O  O   . HOH M 8 .   ? 10.282  7.292   -12.270 1.00 24.60  ? 310 HOH A O   1 
HETATM 1237 O  O   . HOH M 8 .   ? -12.914 -11.159 -18.218 1.00 28.69  ? 312 HOH A O   1 
HETATM 1238 O  O   . HOH M 8 .   ? 14.843  -0.522  4.361   1.00 31.21  ? 313 HOH A O   1 
HETATM 1239 O  O   . HOH M 8 .   ? -5.629  6.594   6.546   1.00 21.34  ? 314 HOH A O   1 
HETATM 1240 O  O   . HOH M 8 .   ? -14.757 -4.991  -8.124  1.00 33.74  ? 315 HOH A O   1 
HETATM 1241 O  O   . HOH M 8 .   ? 7.633   0.627   -7.564  1.00 39.46  ? 316 HOH A O   1 
HETATM 1242 O  O   . HOH M 8 .   ? -3.201  9.938   2.473   1.00 25.10  ? 317 HOH A O   1 
HETATM 1243 O  O   . HOH M 8 .   ? -10.817 6.661   -7.042  1.00 37.55  ? 320 HOH A O   1 
HETATM 1244 O  O   . HOH M 8 .   ? 4.856   13.638  8.356   1.00 33.16  ? 321 HOH A O   1 
HETATM 1245 O  O   . HOH M 8 .   ? 5.293   -10.964 -12.964 1.00 25.08  ? 322 HOH A O   1 
HETATM 1246 O  O   . HOH M 8 .   ? 0.409   -3.169  3.555   1.00 32.48  ? 324 HOH A O   1 
HETATM 1247 O  O   . HOH M 8 .   ? 18.274  -2.061  2.329   1.00 50.23  ? 326 HOH A O   1 
HETATM 1248 O  O   . HOH M 8 .   ? 5.736   1.736   11.708  1.00 40.78  ? 327 HOH A O   1 
HETATM 1249 O  O   . HOH M 8 .   ? -3.171  13.860  4.781   1.00 42.02  ? 330 HOH A O   1 
HETATM 1250 O  O   . HOH M 8 .   ? 14.574  -6.188  6.982   1.00 43.19  ? 333 HOH A O   1 
HETATM 1251 O  O   . HOH M 8 .   ? 5.438   16.640  2.298   1.00 42.07  ? 336 HOH A O   1 
HETATM 1252 O  O   . HOH M 8 .   ? 9.571   -10.264 -7.083  1.00 36.58  ? 339 HOH A O   1 
HETATM 1253 O  O   . HOH M 8 .   ? 9.102   -7.820  4.968   1.00 39.52  ? 341 HOH A O   1 
HETATM 1254 O  O   . HOH M 8 .   ? 14.149  -3.986  2.967   1.00 51.08  ? 344 HOH A O   1 
HETATM 1255 O  O   . HOH M 8 .   ? 12.183  -11.745 -0.756  1.00 52.96  ? 347 HOH A O   1 
HETATM 1256 O  O   . HOH M 8 .   ? 7.541   -2.501  -9.146  1.00 36.94  ? 349 HOH A O   1 
HETATM 1257 O  O   . HOH M 8 .   ? 4.942   -7.228  7.168   1.00 61.11  ? 351 HOH A O   1 
HETATM 1258 O  O   . HOH M 8 .   ? -0.868  11.023  9.929   1.00 46.51  ? 354 HOH A O   1 
HETATM 1259 O  O   . HOH M 8 .   ? 1.396   0.935   -7.588  1.00 39.12  ? 358 HOH A O   1 
HETATM 1260 O  O   . HOH M 8 .   ? 5.701   -17.334 -2.386  1.00 43.80  ? 360 HOH A O   1 
HETATM 1261 O  O   . HOH M 8 .   ? 9.545   -10.099 -10.320 1.00 52.48  ? 361 HOH A O   1 
HETATM 1262 O  O   . HOH M 8 .   ? -3.276  13.772  7.465   1.00 59.61  ? 363 HOH A O   1 
HETATM 1263 O  O   . HOH M 8 .   ? -0.710  14.867  -4.875  1.00 37.01  ? 371 HOH A O   1 
HETATM 1264 O  O   . HOH M 8 .   ? 5.888   11.178  -6.754  1.00 15.08  ? 373 HOH A O   1 
HETATM 1265 O  O   . HOH M 8 .   ? 3.322   3.685   -5.244  1.00 32.73  ? 377 HOH A O   1 
HETATM 1266 O  O   . HOH M 8 .   ? 10.350  8.999   11.091  1.00 45.19  ? 378 HOH A O   1 
HETATM 1267 O  O   . HOH M 8 .   ? 10.088  -2.014  -9.502  1.00 49.91  ? 379 HOH A O   1 
HETATM 1268 O  O   . HOH M 8 .   ? -2.798  -16.399 -4.731  1.00 46.68  ? 381 HOH A O   1 
HETATM 1269 O  O   . HOH M 8 .   ? -18.486 -0.757  -11.001 1.00 61.60  ? 384 HOH A O   1 
HETATM 1270 O  O   . HOH M 8 .   ? 7.772   -9.490  3.604   1.00 41.34  ? 386 HOH A O   1 
HETATM 1271 O  O   . HOH M 8 .   ? 5.609   -8.871  9.623   1.00 59.17  ? 388 HOH A O   1 
HETATM 1272 O  O   . HOH M 8 .   ? 3.706   -9.166  5.628   1.00 55.79  ? 390 HOH A O   1 
HETATM 1273 O  O   . HOH M 8 .   ? 16.791  -2.604  -5.527  1.00 50.04  ? 391 HOH A O   1 
HETATM 1274 O  O   . HOH M 8 .   ? 1.166   11.078  -9.050  1.00 38.43  ? 392 HOH A O   1 
HETATM 1275 O  O   . HOH M 8 .   ? -1.580  -17.450 -16.233 1.00 42.40  ? 394 HOH A O   1 
HETATM 1276 O  O   . HOH M 8 .   ? 16.098  -2.730  4.315   1.00 46.00  ? 395 HOH A O   1 
HETATM 1277 O  O   . HOH M 8 .   ? -12.527 -5.917  -1.758  1.00 40.14  ? 397 HOH A O   1 
HETATM 1278 O  O   . HOH M 8 .   ? -9.070  24.741  2.255   1.00 55.63  ? 398 HOH A O   1 
HETATM 1279 O  O   . HOH M 8 .   ? 7.521   -9.855  -12.354 1.00 35.41  ? 401 HOH A O   1 
HETATM 1280 O  O   . HOH M 8 .   ? 18.508  -1.368  -1.391  1.00 37.03  ? 402 HOH A O   1 
HETATM 1281 O  O   . HOH M 8 .   ? 3.332   -19.089 -2.527  1.00 41.51  ? 403 HOH A O   1 
HETATM 1282 O  O   . HOH M 8 .   ? -11.026 4.043   9.890   1.00 57.91  ? 404 HOH A O   1 
HETATM 1283 O  O   . HOH M 8 .   ? -5.525  8.286   13.715  1.00 51.22  ? 405 HOH A O   1 
HETATM 1284 O  O   . HOH M 8 .   ? -14.320 -10.153 -7.557  1.00 49.60  ? 406 HOH A O   1 
HETATM 1285 O  O   . HOH M 8 .   ? -5.860  -16.201 0.649   1.00 46.77  ? 414 HOH A O   1 
HETATM 1286 O  O   . HOH M 8 .   ? -9.959  9.958   7.964   1.00 45.91  ? 415 HOH A O   1 
HETATM 1287 O  O   . HOH M 8 .   ? 2.460   3.494   -8.857  0.50 42.59  ? 418 HOH A O   1 
HETATM 1288 O  O   . HOH M 8 .   ? 13.410  2.652   -14.297 1.00 43.89  ? 425 HOH A O   1 
HETATM 1289 O  O   . HOH M 8 .   ? -10.930 22.151  8.685   1.00 58.48  ? 426 HOH A O   1 
HETATM 1290 O  O   . HOH M 8 .   ? -12.181 18.735  7.187   1.00 54.24  ? 428 HOH A O   1 
HETATM 1291 O  O   . HOH M 8 .   ? 21.348  1.595   4.349   1.00 31.22  ? 429 HOH A O   1 
HETATM 1292 O  O   . HOH M 8 .   ? -8.588  -8.039  4.397   1.00 55.46  ? 431 HOH A O   1 
HETATM 1293 O  O   . HOH M 8 .   ? -1.964  -16.865 -7.270  1.00 69.28  ? 432 HOH A O   1 
HETATM 1294 O  O   . HOH M 8 .   ? -0.041  -3.163  13.254  1.00 45.81  ? 434 HOH A O   1 
HETATM 1295 O  O   . HOH M 8 .   ? -19.469 -3.975  -6.482  1.00 44.12  ? 438 HOH A O   1 
HETATM 1296 O  O   . HOH M 8 .   ? 13.708  -10.152 -2.390  1.00 49.18  ? 441 HOH A O   1 
HETATM 1297 O  O   . HOH M 8 .   ? -2.269  -8.592  7.415   1.00 58.72  ? 442 HOH A O   1 
HETATM 1298 O  O   . HOH M 8 .   ? -9.888  19.807  8.094   1.00 48.28  ? 443 HOH A O   1 
HETATM 1299 O  O   . HOH M 8 .   ? 12.770  -5.373  4.943   1.00 31.28  ? 444 HOH A O   1 
HETATM 1300 O  O   . HOH M 8 .   ? -23.388 -3.030  -4.366  1.00 42.98  ? 445 HOH A O   1 
HETATM 1301 O  O   . HOH M 8 .   ? 15.182  4.041   -4.583  1.00 30.68  ? 446 HOH A O   1 
HETATM 1302 O  O   . HOH M 8 .   ? 17.429  3.715   -6.129  1.00 51.16  ? 447 HOH A O   1 
HETATM 1303 O  O   . HOH M 8 .   ? -16.257 2.195   -7.907  1.00 39.20  ? 448 HOH A O   1 
HETATM 1304 O  O   . HOH M 8 .   ? -12.705 -2.069  0.610   1.00 54.81  ? 449 HOH A O   1 
HETATM 1305 O  O   . HOH M 8 .   ? -0.847  -5.120  14.992  1.00 58.14  ? 450 HOH A O   1 
HETATM 1306 O  O   . HOH M 8 .   ? -8.887  -3.514  9.348   1.00 77.48  ? 451 HOH A O   1 
HETATM 1307 O  O   . HOH M 8 .   ? 1.052   -13.078 -24.334 1.00 49.73  ? 452 HOH A O   1 
HETATM 1308 O  O   . HOH M 8 .   ? -4.870  -6.011  12.023  1.00 50.80  ? 453 HOH A O   1 
HETATM 1309 O  O   . HOH M 8 .   ? -13.017 10.897  10.375  1.00 49.22  ? 454 HOH A O   1 
HETATM 1310 O  O   . HOH M 8 .   ? 1.684   -8.087  8.099   1.00 68.22  ? 455 HOH A O   1 
HETATM 1311 O  O   . HOH M 8 .   ? 21.929  3.371   -2.551  1.00 55.82  ? 456 HOH A O   1 
HETATM 1312 O  O   . HOH M 8 .   ? 2.601   -9.116  18.711  1.00 44.27  ? 457 HOH A O   1 
HETATM 1313 O  O   . HOH M 8 .   ? -5.360  14.995  3.761   1.00 40.87  ? 458 HOH A O   1 
HETATM 1314 O  O   . HOH M 8 .   ? 6.386   -11.203 4.590   1.00 46.52  ? 459 HOH A O   1 
HETATM 1315 O  O   . HOH M 8 .   ? 3.040   8.870   15.081  1.00 48.43  ? 460 HOH A O   1 
HETATM 1316 O  O   . HOH M 8 .   ? 3.530   -12.158 -21.890 1.00 41.44  ? 461 HOH A O   1 
HETATM 1317 O  O   . HOH M 8 .   ? 0.003   -15.913 -25.843 1.00 52.41  ? 462 HOH A O   1 
HETATM 1318 O  O   . HOH M 8 .   ? 3.065   12.591  12.674  1.00 56.49  ? 463 HOH A O   1 
HETATM 1319 O  O   . HOH M 8 .   ? -6.304  16.265  2.011   1.00 41.20  ? 464 HOH A O   1 
HETATM 1320 O  O   . HOH M 8 .   ? 12.560  -17.085 -4.251  1.00 55.74  ? 465 HOH A O   1 
HETATM 1321 O  O   . HOH M 8 .   ? 2.013   -7.217  1.864   1.00 61.51  ? 466 HOH A O   1 
HETATM 1322 O  O   . HOH M 8 .   ? 13.389  4.070   10.009  1.00 39.23  ? 467 HOH A O   1 
HETATM 1323 O  O   . HOH M 8 .   ? -10.765 3.456   -10.065 1.00 50.73  ? 468 HOH A O   1 
HETATM 1324 O  O   . HOH M 8 .   ? -23.349 -1.042  -5.582  1.00 48.48  ? 469 HOH A O   1 
# 
